data_3QNF
#
_entry.id   3QNF
#
_cell.length_a   97.246
_cell.length_b   132.816
_cell.length_c   233.687
_cell.angle_alpha   90.00
_cell.angle_beta   90.00
_cell.angle_gamma   90.00
#
_symmetry.space_group_name_H-M   'P 21 21 21'
#
loop_
_entity.id
_entity.type
_entity.pdbx_description
1 polymer 'Endoplasmic reticulum aminopeptidase 1'
2 branched alpha-D-mannopyranose-(1-6)-alpha-D-mannopyranose-(1-4)-2-acetamido-2-deoxy-beta-D-glucopyranose-(1-4)-2-acetamido-2-deoxy-beta-D-glucopyranose
3 non-polymer 'ZINC ION'
4 non-polymer 2-acetamido-2-deoxy-beta-D-glucopyranose
5 water water
#
_entity_poly.entity_id   1
_entity_poly.type   'polypeptide(L)'
_entity_poly.pdbx_seq_one_letter_code
;LRRRYTMVFLPLKWSLATMSFLLSSLLALLTVSTPSWCQSTEASPKRSDGTPFPWNKIRLPEYVIPVHYDLLIHANLTTL
TFWGTTKVEITASQPTSTIILHSHHLQISRATLRKGAGERLSEEPLQVLEHPRQEQIALLAPEPLLVGLPYTVVIHYAGN
LSETFHGFYKSTYRTKEGELRILASTQFEPTAARMAFPCFDEPAFKASFSIKIRREPRHLAISNMPLVKSVTVAEGLIED
HFDVTVKMSTYLVAFIISDFESVSKITKSGVKVSVYAVPDKINQADYALDAAVTLLEFYEDYFSIPYPLPKQDLAAIPDF
QSGAMENWGLTTYRESALLFDAEKSSASSKLGITMTVAHELAHQWFGNLVTMEWWNDLWLNEGFAKFMEFVSVSVTHPEL
KVGDYFFGKCFDAMEVDALNSSHPVSTPVENPAQIREMFDDVSYDKGACILNMLREYLSADAFKSGIVQYLQKHSYKNTK
NEDLWDSMASICPTDGVKGMDGFCSRSQHSSSSSHWHQEGVDVKTMMNTWTLQKGFPLITITVRGRNVHMKQEHYMKGSD
GAPDTGYLWHVPLTFITSKSDMVHRFLLKTKTDVLILPEEVEWIKFNVGMNGYYIVHYEDDGWDSLTGLLKGTHTAVSSN
DRASLINNAFQLVSIGKLSIEKALDLSLYLKHETEIMPVFQGLNELIPMYKLMEKRDMNEVETQFKAFLIRLLRDLIDKQ
TWTDEGSVSERMLRSQLLLLACVHNYQPCVQRAEGYFRKWKESNGNLSLPVDVTLAVFAVGAQSTEGWDFLYSKYQFSLS
STEKSQIEFALCRTQNKEKLQWLLDESFKGDKIKTQEFPQILTLIGRNPVGYPLAWQFLRKNWNKLVQKFELGSSSIAHM
VMGTTNQFSTRTRLEEVKGFFSSLKENGSQLRCVQQTIETIEENIGWMDKNFDKIRVWLQSEKLERMAENLYFQ
;
_entity_poly.pdbx_strand_id   A,B,C
#
# COMPACT_ATOMS: atom_id res chain seq x y z
N PRO A 52 29.54 26.30 -18.20
CA PRO A 52 30.78 25.54 -17.96
C PRO A 52 31.39 25.89 -16.59
N PHE A 53 30.76 25.41 -15.53
CA PHE A 53 30.92 25.94 -14.16
C PHE A 53 32.31 26.52 -13.83
N PRO A 54 32.37 27.81 -13.45
CA PRO A 54 33.60 28.61 -13.44
C PRO A 54 34.63 28.29 -12.34
N TRP A 55 34.38 27.27 -11.53
CA TRP A 55 35.32 26.87 -10.47
C TRP A 55 35.44 25.35 -10.39
N ASN A 56 36.63 24.84 -10.09
CA ASN A 56 36.85 23.40 -10.06
C ASN A 56 37.94 22.95 -9.09
N LYS A 57 37.96 23.55 -7.91
CA LYS A 57 38.70 23.05 -6.76
C LYS A 57 37.68 22.73 -5.66
N ILE A 58 37.98 21.75 -4.81
CA ILE A 58 37.12 21.44 -3.68
C ILE A 58 37.08 22.63 -2.73
N ARG A 59 38.24 23.21 -2.45
CA ARG A 59 38.34 24.42 -1.65
C ARG A 59 37.82 25.64 -2.39
N LEU A 60 37.15 26.53 -1.66
CA LEU A 60 36.62 27.76 -2.23
C LEU A 60 37.76 28.71 -2.57
N PRO A 61 37.54 29.67 -3.49
CA PRO A 61 38.59 30.60 -3.77
C PRO A 61 38.89 31.47 -2.57
N GLU A 62 40.16 31.75 -2.33
CA GLU A 62 40.59 32.48 -1.13
C GLU A 62 40.48 33.99 -1.32
N TYR A 63 40.22 34.45 -2.54
CA TYR A 63 40.19 35.89 -2.82
C TYR A 63 38.84 36.60 -2.56
N VAL A 64 37.83 35.88 -2.08
CA VAL A 64 36.55 36.50 -1.66
C VAL A 64 36.19 36.06 -0.25
N ILE A 65 36.00 37.03 0.63
CA ILE A 65 35.88 36.80 2.06
C ILE A 65 34.56 37.34 2.59
N PRO A 66 33.75 36.47 3.23
CA PRO A 66 32.57 36.99 3.92
C PRO A 66 32.97 37.69 5.22
N VAL A 67 32.15 38.62 5.65
CA VAL A 67 32.47 39.40 6.85
C VAL A 67 31.34 39.29 7.88
N HIS A 68 30.09 39.28 7.41
CA HIS A 68 28.90 39.14 8.24
C HIS A 68 27.75 38.54 7.44
N TYR A 69 26.99 37.66 8.05
CA TYR A 69 25.80 37.08 7.44
C TYR A 69 24.56 37.60 8.15
N ASP A 70 23.52 37.89 7.38
CA ASP A 70 22.19 38.11 7.93
C ASP A 70 21.38 36.90 7.47
N LEU A 71 21.04 36.03 8.41
CA LEU A 71 20.26 34.82 8.10
C LEU A 71 18.82 34.97 8.57
N LEU A 72 17.88 34.74 7.67
CA LEU A 72 16.46 34.63 8.01
C LEU A 72 16.03 33.23 7.62
N ILE A 73 15.55 32.46 8.59
CA ILE A 73 15.04 31.11 8.33
C ILE A 73 13.62 31.00 8.84
N HIS A 74 12.70 30.74 7.92
CA HIS A 74 11.31 30.47 8.23
C HIS A 74 11.08 29.01 7.89
N ALA A 75 10.85 28.20 8.91
CA ALA A 75 10.74 26.75 8.76
C ALA A 75 9.39 26.27 9.23
N ASN A 76 8.68 25.57 8.36
CA ASN A 76 7.39 24.97 8.70
C ASN A 76 7.55 23.52 9.12
N LEU A 77 7.25 23.25 10.38
CA LEU A 77 7.42 21.90 10.90
C LEU A 77 6.22 20.99 10.62
N THR A 78 5.12 21.55 10.10
CA THR A 78 3.98 20.75 9.67
C THR A 78 4.20 20.21 8.26
N THR A 79 4.55 21.09 7.32
CA THR A 79 4.78 20.69 5.92
C THR A 79 6.24 20.32 5.62
N LEU A 80 7.10 20.42 6.64
CA LEU A 80 8.52 20.08 6.54
C LEU A 80 9.22 20.85 5.42
N THR A 81 8.99 22.16 5.39
CA THR A 81 9.59 23.04 4.41
C THR A 81 10.12 24.29 5.09
N PHE A 82 11.23 24.81 4.58
CA PHE A 82 11.73 26.10 5.03
C PHE A 82 12.11 27.01 3.88
N TRP A 83 11.82 28.29 4.06
CA TRP A 83 12.22 29.33 3.11
C TRP A 83 13.31 30.15 3.82
N GLY A 84 14.25 30.68 3.05
CA GLY A 84 15.30 31.49 3.63
C GLY A 84 15.73 32.65 2.75
N THR A 85 16.18 33.73 3.39
CA THR A 85 16.90 34.80 2.71
C THR A 85 18.25 34.98 3.41
N THR A 86 19.32 35.02 2.62
CA THR A 86 20.67 35.14 3.16
C THR A 86 21.33 36.38 2.58
N LYS A 87 21.62 37.35 3.44
CA LYS A 87 22.39 38.49 3.05
C LYS A 87 23.79 38.26 3.61
N VAL A 88 24.75 38.05 2.74
CA VAL A 88 26.15 37.87 3.16
C VAL A 88 27.01 39.04 2.69
N GLU A 89 27.53 39.82 3.63
CA GLU A 89 28.40 40.95 3.30
C GLU A 89 29.79 40.41 2.97
N ILE A 90 30.39 40.91 1.90
CA ILE A 90 31.67 40.40 1.44
C ILE A 90 32.61 41.50 0.97
N THR A 91 33.87 41.13 0.74
CA THR A 91 34.86 42.00 0.12
C THR A 91 35.78 41.12 -0.71
N ALA A 92 36.22 41.64 -1.84
CA ALA A 92 37.18 40.90 -2.67
C ALA A 92 38.58 41.46 -2.41
N SER A 93 39.55 40.57 -2.25
CA SER A 93 40.95 40.95 -2.13
C SER A 93 41.62 40.94 -3.50
N GLN A 94 40.81 40.82 -4.55
CA GLN A 94 41.31 40.68 -5.91
C GLN A 94 40.12 40.84 -6.84
N PRO A 95 40.29 41.52 -8.00
CA PRO A 95 39.12 41.73 -8.83
C PRO A 95 38.52 40.42 -9.32
N THR A 96 37.20 40.37 -9.41
CA THR A 96 36.50 39.16 -9.83
C THR A 96 35.03 39.45 -10.07
N SER A 97 34.47 38.82 -11.10
CA SER A 97 33.05 38.94 -11.42
C SER A 97 32.30 37.64 -11.09
N THR A 98 32.96 36.74 -10.40
CA THR A 98 32.39 35.44 -10.05
C THR A 98 32.57 35.21 -8.55
N ILE A 99 31.46 34.98 -7.85
CA ILE A 99 31.51 34.63 -6.44
C ILE A 99 31.12 33.16 -6.30
N ILE A 100 32.04 32.34 -5.81
CA ILE A 100 31.75 30.93 -5.54
C ILE A 100 31.40 30.80 -4.07
N LEU A 101 30.29 30.12 -3.76
CA LEU A 101 30.00 29.73 -2.38
C LEU A 101 29.28 28.39 -2.34
N HIS A 102 29.09 27.83 -1.15
CA HIS A 102 28.54 26.49 -0.99
C HIS A 102 27.04 26.53 -0.85
N SER A 103 26.37 25.57 -1.49
CA SER A 103 24.93 25.40 -1.35
C SER A 103 24.59 23.95 -1.64
N HIS A 104 23.68 23.37 -0.86
CA HIS A 104 23.35 21.96 -1.03
C HIS A 104 21.86 21.66 -0.81
N HIS A 105 21.22 21.12 -1.85
CA HIS A 105 19.78 20.85 -1.86
C HIS A 105 18.98 22.08 -1.46
N LEU A 106 19.28 23.21 -2.11
CA LEU A 106 18.56 24.46 -1.92
C LEU A 106 18.09 25.01 -3.26
N GLN A 107 16.79 25.25 -3.39
CA GLN A 107 16.25 25.90 -4.58
C GLN A 107 16.36 27.41 -4.37
N ILE A 108 17.28 28.02 -5.10
CA ILE A 108 17.52 29.45 -5.02
C ILE A 108 16.63 30.15 -6.04
N SER A 109 15.73 31.01 -5.57
CA SER A 109 14.81 31.72 -6.48
C SER A 109 15.51 32.87 -7.19
N ARG A 110 15.99 33.84 -6.42
CA ARG A 110 16.68 35.02 -6.97
C ARG A 110 17.92 35.34 -6.16
N ALA A 111 18.95 35.81 -6.83
CA ALA A 111 20.17 36.23 -6.16
C ALA A 111 20.61 37.57 -6.72
N THR A 112 21.01 38.48 -5.84
CA THR A 112 21.34 39.86 -6.23
C THR A 112 22.52 40.42 -5.42
N LEU A 113 23.26 41.32 -6.06
CA LEU A 113 24.45 41.94 -5.47
C LEU A 113 24.23 43.43 -5.18
N ARG A 114 24.24 43.80 -3.90
CA ARG A 114 24.20 45.21 -3.53
C ARG A 114 25.61 45.78 -3.40
N LYS A 115 25.77 47.03 -3.81
CA LYS A 115 26.89 47.89 -3.38
C LYS A 115 26.31 49.23 -2.93
N GLY A 116 27.13 50.04 -2.27
CA GLY A 116 26.71 51.36 -1.79
C GLY A 116 25.61 51.31 -0.73
N LEU A 121 23.92 53.78 -4.09
CA LEU A 121 23.41 52.49 -3.63
C LEU A 121 22.69 51.74 -4.75
N SER A 122 23.36 50.75 -5.31
CA SER A 122 22.87 50.07 -6.49
C SER A 122 22.38 48.69 -6.06
N GLU A 123 21.87 47.91 -7.00
CA GLU A 123 21.47 46.52 -6.75
C GLU A 123 21.24 45.77 -8.06
N GLU A 124 22.31 45.18 -8.61
CA GLU A 124 22.22 44.37 -9.82
C GLU A 124 21.84 42.94 -9.46
N PRO A 125 21.09 42.26 -10.35
CA PRO A 125 20.86 40.83 -10.15
C PRO A 125 22.05 40.00 -10.61
N LEU A 126 22.17 38.80 -10.06
CA LEU A 126 23.29 37.92 -10.35
C LEU A 126 22.77 36.64 -11.01
N GLN A 127 23.48 36.16 -12.03
CA GLN A 127 23.11 34.89 -12.64
C GLN A 127 23.61 33.75 -11.76
N VAL A 128 22.74 32.79 -11.47
CA VAL A 128 23.08 31.70 -10.57
C VAL A 128 23.41 30.41 -11.33
N LEU A 129 24.60 29.86 -11.07
CA LEU A 129 25.02 28.59 -11.62
C LEU A 129 25.21 27.56 -10.51
N GLU A 130 24.73 26.35 -10.75
CA GLU A 130 24.75 25.27 -9.75
C GLU A 130 25.68 24.15 -10.19
N HIS A 131 26.52 23.68 -9.28
CA HIS A 131 27.30 22.47 -9.51
C HIS A 131 27.08 21.55 -8.31
N PRO A 132 25.91 20.88 -8.27
CA PRO A 132 25.48 20.20 -7.04
C PRO A 132 26.41 19.10 -6.57
N ARG A 133 27.13 18.47 -7.50
CA ARG A 133 28.08 17.40 -7.19
C ARG A 133 29.24 17.92 -6.32
N GLN A 134 29.63 19.17 -6.52
CA GLN A 134 30.67 19.81 -5.71
C GLN A 134 30.07 20.60 -4.54
N GLU A 135 28.74 20.57 -4.40
CA GLU A 135 28.03 21.32 -3.36
C GLU A 135 28.35 22.82 -3.42
N GLN A 136 28.66 23.31 -4.62
CA GLN A 136 28.98 24.71 -4.84
C GLN A 136 27.92 25.36 -5.72
N ILE A 137 27.87 26.69 -5.69
CA ILE A 137 27.10 27.48 -6.64
C ILE A 137 27.90 28.72 -6.99
N ALA A 138 27.75 29.21 -8.21
CA ALA A 138 28.46 30.40 -8.65
C ALA A 138 27.48 31.53 -8.84
N LEU A 139 27.89 32.72 -8.44
CA LEU A 139 27.12 33.93 -8.66
C LEU A 139 27.93 34.79 -9.61
N LEU A 140 27.32 35.18 -10.72
CA LEU A 140 28.01 35.99 -11.73
C LEU A 140 27.48 37.42 -11.72
N ALA A 141 28.41 38.34 -11.53
CA ALA A 141 28.13 39.76 -11.39
C ALA A 141 28.37 40.43 -12.73
N PRO A 142 27.48 41.34 -13.14
CA PRO A 142 27.60 42.09 -14.39
C PRO A 142 28.97 42.75 -14.60
N GLU A 143 29.51 43.34 -13.54
CA GLU A 143 30.82 43.99 -13.55
C GLU A 143 31.69 43.33 -12.49
N PRO A 144 33.01 43.39 -12.66
CA PRO A 144 33.81 42.79 -11.60
C PRO A 144 33.77 43.60 -10.31
N LEU A 145 33.85 42.92 -9.18
CA LEU A 145 33.83 43.57 -7.87
C LEU A 145 35.14 44.33 -7.64
N LEU A 146 35.05 45.50 -7.02
CA LEU A 146 36.24 46.30 -6.75
C LEU A 146 36.91 45.84 -5.45
N VAL A 147 38.24 45.76 -5.50
CA VAL A 147 39.01 45.32 -4.35
C VAL A 147 38.83 46.30 -3.21
N GLY A 148 38.55 45.78 -2.01
CA GLY A 148 38.42 46.58 -0.81
C GLY A 148 37.02 47.14 -0.59
N LEU A 149 36.21 47.21 -1.65
CA LEU A 149 34.86 47.77 -1.54
C LEU A 149 33.94 46.70 -0.98
N PRO A 150 33.07 47.10 -0.03
CA PRO A 150 32.11 46.15 0.49
C PRO A 150 30.94 45.93 -0.47
N TYR A 151 30.52 44.68 -0.58
CA TYR A 151 29.37 44.32 -1.37
C TYR A 151 28.52 43.45 -0.48
N THR A 152 27.21 43.49 -0.68
CA THR A 152 26.31 42.55 -0.01
C THR A 152 25.64 41.68 -1.05
N VAL A 153 25.67 40.37 -0.83
CA VAL A 153 25.02 39.40 -1.67
C VAL A 153 23.76 38.98 -0.95
N VAL A 154 22.63 39.00 -1.66
CA VAL A 154 21.35 38.54 -1.11
C VAL A 154 20.87 37.36 -1.93
N ILE A 155 20.70 36.22 -1.26
CA ILE A 155 20.17 35.01 -1.90
C ILE A 155 18.86 34.61 -1.21
N HIS A 156 17.79 34.50 -1.99
CA HIS A 156 16.53 33.96 -1.51
C HIS A 156 16.44 32.53 -2.00
N TYR A 157 15.98 31.64 -1.13
CA TYR A 157 15.98 30.20 -1.43
C TYR A 157 14.95 29.46 -0.62
N ALA A 158 14.60 28.26 -1.09
CA ALA A 158 13.71 27.36 -0.36
C ALA A 158 14.34 25.99 -0.28
N GLY A 159 13.88 25.20 0.69
CA GLY A 159 14.38 23.84 0.88
C GLY A 159 13.47 23.00 1.77
N ASN A 160 13.64 21.68 1.68
CA ASN A 160 12.92 20.76 2.54
C ASN A 160 13.81 20.45 3.73
N LEU A 161 13.24 20.42 4.95
CA LEU A 161 13.97 19.94 6.12
C LEU A 161 14.52 18.55 5.82
N SER A 162 15.77 18.29 6.16
CA SER A 162 16.37 17.01 5.89
C SER A 162 15.77 15.93 6.77
N GLU A 163 15.72 14.72 6.23
CA GLU A 163 15.27 13.56 6.97
C GLU A 163 16.47 12.73 7.44
N THR A 164 17.67 13.11 7.03
CA THR A 164 18.87 12.30 7.23
C THR A 164 19.73 12.71 8.43
N PHE A 165 19.14 13.48 9.36
CA PHE A 165 19.82 13.92 10.58
C PHE A 165 21.10 14.72 10.31
N HIS A 166 21.11 15.50 9.24
CA HIS A 166 22.27 16.29 8.85
C HIS A 166 21.76 17.60 8.26
N GLY A 167 22.40 18.70 8.63
CA GLY A 167 21.94 20.02 8.20
C GLY A 167 20.82 20.51 9.09
N PHE A 168 19.75 21.02 8.47
CA PHE A 168 18.57 21.49 9.18
C PHE A 168 17.54 20.40 9.04
N TYR A 169 17.27 19.66 10.11
CA TYR A 169 16.56 18.40 9.98
C TYR A 169 15.40 18.19 10.95
N LYS A 170 14.45 17.38 10.49
CA LYS A 170 13.27 17.04 11.27
C LYS A 170 13.59 15.91 12.22
N SER A 171 13.24 16.11 13.49
CA SER A 171 13.30 15.08 14.50
C SER A 171 11.92 15.05 15.17
N THR A 172 11.55 13.88 15.72
CA THR A 172 10.20 13.66 16.23
C THR A 172 10.21 12.95 17.58
N TYR A 173 9.18 13.19 18.37
CA TYR A 173 9.05 12.55 19.68
C TYR A 173 7.60 12.44 20.14
N ARG A 174 7.26 11.30 20.75
CA ARG A 174 5.92 11.09 21.28
C ARG A 174 5.91 11.49 22.75
N THR A 175 5.01 12.40 23.13
CA THR A 175 4.87 12.83 24.52
C THR A 175 4.25 11.73 25.39
N LYS A 176 4.47 11.82 26.71
CA LYS A 176 3.94 10.85 27.68
C LYS A 176 2.41 10.75 27.61
N GLU A 177 1.76 11.85 27.24
CA GLU A 177 0.30 11.86 26.98
C GLU A 177 -0.08 11.48 25.53
N GLY A 178 0.80 10.77 24.82
CA GLY A 178 0.48 10.14 23.54
C GLY A 178 0.78 10.92 22.25
N GLU A 179 0.64 12.24 22.30
CA GLU A 179 0.73 13.09 21.09
C GLU A 179 2.11 13.06 20.41
N LEU A 180 2.13 13.09 19.07
CA LEU A 180 3.38 13.22 18.32
C LEU A 180 3.70 14.69 18.05
N ARG A 181 4.93 15.09 18.33
CA ARG A 181 5.38 16.47 18.18
C ARG A 181 6.67 16.56 17.36
N ILE A 182 6.79 17.62 16.57
CA ILE A 182 7.94 17.80 15.69
C ILE A 182 8.83 18.93 16.18
N LEU A 183 10.13 18.79 15.93
CA LEU A 183 11.09 19.84 16.20
C LEU A 183 12.12 19.93 15.07
N ALA A 184 12.66 21.13 14.85
CA ALA A 184 13.68 21.39 13.84
C ALA A 184 14.98 21.75 14.53
N SER A 185 16.08 21.21 14.02
CA SER A 185 17.36 21.24 14.69
C SER A 185 18.46 21.26 13.64
N THR A 186 19.66 21.64 14.03
CA THR A 186 20.79 21.69 13.11
C THR A 186 21.92 20.73 13.48
N GLN A 187 22.67 20.35 12.45
CA GLN A 187 23.95 19.67 12.62
C GLN A 187 24.82 19.95 11.40
N PHE A 188 25.69 20.95 11.50
CA PHE A 188 26.43 21.41 10.31
C PHE A 188 27.84 20.85 10.20
N GLU A 189 28.40 20.29 11.28
CA GLU A 189 29.76 19.73 11.19
C GLU A 189 29.79 18.46 10.36
N PRO A 190 30.64 18.39 9.33
CA PRO A 190 31.61 19.37 8.86
C PRO A 190 31.11 20.35 7.79
N THR A 191 30.23 19.91 6.91
CA THR A 191 29.89 20.69 5.71
C THR A 191 28.39 20.79 5.41
N ALA A 192 27.57 20.84 6.45
CA ALA A 192 26.11 20.80 6.31
C ALA A 192 25.42 22.12 6.62
N ALA A 193 26.17 23.20 6.86
CA ALA A 193 25.57 24.53 6.97
C ALA A 193 25.06 24.93 5.61
N ARG A 194 25.74 24.45 4.57
CA ARG A 194 25.30 24.67 3.20
C ARG A 194 23.97 24.03 2.88
N MET A 195 23.48 23.16 3.73
CA MET A 195 22.14 22.59 3.57
C MET A 195 21.04 23.45 4.20
N ALA A 196 21.43 24.48 4.96
CA ALA A 196 20.49 25.36 5.67
C ALA A 196 20.46 26.76 5.06
N PHE A 197 21.61 27.23 4.61
CA PHE A 197 21.74 28.53 4.00
C PHE A 197 23.03 28.52 3.22
N PRO A 198 23.03 29.18 2.04
CA PRO A 198 24.24 29.18 1.22
C PRO A 198 25.31 29.97 1.94
N CYS A 199 26.56 29.57 1.79
CA CYS A 199 27.64 30.22 2.51
C CYS A 199 29.00 29.75 2.06
N PHE A 200 30.03 30.45 2.53
CA PHE A 200 31.41 30.04 2.37
C PHE A 200 31.69 29.03 3.49
N ASP A 201 31.22 27.80 3.27
CA ASP A 201 31.20 26.74 4.27
C ASP A 201 32.54 26.04 4.34
N GLU A 202 33.57 26.78 4.74
CA GLU A 202 34.84 26.24 5.17
C GLU A 202 35.18 26.93 6.48
N PRO A 203 35.81 26.21 7.42
CA PRO A 203 35.89 26.70 8.78
C PRO A 203 36.79 27.92 8.95
N ALA A 204 37.69 28.15 7.99
CA ALA A 204 38.57 29.32 8.06
C ALA A 204 37.97 30.59 7.47
N PHE A 205 36.83 30.50 6.80
CA PHE A 205 36.07 31.69 6.37
C PHE A 205 35.15 32.13 7.51
N LYS A 206 35.74 32.58 8.61
CA LYS A 206 34.95 32.95 9.77
C LYS A 206 34.22 34.24 9.47
N ALA A 207 33.07 34.42 10.12
CA ALA A 207 32.26 35.61 9.94
C ALA A 207 31.31 35.74 11.12
N SER A 208 30.56 36.83 11.18
CA SER A 208 29.61 37.07 12.25
C SER A 208 28.23 36.76 11.69
N PHE A 209 27.37 36.21 12.53
CA PHE A 209 26.05 35.78 12.09
C PHE A 209 24.94 36.44 12.89
N SER A 210 24.11 37.22 12.20
CA SER A 210 22.81 37.67 12.70
C SER A 210 21.76 36.72 12.19
N ILE A 211 21.14 35.96 13.09
CA ILE A 211 20.17 34.96 12.72
C ILE A 211 18.77 35.39 13.16
N LYS A 212 17.81 35.26 12.24
CA LYS A 212 16.42 35.54 12.52
C LYS A 212 15.62 34.30 12.15
N ILE A 213 14.89 33.73 13.12
CA ILE A 213 14.09 32.53 12.90
C ILE A 213 12.63 32.87 13.02
N ARG A 214 11.82 32.39 12.08
CA ARG A 214 10.36 32.59 12.10
C ARG A 214 9.61 31.32 12.45
N ARG A 215 8.79 31.39 13.49
CA ARG A 215 8.09 30.22 14.01
C ARG A 215 6.69 30.55 14.52
N GLU A 216 5.89 29.51 14.70
CA GLU A 216 4.55 29.62 15.29
C GLU A 216 4.68 29.94 16.78
N PRO A 217 3.67 30.59 17.38
CA PRO A 217 3.78 30.91 18.81
C PRO A 217 3.87 29.65 19.67
N ARG A 218 3.25 28.59 19.17
CA ARG A 218 3.40 27.21 19.65
C ARG A 218 4.84 26.84 20.02
N HIS A 219 5.80 27.32 19.24
CA HIS A 219 7.20 26.88 19.33
C HIS A 219 8.16 27.89 19.97
N LEU A 220 9.37 27.39 20.23
CA LEU A 220 10.45 28.14 20.83
C LEU A 220 11.67 27.96 19.95
N ALA A 221 12.37 29.06 19.67
CA ALA A 221 13.60 29.00 18.89
C ALA A 221 14.77 29.38 19.78
N ILE A 222 15.83 28.57 19.73
CA ILE A 222 17.10 28.94 20.35
C ILE A 222 18.20 28.82 19.31
N SER A 223 19.27 29.58 19.53
CA SER A 223 20.39 29.62 18.60
C SER A 223 21.68 29.93 19.35
N ASN A 224 22.76 30.20 18.62
CA ASN A 224 24.07 30.43 19.23
C ASN A 224 24.02 31.54 20.28
N MET A 225 23.53 32.71 19.89
CA MET A 225 23.46 33.85 20.81
C MET A 225 22.09 33.94 21.51
N PRO A 226 21.96 34.83 22.51
CA PRO A 226 20.67 34.99 23.17
C PRO A 226 19.64 35.62 22.24
N LEU A 227 18.37 35.46 22.61
CA LEU A 227 17.26 36.07 21.90
C LEU A 227 17.24 37.55 22.28
N VAL A 228 17.26 38.43 21.28
CA VAL A 228 17.24 39.86 21.53
C VAL A 228 15.80 40.41 21.55
N LYS A 229 14.98 39.99 20.60
CA LYS A 229 13.58 40.39 20.53
C LYS A 229 12.73 39.38 19.73
N SER A 230 11.46 39.26 20.10
CA SER A 230 10.50 38.48 19.33
C SER A 230 9.45 39.45 18.81
N VAL A 231 9.16 39.38 17.51
CA VAL A 231 8.27 40.33 16.86
C VAL A 231 7.26 39.59 16.00
N THR A 232 6.01 40.06 15.94
CA THR A 232 5.01 39.45 15.05
C THR A 232 5.21 39.95 13.62
N VAL A 233 5.62 39.05 12.72
CA VAL A 233 5.88 39.38 11.33
C VAL A 233 4.68 39.09 10.43
N ALA A 234 3.71 38.34 10.93
CA ALA A 234 2.53 37.97 10.14
C ALA A 234 1.46 37.34 11.03
N GLU A 235 0.34 36.93 10.43
CA GLU A 235 -0.70 36.24 11.19
C GLU A 235 -0.18 34.88 11.61
N GLY A 236 0.01 34.72 12.92
CA GLY A 236 0.52 33.49 13.47
C GLY A 236 1.94 33.16 13.05
N LEU A 237 2.76 34.20 12.93
CA LEU A 237 4.17 34.04 12.60
C LEU A 237 5.00 35.03 13.41
N ILE A 238 5.79 34.50 14.35
CA ILE A 238 6.70 35.29 15.17
C ILE A 238 8.10 35.22 14.57
N GLU A 239 8.84 36.34 14.67
CA GLU A 239 10.20 36.41 14.16
C GLU A 239 11.13 36.62 15.33
N ASP A 240 11.94 35.61 15.63
CA ASP A 240 12.93 35.69 16.70
C ASP A 240 14.21 36.34 16.16
N HIS A 241 14.66 37.38 16.84
CA HIS A 241 15.88 38.08 16.45
C HIS A 241 16.99 37.77 17.44
N PHE A 242 17.97 36.99 16.99
CA PHE A 242 19.06 36.60 17.86
C PHE A 242 20.20 37.59 17.71
N ASP A 243 20.89 37.82 18.83
CA ASP A 243 21.99 38.77 18.87
C ASP A 243 23.06 38.29 17.90
N VAL A 244 23.79 39.24 17.29
CA VAL A 244 24.81 38.88 16.32
C VAL A 244 25.93 38.15 17.06
N THR A 245 26.44 37.07 16.45
CA THR A 245 27.49 36.28 17.07
C THR A 245 28.80 37.02 16.97
N VAL A 246 29.75 36.63 17.80
CA VAL A 246 31.14 36.97 17.57
C VAL A 246 31.62 36.26 16.30
N LYS A 247 32.72 36.73 15.72
CA LYS A 247 33.29 36.11 14.51
C LYS A 247 33.47 34.62 14.76
N MET A 248 32.99 33.77 13.84
CA MET A 248 32.99 32.33 14.05
C MET A 248 32.84 31.56 12.75
N SER A 249 33.05 30.25 12.84
CA SER A 249 33.00 29.37 11.66
C SER A 249 31.58 28.88 11.38
N THR A 250 31.26 28.70 10.09
CA THR A 250 29.90 28.32 9.68
C THR A 250 29.41 27.02 10.29
N TYR A 251 30.31 26.05 10.49
CA TYR A 251 29.91 24.70 10.93
C TYR A 251 29.48 24.66 12.38
N LEU A 252 29.83 25.69 13.15
CA LEU A 252 29.43 25.81 14.55
C LEU A 252 28.08 26.51 14.75
N VAL A 253 27.55 27.13 13.69
CA VAL A 253 26.29 27.86 13.76
C VAL A 253 25.15 26.87 14.01
N ALA A 254 24.30 27.18 14.98
CA ALA A 254 23.22 26.28 15.34
C ALA A 254 21.91 27.02 15.59
N PHE A 255 20.80 26.35 15.26
CA PHE A 255 19.49 26.79 15.73
C PHE A 255 18.54 25.63 15.87
N ILE A 256 17.68 25.71 16.87
CA ILE A 256 16.68 24.69 17.16
C ILE A 256 15.32 25.35 17.17
N ILE A 257 14.38 24.80 16.40
CA ILE A 257 12.97 25.17 16.49
C ILE A 257 12.23 24.03 17.17
N SER A 258 11.73 24.28 18.36
CA SER A 258 11.22 23.20 19.20
C SER A 258 10.13 23.66 20.16
N ASP A 259 9.75 22.76 21.05
CA ASP A 259 8.80 23.02 22.09
C ASP A 259 9.39 22.57 23.43
N PHE A 260 10.72 22.57 23.50
CA PHE A 260 11.41 22.13 24.71
C PHE A 260 11.16 23.07 25.87
N GLU A 261 11.03 22.50 27.07
CA GLU A 261 11.14 23.26 28.31
C GLU A 261 12.63 23.27 28.67
N SER A 262 13.00 23.90 29.80
CA SER A 262 14.42 24.01 30.16
C SER A 262 14.66 24.33 31.63
N VAL A 263 15.90 24.15 32.06
CA VAL A 263 16.38 24.54 33.38
C VAL A 263 17.70 25.27 33.24
N SER A 264 17.99 26.15 34.19
CA SER A 264 19.10 27.08 34.08
C SER A 264 19.83 27.28 35.40
N LYS A 265 21.09 27.70 35.28
CA LYS A 265 21.95 27.95 36.42
C LYS A 265 23.01 28.97 36.00
N ILE A 266 23.35 29.91 36.88
CA ILE A 266 24.37 30.91 36.59
C ILE A 266 25.71 30.45 37.13
N THR A 267 26.78 30.69 36.37
CA THR A 267 28.14 30.41 36.84
C THR A 267 28.59 31.59 37.69
N LYS A 268 29.62 31.38 38.49
CA LYS A 268 30.21 32.48 39.27
C LYS A 268 30.55 33.64 38.34
N SER A 269 31.04 33.32 37.15
CA SER A 269 31.39 34.33 36.13
C SER A 269 30.22 35.17 35.65
N GLY A 270 29.00 34.66 35.85
CA GLY A 270 27.78 35.34 35.40
C GLY A 270 27.21 34.79 34.10
N VAL A 271 27.73 33.65 33.63
CA VAL A 271 27.24 33.03 32.40
C VAL A 271 25.99 32.23 32.71
N LYS A 272 24.94 32.42 31.92
CA LYS A 272 23.70 31.66 32.06
C LYS A 272 23.81 30.32 31.34
N VAL A 273 23.95 29.25 32.10
CA VAL A 273 24.00 27.91 31.55
C VAL A 273 22.60 27.30 31.64
N SER A 274 22.15 26.67 30.55
CA SER A 274 20.82 26.06 30.50
C SER A 274 20.89 24.72 29.80
N VAL A 275 20.11 23.76 30.31
CA VAL A 275 19.88 22.50 29.61
C VAL A 275 18.44 22.46 29.11
N TYR A 276 18.27 22.07 27.85
CA TYR A 276 16.96 22.00 27.22
C TYR A 276 16.64 20.55 26.94
N ALA A 277 15.39 20.17 27.19
CA ALA A 277 14.95 18.80 26.97
C ALA A 277 13.48 18.81 26.62
N VAL A 278 13.00 17.69 26.07
CA VAL A 278 11.57 17.53 25.88
C VAL A 278 10.93 17.56 27.27
N PRO A 279 9.70 18.11 27.36
CA PRO A 279 9.05 18.34 28.65
C PRO A 279 8.99 17.12 29.57
N ASP A 280 8.82 15.93 29.00
CA ASP A 280 8.76 14.70 29.80
C ASP A 280 10.06 14.43 30.55
N LYS A 281 11.19 14.61 29.86
CA LYS A 281 12.49 14.24 30.41
C LYS A 281 13.29 15.41 31.01
N ILE A 282 12.72 16.61 31.05
CA ILE A 282 13.43 17.79 31.59
C ILE A 282 13.84 17.62 33.08
N ASN A 283 13.15 16.75 33.82
CA ASN A 283 13.60 16.41 35.17
C ASN A 283 14.91 15.61 35.19
N GLN A 284 15.24 14.98 34.07
CA GLN A 284 16.49 14.23 33.96
C GLN A 284 17.73 15.11 33.65
N ALA A 285 17.53 16.42 33.52
CA ALA A 285 18.59 17.33 33.09
C ALA A 285 19.42 17.91 34.21
N ASP A 286 19.01 17.70 35.46
CA ASP A 286 19.65 18.34 36.61
C ASP A 286 21.13 17.99 36.76
N TYR A 287 21.50 16.76 36.43
CA TYR A 287 22.90 16.34 36.57
C TYR A 287 23.77 17.08 35.58
N ALA A 288 23.41 17.00 34.30
CA ALA A 288 24.14 17.67 33.24
C ALA A 288 24.33 19.14 33.54
N LEU A 289 23.27 19.81 34.00
CA LEU A 289 23.35 21.24 34.27
C LEU A 289 24.43 21.53 35.31
N ASP A 290 24.38 20.84 36.44
CA ASP A 290 25.39 21.02 37.49
C ASP A 290 26.80 20.72 36.99
N ALA A 291 26.94 19.72 36.13
CA ALA A 291 28.23 19.39 35.53
C ALA A 291 28.72 20.50 34.61
N ALA A 292 27.83 20.97 33.73
CA ALA A 292 28.15 22.03 32.77
C ALA A 292 28.75 23.24 33.47
N VAL A 293 28.08 23.71 34.51
CA VAL A 293 28.53 24.88 35.24
C VAL A 293 29.91 24.67 35.87
N THR A 294 30.12 23.52 36.50
CA THR A 294 31.42 23.25 37.12
C THR A 294 32.53 23.28 36.08
N LEU A 295 32.33 22.51 35.01
CA LEU A 295 33.29 22.42 33.91
C LEU A 295 33.51 23.78 33.25
N LEU A 296 32.42 24.51 33.00
CA LEU A 296 32.54 25.82 32.38
C LEU A 296 33.44 26.70 33.24
N GLU A 297 33.18 26.71 34.55
CA GLU A 297 34.01 27.41 35.53
C GLU A 297 35.47 26.93 35.50
N PHE A 298 35.63 25.61 35.44
CA PHE A 298 36.97 25.02 35.38
C PHE A 298 37.76 25.52 34.19
N TYR A 299 37.12 25.49 33.01
CA TYR A 299 37.78 25.84 31.77
C TYR A 299 38.14 27.33 31.73
N GLU A 300 37.24 28.19 32.21
CA GLU A 300 37.56 29.61 32.37
C GLU A 300 38.87 29.80 33.12
N ASP A 301 39.05 29.03 34.19
CA ASP A 301 40.25 29.13 35.01
C ASP A 301 41.45 28.57 34.28
N TYR A 302 41.29 27.40 33.67
CA TYR A 302 42.39 26.70 32.99
C TYR A 302 42.93 27.49 31.81
N PHE A 303 42.02 27.88 30.91
CA PHE A 303 42.38 28.62 29.71
C PHE A 303 42.71 30.09 29.98
N SER A 304 42.42 30.56 31.19
CA SER A 304 42.63 31.97 31.57
C SER A 304 41.96 32.94 30.59
N ILE A 305 40.80 32.54 30.08
CA ILE A 305 40.03 33.32 29.12
C ILE A 305 38.57 33.11 29.49
N PRO A 306 37.84 34.20 29.77
CA PRO A 306 36.44 34.03 30.12
C PRO A 306 35.66 33.37 28.99
N TYR A 307 34.58 32.68 29.33
CA TYR A 307 33.72 32.04 28.34
C TYR A 307 33.30 33.12 27.33
N PRO A 308 33.63 32.93 26.04
CA PRO A 308 33.53 34.02 25.06
C PRO A 308 32.11 34.53 24.81
N LEU A 309 31.13 33.64 24.87
CA LEU A 309 29.76 34.03 24.58
C LEU A 309 29.03 34.35 25.88
N PRO A 310 27.81 34.90 25.81
CA PRO A 310 27.12 35.29 27.04
C PRO A 310 26.30 34.19 27.73
N LYS A 311 26.05 33.09 27.04
CA LYS A 311 25.25 32.00 27.60
C LYS A 311 25.56 30.67 26.92
N GLN A 312 25.61 29.61 27.72
CA GLN A 312 25.82 28.24 27.22
C GLN A 312 24.53 27.43 27.36
N ASP A 313 23.94 27.05 26.25
CA ASP A 313 22.78 26.18 26.27
C ASP A 313 23.21 24.78 25.85
N LEU A 314 22.74 23.77 26.58
CA LEU A 314 22.93 22.37 26.21
C LEU A 314 21.57 21.83 25.82
N ALA A 315 21.47 21.09 24.71
CA ALA A 315 20.19 20.56 24.24
C ALA A 315 20.22 19.06 24.05
N ALA A 316 19.18 18.38 24.54
CA ALA A 316 19.05 16.95 24.39
C ALA A 316 18.12 16.64 23.21
N ILE A 317 18.70 16.55 22.01
CA ILE A 317 17.93 16.34 20.78
C ILE A 317 17.51 14.88 20.69
N PRO A 318 16.22 14.62 20.45
CA PRO A 318 15.69 13.26 20.52
C PRO A 318 16.40 12.21 19.67
N ASP A 319 16.32 12.31 18.34
CA ASP A 319 16.87 11.25 17.48
C ASP A 319 18.28 11.58 16.99
N PHE A 320 19.10 12.11 17.90
CA PHE A 320 20.40 12.66 17.53
C PHE A 320 21.33 11.54 17.09
N GLN A 321 21.88 11.67 15.88
CA GLN A 321 22.66 10.58 15.27
C GLN A 321 24.17 10.73 15.41
N SER A 322 24.66 11.96 15.57
CA SER A 322 26.01 12.13 16.11
C SER A 322 25.90 11.80 17.60
N GLY A 323 26.97 11.99 18.36
CA GLY A 323 26.93 11.72 19.80
C GLY A 323 26.60 13.03 20.48
N ALA A 324 27.41 14.02 20.17
CA ALA A 324 27.23 15.36 20.64
C ALA A 324 28.04 16.28 19.76
N MET A 325 27.63 17.52 19.65
CA MET A 325 28.31 18.49 18.83
C MET A 325 28.56 19.75 19.64
N GLU A 326 29.62 20.47 19.33
CA GLU A 326 30.05 21.63 20.13
C GLU A 326 29.57 22.97 19.57
N ASN A 327 28.39 23.02 18.95
CA ASN A 327 27.90 24.26 18.36
C ASN A 327 28.09 25.36 19.39
N TRP A 328 28.67 26.48 18.97
CA TRP A 328 29.12 27.51 19.91
C TRP A 328 27.93 28.20 20.59
N GLY A 329 27.83 28.03 21.89
CA GLY A 329 26.73 28.60 22.67
C GLY A 329 25.50 27.71 22.74
N LEU A 330 25.43 26.69 21.89
CA LEU A 330 24.28 25.81 21.82
C LEU A 330 24.74 24.38 21.52
N THR A 331 25.32 23.72 22.51
CA THR A 331 25.77 22.36 22.34
C THR A 331 24.58 21.40 22.25
N THR A 332 24.68 20.39 21.38
CA THR A 332 23.60 19.44 21.16
C THR A 332 24.08 18.02 21.43
N TYR A 333 23.25 17.23 22.10
CA TYR A 333 23.61 15.88 22.56
C TYR A 333 22.50 14.89 22.27
N ARG A 334 22.83 13.61 22.17
CA ARG A 334 21.81 12.57 22.20
C ARG A 334 21.34 12.46 23.65
N GLU A 335 20.06 12.13 23.84
CA GLU A 335 19.44 12.14 25.16
C GLU A 335 20.22 11.25 26.13
N SER A 336 20.60 10.06 25.67
CA SER A 336 21.45 9.14 26.41
C SER A 336 22.65 9.85 27.01
N ALA A 337 23.28 10.72 26.20
CA ALA A 337 24.57 11.34 26.54
C ALA A 337 24.48 12.58 27.44
N LEU A 338 23.27 12.98 27.86
CA LEU A 338 23.10 14.21 28.62
C LEU A 338 22.11 14.08 29.77
N LEU A 339 21.00 13.40 29.52
CA LEU A 339 19.97 13.19 30.52
C LEU A 339 20.27 11.94 31.30
N PHE A 340 19.99 11.98 32.60
CA PHE A 340 20.20 10.84 33.50
C PHE A 340 18.88 10.47 34.17
N ASP A 341 18.35 9.29 33.83
CA ASP A 341 17.07 8.82 34.40
C ASP A 341 17.31 8.20 35.78
N ALA A 342 16.78 8.86 36.81
CA ALA A 342 16.90 8.40 38.20
C ALA A 342 16.62 6.90 38.37
N GLU A 343 15.69 6.37 37.58
CA GLU A 343 15.37 4.94 37.58
C GLU A 343 16.20 4.14 36.56
N LYS A 344 15.84 4.26 35.28
CA LYS A 344 16.26 3.28 34.27
C LYS A 344 17.68 3.43 33.69
N SER A 345 18.55 4.23 34.33
CA SER A 345 19.94 4.38 33.87
C SER A 345 20.92 4.23 35.03
N SER A 346 22.02 3.52 34.77
CA SER A 346 23.02 3.25 35.82
C SER A 346 23.83 4.50 36.16
N ALA A 347 24.47 4.50 37.33
CA ALA A 347 25.46 5.53 37.67
C ALA A 347 26.69 5.50 36.72
N SER A 348 26.77 4.45 35.90
CA SER A 348 27.74 4.33 34.80
C SER A 348 27.45 5.29 33.64
N SER A 349 26.18 5.71 33.50
CA SER A 349 25.79 6.74 32.54
C SER A 349 26.44 8.08 32.87
N LYS A 350 26.56 8.39 34.17
CA LYS A 350 27.07 9.69 34.63
C LYS A 350 28.47 9.98 34.13
N LEU A 351 29.27 8.95 33.97
CA LEU A 351 30.58 9.13 33.37
C LEU A 351 30.42 9.70 31.97
N GLY A 352 29.63 9.03 31.14
CA GLY A 352 29.41 9.44 29.75
C GLY A 352 28.84 10.84 29.59
N ILE A 353 28.00 11.26 30.52
CA ILE A 353 27.45 12.61 30.48
C ILE A 353 28.55 13.64 30.80
N THR A 354 29.21 13.44 31.94
CA THR A 354 30.25 14.36 32.39
C THR A 354 31.34 14.49 31.33
N MET A 355 31.79 13.35 30.83
CA MET A 355 32.85 13.35 29.85
C MET A 355 32.44 14.01 28.53
N THR A 356 31.19 13.81 28.09
CA THR A 356 30.74 14.46 26.85
C THR A 356 30.65 15.97 27.03
N VAL A 357 29.97 16.41 28.09
CA VAL A 357 29.93 17.82 28.45
C VAL A 357 31.36 18.39 28.50
N ALA A 358 32.24 17.72 29.25
CA ALA A 358 33.64 18.10 29.31
C ALA A 358 34.20 18.33 27.92
N HIS A 359 33.86 17.44 26.98
CA HIS A 359 34.41 17.50 25.62
C HIS A 359 33.80 18.65 24.82
N GLU A 360 32.48 18.75 24.83
CA GLU A 360 31.82 19.79 24.06
C GLU A 360 32.13 21.19 24.62
N LEU A 361 32.21 21.31 25.96
CA LEU A 361 32.56 22.58 26.58
C LEU A 361 34.01 22.95 26.29
N ALA A 362 34.90 21.98 26.33
CA ALA A 362 36.29 22.24 25.97
C ALA A 362 36.40 22.94 24.60
N HIS A 363 35.59 22.50 23.64
CA HIS A 363 35.62 23.08 22.29
C HIS A 363 35.18 24.55 22.25
N GLN A 364 34.42 24.99 23.25
CA GLN A 364 33.90 26.36 23.27
C GLN A 364 35.05 27.36 23.31
N TRP A 365 36.19 26.92 23.84
CA TRP A 365 37.44 27.63 23.67
C TRP A 365 38.25 26.98 22.54
N PHE A 366 38.69 25.74 22.75
CA PHE A 366 39.60 25.06 21.84
C PHE A 366 38.85 24.41 20.67
N GLY A 367 38.69 25.15 19.59
CA GLY A 367 37.92 24.70 18.43
C GLY A 367 37.03 25.81 17.91
N ASN A 368 36.35 26.51 18.83
CA ASN A 368 35.40 27.54 18.46
C ASN A 368 35.99 28.93 18.57
N LEU A 369 36.67 29.21 19.67
CA LEU A 369 37.40 30.46 19.83
C LEU A 369 38.62 30.46 18.92
N VAL A 370 39.34 29.34 18.92
CA VAL A 370 40.42 29.14 17.97
C VAL A 370 40.11 27.91 17.13
N THR A 371 39.90 28.12 15.83
CA THR A 371 39.45 27.07 14.92
C THR A 371 40.56 26.62 13.96
N MET A 372 40.52 25.35 13.57
CA MET A 372 41.44 24.80 12.60
C MET A 372 41.23 25.49 11.25
N GLU A 373 42.31 25.78 10.53
CA GLU A 373 42.21 26.35 9.17
C GLU A 373 41.50 25.39 8.24
N TRP A 374 41.69 24.10 8.48
CA TRP A 374 41.12 23.09 7.62
C TRP A 374 40.96 21.74 8.34
N TRP A 375 40.15 20.87 7.78
CA TRP A 375 39.83 19.58 8.38
C TRP A 375 41.00 18.62 8.55
N ASN A 376 42.14 18.91 7.93
CA ASN A 376 43.35 18.12 8.12
C ASN A 376 43.93 18.22 9.53
N ASP A 377 43.46 19.21 10.29
CA ASP A 377 43.84 19.38 11.70
C ASP A 377 42.65 19.12 12.66
N LEU A 378 41.64 18.40 12.17
CA LEU A 378 40.53 17.99 13.01
C LEU A 378 41.02 17.06 14.12
N TRP A 379 42.01 16.24 13.79
CA TRP A 379 42.61 15.33 14.77
C TRP A 379 43.09 16.06 16.02
N LEU A 380 43.66 17.26 15.84
CA LEU A 380 44.18 18.02 16.97
C LEU A 380 43.03 18.54 17.80
N ASN A 381 42.06 19.14 17.12
CA ASN A 381 40.85 19.65 17.75
C ASN A 381 40.23 18.63 18.68
N GLU A 382 39.99 17.44 18.15
CA GLU A 382 39.32 16.37 18.88
C GLU A 382 40.24 15.70 19.87
N GLY A 383 41.49 15.48 19.48
CA GLY A 383 42.48 14.98 20.41
C GLY A 383 42.46 15.81 21.68
N PHE A 384 42.48 17.12 21.54
CA PHE A 384 42.59 18.03 22.69
C PHE A 384 41.34 18.06 23.50
N ALA A 385 40.19 18.01 22.82
CA ALA A 385 38.90 17.91 23.51
C ALA A 385 38.90 16.64 24.36
N LYS A 386 39.21 15.52 23.73
CA LYS A 386 39.33 14.26 24.44
C LYS A 386 40.33 14.34 25.59
N PHE A 387 41.45 14.98 25.36
CA PHE A 387 42.47 15.10 26.39
C PHE A 387 41.95 15.96 27.55
N MET A 388 41.24 17.04 27.23
CA MET A 388 40.64 17.89 28.25
C MET A 388 39.55 17.17 29.02
N GLU A 389 38.87 16.19 28.40
CA GLU A 389 37.91 15.36 29.14
C GLU A 389 38.63 14.83 30.38
N PHE A 390 39.78 14.20 30.13
CA PHE A 390 40.57 13.56 31.16
C PHE A 390 41.08 14.58 32.16
N VAL A 391 41.62 15.69 31.68
CA VAL A 391 42.21 16.72 32.53
C VAL A 391 41.15 17.40 33.40
N SER A 392 40.02 17.76 32.78
CA SER A 392 38.98 18.51 33.49
C SER A 392 38.28 17.60 34.49
N VAL A 393 37.74 16.48 34.03
CA VAL A 393 36.92 15.65 34.88
C VAL A 393 37.70 15.13 36.07
N SER A 394 38.95 14.73 35.85
CA SER A 394 39.80 14.27 36.94
C SER A 394 39.89 15.30 38.08
N VAL A 395 39.62 16.57 37.76
CA VAL A 395 39.64 17.65 38.76
C VAL A 395 38.24 18.04 39.26
N THR A 396 37.24 18.03 38.38
CA THR A 396 35.88 18.44 38.75
C THR A 396 35.08 17.30 39.40
N HIS A 397 35.15 16.11 38.80
CA HIS A 397 34.47 14.93 39.30
C HIS A 397 35.48 13.83 39.63
N PRO A 398 36.32 14.04 40.65
CA PRO A 398 37.37 13.04 40.90
C PRO A 398 36.82 11.65 41.20
N GLU A 399 35.62 11.61 41.81
CA GLU A 399 34.98 10.34 42.17
C GLU A 399 34.65 9.43 40.98
N LEU A 400 34.55 10.01 39.79
CA LEU A 400 34.28 9.23 38.58
C LEU A 400 35.47 8.38 38.10
N LYS A 401 36.71 8.76 38.46
CA LYS A 401 37.94 8.02 38.10
C LYS A 401 38.18 7.90 36.57
N VAL A 402 38.27 9.05 35.90
CA VAL A 402 38.46 9.09 34.45
C VAL A 402 39.82 8.54 34.03
N GLY A 403 40.82 8.65 34.89
CA GLY A 403 42.17 8.17 34.59
C GLY A 403 42.17 6.76 33.99
N ASP A 404 41.46 5.86 34.65
CA ASP A 404 41.38 4.46 34.22
C ASP A 404 40.91 4.35 32.76
N TYR A 405 39.90 5.13 32.40
CA TYR A 405 39.36 5.14 31.03
C TYR A 405 40.39 5.61 30.02
N PHE A 406 41.11 6.68 30.38
CA PHE A 406 41.99 7.35 29.43
C PHE A 406 43.11 6.46 28.95
N PHE A 407 43.89 5.94 29.88
CA PHE A 407 45.04 5.11 29.51
C PHE A 407 44.63 3.84 28.77
N GLY A 408 43.51 3.26 29.18
CA GLY A 408 42.91 2.16 28.43
C GLY A 408 42.84 2.46 26.95
N LYS A 409 42.29 3.63 26.60
CA LYS A 409 42.14 4.02 25.21
C LYS A 409 43.49 4.28 24.54
N CYS A 410 44.48 4.74 25.31
CA CYS A 410 45.84 4.93 24.78
C CYS A 410 46.47 3.60 24.40
N PHE A 411 46.27 2.60 25.26
CA PHE A 411 46.67 1.23 24.96
C PHE A 411 46.00 0.70 23.71
N ASP A 412 44.69 0.90 23.62
CA ASP A 412 43.94 0.47 22.44
C ASP A 412 44.46 1.17 21.19
N ALA A 413 44.70 2.48 21.30
CA ALA A 413 45.32 3.22 20.19
C ALA A 413 46.64 2.56 19.79
N MET A 414 47.47 2.22 20.77
CA MET A 414 48.76 1.59 20.50
C MET A 414 48.61 0.23 19.81
N GLU A 415 47.63 -0.57 20.25
CA GLU A 415 47.41 -1.90 19.67
C GLU A 415 47.15 -1.79 18.15
N VAL A 416 46.36 -0.79 17.77
CA VAL A 416 46.03 -0.58 16.37
C VAL A 416 47.17 0.14 15.64
N ASP A 417 47.93 0.97 16.37
CA ASP A 417 48.99 1.79 15.77
C ASP A 417 50.21 0.93 15.45
N ALA A 418 50.35 -0.20 16.12
CA ALA A 418 51.45 -1.13 15.88
C ALA A 418 51.29 -1.90 14.57
N LEU A 419 50.06 -2.07 14.11
CA LEU A 419 49.77 -2.77 12.86
C LEU A 419 50.28 -1.96 11.66
N ASN A 420 50.82 -2.66 10.66
CA ASN A 420 51.39 -2.01 9.45
C ASN A 420 50.37 -1.21 8.65
N SER A 421 49.10 -1.59 8.81
CA SER A 421 47.98 -0.89 8.18
C SER A 421 47.79 0.55 8.70
N SER A 422 48.32 0.85 9.88
CA SER A 422 48.15 2.15 10.53
C SER A 422 48.54 3.32 9.65
N HIS A 423 47.92 4.47 9.93
CA HIS A 423 48.16 5.71 9.18
C HIS A 423 48.66 6.78 10.14
N PRO A 424 49.44 7.74 9.64
CA PRO A 424 49.82 8.84 10.53
C PRO A 424 48.61 9.61 11.01
N VAL A 425 48.71 10.21 12.18
CA VAL A 425 47.60 10.98 12.76
C VAL A 425 47.25 12.14 11.87
N SER A 426 48.27 12.83 11.38
CA SER A 426 48.06 14.02 10.54
C SER A 426 48.12 13.67 9.06
N THR A 427 46.95 13.43 8.49
CA THR A 427 46.80 13.17 7.06
C THR A 427 46.37 14.44 6.35
N PRO A 428 46.66 14.54 5.05
CA PRO A 428 45.96 15.48 4.18
C PRO A 428 44.50 15.06 3.95
N VAL A 429 43.57 16.01 4.09
CA VAL A 429 42.16 15.79 3.79
C VAL A 429 41.87 16.64 2.55
N GLU A 430 41.30 16.02 1.52
CA GLU A 430 40.97 16.71 0.26
C GLU A 430 39.48 16.60 -0.03
N ASN A 431 38.66 16.50 1.03
CA ASN A 431 37.19 16.46 0.89
C ASN A 431 36.43 17.01 2.13
N ASP A 440 34.47 10.07 17.06
CA ASP A 440 35.02 8.93 17.80
C ASP A 440 35.86 8.03 16.86
N ASP A 441 37.17 8.06 17.09
CA ASP A 441 38.14 7.45 16.18
C ASP A 441 39.51 7.37 16.87
N VAL A 442 40.29 6.38 16.46
CA VAL A 442 41.55 6.07 17.13
C VAL A 442 42.62 7.16 16.93
N SER A 443 42.57 7.88 15.81
CA SER A 443 43.51 8.96 15.55
C SER A 443 43.37 10.08 16.56
N TYR A 444 42.14 10.33 16.98
CA TYR A 444 41.87 11.34 17.99
C TYR A 444 42.39 10.87 19.34
N ASP A 445 42.14 9.60 19.64
CA ASP A 445 42.66 8.97 20.85
C ASP A 445 44.18 9.11 20.90
N LYS A 446 44.86 8.74 19.81
CA LYS A 446 46.31 8.90 19.73
C LYS A 446 46.70 10.35 19.97
N GLY A 447 45.97 11.26 19.36
CA GLY A 447 46.23 12.68 19.53
C GLY A 447 46.13 13.10 20.98
N ALA A 448 45.15 12.55 21.70
CA ALA A 448 45.02 12.80 23.14
C ALA A 448 46.23 12.26 23.89
N CYS A 449 46.68 11.05 23.54
CA CYS A 449 47.84 10.47 24.19
C CYS A 449 49.10 11.29 23.94
N ILE A 450 49.40 11.62 22.70
CA ILE A 450 50.62 12.37 22.44
C ILE A 450 50.54 13.73 23.10
N LEU A 451 49.35 14.32 23.15
CA LEU A 451 49.16 15.57 23.89
C LEU A 451 49.47 15.40 25.37
N ASN A 452 48.98 14.31 25.96
CA ASN A 452 49.31 13.99 27.34
C ASN A 452 50.80 13.76 27.52
N MET A 453 51.41 13.03 26.58
CA MET A 453 52.85 12.81 26.59
C MET A 453 53.56 14.14 26.64
N LEU A 454 53.18 15.06 25.77
CA LEU A 454 53.79 16.38 25.75
C LEU A 454 53.61 17.09 27.09
N ARG A 455 52.40 17.04 27.67
CA ARG A 455 52.08 17.80 28.89
C ARG A 455 52.93 17.38 30.07
N GLU A 456 53.21 16.09 30.17
CA GLU A 456 53.97 15.59 31.28
C GLU A 456 55.46 15.90 31.07
N TYR A 457 55.88 16.11 29.83
CA TYR A 457 57.31 16.35 29.56
C TYR A 457 57.67 17.77 29.93
N LEU A 458 56.92 18.71 29.40
CA LEU A 458 56.94 20.07 29.91
C LEU A 458 56.22 19.95 31.26
N SER A 459 56.24 20.97 32.10
CA SER A 459 55.41 20.89 33.31
C SER A 459 53.91 20.84 32.91
N ALA A 460 53.03 20.53 33.86
CA ALA A 460 51.60 20.80 33.66
C ALA A 460 51.42 22.31 33.45
N ASP A 461 52.04 23.11 34.31
CA ASP A 461 51.92 24.58 34.27
C ASP A 461 52.48 25.16 32.98
N ALA A 462 53.60 24.60 32.52
CA ALA A 462 54.18 25.03 31.24
C ALA A 462 53.21 24.79 30.11
N PHE A 463 52.66 23.58 30.07
CA PHE A 463 51.66 23.21 29.07
C PHE A 463 50.42 24.09 29.17
N LYS A 464 50.00 24.37 30.39
CA LYS A 464 48.87 25.28 30.63
C LYS A 464 49.16 26.67 30.03
N SER A 465 50.37 27.17 30.24
CA SER A 465 50.76 28.48 29.68
C SER A 465 50.72 28.49 28.16
N GLY A 466 51.29 27.45 27.56
CA GLY A 466 51.29 27.30 26.12
C GLY A 466 49.90 27.38 25.54
N ILE A 467 48.96 26.65 26.14
CA ILE A 467 47.58 26.69 25.65
C ILE A 467 47.00 28.09 25.82
N VAL A 468 47.22 28.70 26.98
CA VAL A 468 46.69 30.03 27.23
C VAL A 468 47.18 31.03 26.20
N GLN A 469 48.49 31.06 25.99
CA GLN A 469 49.10 31.98 25.02
C GLN A 469 48.50 31.71 23.65
N TYR A 470 48.56 30.45 23.22
CA TYR A 470 47.96 30.03 21.96
C TYR A 470 46.55 30.55 21.78
N LEU A 471 45.69 30.34 22.78
CA LEU A 471 44.29 30.73 22.67
C LEU A 471 44.15 32.25 22.61
N GLN A 472 44.86 32.94 23.50
CA GLN A 472 44.86 34.41 23.49
C GLN A 472 45.37 34.96 22.15
N LYS A 473 46.47 34.40 21.65
CA LYS A 473 47.06 34.90 20.41
C LYS A 473 46.14 34.76 19.21
N HIS A 474 45.51 33.61 19.04
CA HIS A 474 44.75 33.34 17.82
C HIS A 474 43.24 33.44 17.99
N SER A 475 42.78 34.13 19.02
CA SER A 475 41.35 34.19 19.30
C SER A 475 40.61 34.73 18.08
N TYR A 476 39.49 34.09 17.75
CA TYR A 476 38.64 34.46 16.62
C TYR A 476 39.36 34.42 15.27
N LYS A 477 40.46 33.66 15.21
CA LYS A 477 41.18 33.45 13.98
C LYS A 477 41.26 31.95 13.77
N ASN A 478 42.01 31.51 12.77
CA ASN A 478 42.27 30.10 12.58
C ASN A 478 43.75 29.76 12.65
N THR A 479 44.05 28.48 12.77
CA THR A 479 45.40 28.04 13.01
C THR A 479 45.71 26.72 12.35
N LYS A 480 47.00 26.48 12.11
CA LYS A 480 47.52 25.16 11.75
C LYS A 480 48.03 24.57 13.04
N ASN A 481 48.11 23.24 13.11
CA ASN A 481 48.60 22.58 14.32
C ASN A 481 50.00 23.05 14.75
N GLU A 482 50.85 23.41 13.78
CA GLU A 482 52.17 23.94 14.10
C GLU A 482 52.09 25.16 15.01
N ASP A 483 51.02 25.94 14.87
CA ASP A 483 50.84 27.13 15.71
C ASP A 483 50.69 26.78 17.18
N LEU A 484 50.10 25.64 17.49
CA LEU A 484 50.03 25.19 18.87
C LEU A 484 51.43 24.88 19.36
N TRP A 485 52.16 24.10 18.58
CA TRP A 485 53.50 23.71 18.99
C TRP A 485 54.39 24.93 19.16
N ASP A 486 54.21 25.94 18.30
CA ASP A 486 54.97 27.19 18.40
C ASP A 486 54.67 27.92 19.71
N SER A 487 53.40 27.97 20.08
CA SER A 487 53.02 28.59 21.33
C SER A 487 53.61 27.80 22.49
N MET A 488 53.50 26.48 22.39
CA MET A 488 54.01 25.58 23.41
C MET A 488 55.53 25.75 23.58
N ALA A 489 56.22 25.91 22.46
CA ALA A 489 57.67 26.06 22.46
C ALA A 489 58.17 27.44 22.91
N SER A 490 57.30 28.31 23.45
CA SER A 490 57.75 29.65 23.89
C SER A 490 57.21 30.09 25.27
N ILE A 491 56.74 29.14 26.08
CA ILE A 491 56.29 29.43 27.44
C ILE A 491 57.34 28.94 28.45
N VAL A 521 63.03 23.56 24.29
CA VAL A 521 62.62 22.37 23.52
C VAL A 521 61.95 22.75 22.20
N ASP A 522 62.45 22.21 21.09
CA ASP A 522 61.87 22.45 19.78
C ASP A 522 60.61 21.62 19.67
N VAL A 523 59.53 22.14 20.24
CA VAL A 523 58.28 21.39 20.35
C VAL A 523 57.75 21.09 18.96
N LYS A 524 57.85 22.06 18.06
CA LYS A 524 57.37 21.90 16.69
C LYS A 524 58.02 20.72 16.02
N THR A 525 59.35 20.67 16.05
CA THR A 525 60.06 19.57 15.42
C THR A 525 59.78 18.26 16.12
N MET A 526 59.58 18.29 17.43
CA MET A 526 59.27 17.08 18.19
C MET A 526 57.94 16.51 17.80
N MET A 527 56.88 17.31 17.98
CA MET A 527 55.52 16.83 17.77
C MET A 527 55.31 16.41 16.32
N ASN A 528 56.04 17.02 15.41
CA ASN A 528 55.96 16.62 14.02
C ASN A 528 56.34 15.16 13.85
N THR A 529 57.29 14.68 14.66
CA THR A 529 57.71 13.28 14.58
C THR A 529 56.56 12.37 14.95
N TRP A 530 55.73 12.79 15.91
CA TRP A 530 54.60 11.97 16.38
C TRP A 530 53.33 12.11 15.53
N THR A 531 53.19 13.21 14.82
CA THR A 531 52.00 13.49 14.01
C THR A 531 52.14 13.16 12.53
N LEU A 532 53.37 13.20 12.00
CA LEU A 532 53.60 12.94 10.57
C LEU A 532 54.00 11.51 10.23
N GLN A 533 54.44 10.74 11.22
CA GLN A 533 54.77 9.34 10.96
C GLN A 533 53.96 8.38 11.83
N LYS A 534 53.54 7.27 11.23
CA LYS A 534 52.67 6.32 11.88
C LYS A 534 53.40 5.60 13.02
N GLY A 535 52.63 4.95 13.89
CA GLY A 535 53.22 4.13 14.93
C GLY A 535 54.00 4.89 15.99
N PHE A 536 54.83 4.15 16.71
CA PHE A 536 55.53 4.64 17.90
C PHE A 536 56.78 3.78 18.15
N PRO A 537 57.78 4.31 18.89
CA PRO A 537 59.06 3.63 19.04
C PRO A 537 59.13 2.66 20.21
N LEU A 538 59.96 1.64 20.07
CA LEU A 538 60.48 0.86 21.20
C LEU A 538 61.71 1.61 21.72
N ILE A 539 61.76 1.82 23.04
CA ILE A 539 62.93 2.40 23.67
C ILE A 539 63.67 1.27 24.40
N THR A 540 64.91 1.01 24.00
CA THR A 540 65.71 -0.03 24.63
C THR A 540 66.72 0.60 25.56
N ILE A 541 66.68 0.19 26.82
CA ILE A 541 67.53 0.80 27.84
C ILE A 541 68.66 -0.15 28.24
N THR A 542 69.90 0.31 28.18
CA THR A 542 71.05 -0.48 28.61
C THR A 542 71.88 0.29 29.62
N VAL A 543 72.06 -0.25 30.81
CA VAL A 543 72.80 0.44 31.86
C VAL A 543 74.18 -0.17 32.05
N ARG A 544 75.22 0.68 32.01
CA ARG A 544 76.56 0.32 32.45
C ARG A 544 76.97 1.32 33.51
N GLY A 545 76.81 0.92 34.78
CA GLY A 545 77.16 1.77 35.90
C GLY A 545 76.24 2.94 35.95
N ARG A 546 76.81 4.14 35.80
CA ARG A 546 76.02 5.37 35.84
C ARG A 546 75.58 5.74 34.44
N ASN A 547 76.16 5.09 33.44
CA ASN A 547 75.87 5.40 32.05
C ASN A 547 74.60 4.68 31.62
N VAL A 548 73.52 5.44 31.44
CA VAL A 548 72.26 4.90 30.99
C VAL A 548 72.16 5.14 29.50
N HIS A 549 72.11 4.05 28.75
CA HIS A 549 72.11 4.11 27.29
CA HIS A 549 72.09 4.08 27.28
C HIS A 549 70.69 3.95 26.76
N MET A 550 70.35 4.75 25.76
CA MET A 550 69.00 4.77 25.17
C MET A 550 69.09 4.52 23.67
N LYS A 551 68.36 3.51 23.18
CA LYS A 551 68.23 3.23 21.75
C LYS A 551 66.76 3.40 21.40
N GLN A 552 66.47 3.88 20.19
CA GLN A 552 65.09 3.90 19.71
C GLN A 552 64.98 3.22 18.35
N GLU A 553 63.83 2.59 18.14
CA GLU A 553 63.51 1.92 16.88
C GLU A 553 62.00 1.71 16.77
N HIS A 554 61.51 1.73 15.54
CA HIS A 554 60.09 1.59 15.25
C HIS A 554 59.61 0.25 15.72
N TYR A 555 58.55 0.22 16.53
CA TYR A 555 57.97 -1.03 17.06
C TYR A 555 56.95 -1.59 16.09
N MET A 556 57.07 -2.89 15.79
CA MET A 556 56.28 -3.51 14.73
C MET A 556 56.03 -4.99 15.00
N LYS A 557 54.75 -5.38 15.04
CA LYS A 557 54.36 -6.76 15.37
C LYS A 557 54.62 -7.74 14.22
N THR A 565 61.97 0.52 8.38
CA THR A 565 61.34 1.73 7.83
C THR A 565 62.26 2.96 7.88
N GLY A 566 63.18 2.99 8.83
CA GLY A 566 64.02 4.17 9.06
C GLY A 566 63.26 5.26 9.79
N TYR A 567 62.30 4.86 10.60
CA TYR A 567 61.50 5.81 11.36
C TYR A 567 62.33 6.29 12.53
N LEU A 568 62.11 7.53 12.94
CA LEU A 568 62.94 8.21 13.91
C LEU A 568 62.11 9.29 14.59
N TRP A 569 62.03 9.25 15.92
CA TRP A 569 61.23 10.22 16.67
C TRP A 569 62.10 11.17 17.47
N HIS A 570 61.48 12.23 17.97
CA HIS A 570 62.00 13.02 19.06
C HIS A 570 61.23 12.58 20.28
N VAL A 571 61.74 11.56 20.96
CA VAL A 571 61.03 10.96 22.08
C VAL A 571 61.29 11.77 23.34
N PRO A 572 60.23 12.28 23.99
CA PRO A 572 60.38 13.05 25.22
C PRO A 572 60.33 12.15 26.43
N LEU A 573 61.45 11.46 26.69
CA LEU A 573 61.51 10.45 27.75
C LEU A 573 61.45 11.05 29.15
N THR A 574 60.78 10.36 30.06
CA THR A 574 60.86 10.68 31.48
C THR A 574 61.22 9.40 32.22
N PHE A 575 61.93 9.52 33.33
CA PHE A 575 62.31 8.33 34.07
C PHE A 575 62.43 8.58 35.54
N ILE A 576 62.48 7.49 36.29
CA ILE A 576 62.77 7.55 37.71
C ILE A 576 63.70 6.42 38.05
N THR A 577 64.39 6.58 39.17
CA THR A 577 65.38 5.61 39.62
C THR A 577 65.05 5.19 41.01
N SER A 578 65.70 4.11 41.42
CA SER A 578 65.62 3.67 42.79
C SER A 578 65.96 4.82 43.75
N LYS A 579 66.96 5.63 43.40
CA LYS A 579 67.40 6.72 44.28
C LYS A 579 66.33 7.78 44.56
N SER A 580 65.88 8.46 43.51
CA SER A 580 64.89 9.54 43.68
C SER A 580 63.53 9.22 43.04
N ASP A 581 62.46 9.58 43.74
CA ASP A 581 61.10 9.56 43.18
C ASP A 581 60.86 10.74 42.24
N MET A 582 61.79 11.69 42.20
CA MET A 582 61.71 12.84 41.30
C MET A 582 61.77 12.40 39.84
N VAL A 583 60.91 12.99 39.01
CA VAL A 583 60.87 12.68 37.59
C VAL A 583 61.95 13.44 36.82
N HIS A 584 62.77 12.71 36.09
CA HIS A 584 63.81 13.29 35.26
C HIS A 584 63.39 13.26 33.79
N ARG A 585 63.97 14.16 32.98
CA ARG A 585 63.60 14.31 31.57
C ARG A 585 64.81 14.14 30.65
N PHE A 586 64.63 13.48 29.51
CA PHE A 586 65.67 13.40 28.48
C PHE A 586 65.06 13.31 27.10
N LEU A 587 65.47 14.21 26.21
CA LEU A 587 64.91 14.29 24.87
C LEU A 587 65.78 13.51 23.91
N LEU A 588 65.31 12.33 23.50
CA LEU A 588 66.06 11.48 22.58
C LEU A 588 65.78 11.85 21.11
N LYS A 589 66.65 12.67 20.53
CA LYS A 589 66.47 13.14 19.15
C LYS A 589 67.12 12.22 18.10
N THR A 590 67.89 11.24 18.55
CA THR A 590 68.73 10.44 17.68
C THR A 590 68.45 8.96 17.91
N LYS A 591 69.04 8.08 17.10
CA LYS A 591 68.76 6.64 17.19
C LYS A 591 69.30 6.06 18.49
N THR A 592 70.45 6.56 18.95
CA THR A 592 70.96 6.23 20.28
C THR A 592 71.53 7.46 20.97
N ASP A 593 71.53 7.44 22.30
CA ASP A 593 72.18 8.47 23.09
C ASP A 593 72.45 7.89 24.48
N VAL A 594 73.16 8.64 25.31
CA VAL A 594 73.49 8.19 26.64
C VAL A 594 73.25 9.33 27.60
N LEU A 595 72.98 9.01 28.85
CA LEU A 595 72.96 10.03 29.90
C LEU A 595 73.61 9.45 31.14
N ILE A 596 74.29 10.29 31.91
CA ILE A 596 75.03 9.81 33.07
C ILE A 596 74.26 10.20 34.31
N LEU A 597 74.19 9.28 35.28
CA LEU A 597 73.54 9.57 36.56
C LEU A 597 74.63 10.00 37.53
N PRO A 598 74.26 10.71 38.61
CA PRO A 598 75.23 11.06 39.64
C PRO A 598 75.87 9.85 40.35
N GLU A 599 75.04 8.89 40.72
CA GLU A 599 75.53 7.61 41.26
C GLU A 599 74.74 6.45 40.65
N GLU A 600 75.30 5.24 40.76
CA GLU A 600 74.69 4.05 40.17
C GLU A 600 73.40 3.72 40.91
N VAL A 601 72.45 3.13 40.20
CA VAL A 601 71.11 2.83 40.74
C VAL A 601 70.71 1.34 40.64
N GLU A 602 69.92 0.86 41.59
CA GLU A 602 69.49 -0.55 41.59
C GLU A 602 68.62 -0.83 40.39
N TRP A 603 67.68 0.08 40.13
CA TRP A 603 66.83 0.03 38.94
C TRP A 603 66.53 1.44 38.44
N ILE A 604 66.24 1.54 37.15
CA ILE A 604 65.75 2.78 36.55
C ILE A 604 64.52 2.47 35.66
N LYS A 605 63.50 3.31 35.75
CA LYS A 605 62.21 3.07 35.10
C LYS A 605 61.79 4.21 34.17
N PHE A 606 61.76 3.93 32.87
CA PHE A 606 61.37 4.91 31.86
C PHE A 606 59.88 4.80 31.54
N ASN A 607 59.33 5.91 31.03
CA ASN A 607 57.91 6.09 30.74
C ASN A 607 57.09 6.20 32.04
N VAL A 608 57.39 7.25 32.80
CA VAL A 608 56.83 7.41 34.13
C VAL A 608 55.32 7.63 34.07
N GLY A 609 54.60 6.93 34.95
CA GLY A 609 53.14 7.05 35.03
C GLY A 609 52.41 6.63 33.75
N MET A 610 53.11 5.88 32.90
CA MET A 610 52.56 5.35 31.65
C MET A 610 52.16 6.46 30.67
N ASN A 611 52.68 7.66 30.90
CA ASN A 611 52.20 8.85 30.22
C ASN A 611 52.72 9.01 28.80
N GLY A 612 53.78 8.32 28.47
CA GLY A 612 54.39 8.46 27.15
C GLY A 612 53.93 7.42 26.14
N TYR A 613 53.66 7.87 24.92
CA TYR A 613 53.18 7.00 23.85
C TYR A 613 54.34 6.20 23.27
N TYR A 614 54.81 5.21 24.02
CA TYR A 614 55.89 4.32 23.58
C TYR A 614 56.05 3.16 24.56
N ILE A 615 56.80 2.14 24.15
CA ILE A 615 57.09 0.99 24.99
C ILE A 615 58.58 0.95 25.29
N VAL A 616 58.93 0.50 26.48
CA VAL A 616 60.33 0.47 26.90
C VAL A 616 60.79 -0.95 27.20
N HIS A 617 61.88 -1.36 26.56
CA HIS A 617 62.53 -2.63 26.83
C HIS A 617 63.85 -2.41 27.60
N TYR A 618 64.24 -3.39 28.41
CA TYR A 618 65.47 -3.32 29.18
C TYR A 618 66.37 -4.52 28.87
N GLU A 619 67.55 -4.25 28.32
CA GLU A 619 68.52 -5.29 28.02
C GLU A 619 69.16 -5.80 29.31
N ASP A 620 69.90 -6.90 29.19
CA ASP A 620 70.60 -7.49 30.33
C ASP A 620 69.63 -7.79 31.50
N ASP A 621 70.07 -7.57 32.74
CA ASP A 621 69.29 -7.93 33.91
C ASP A 621 68.27 -6.87 34.34
N GLY A 622 67.93 -5.94 33.43
CA GLY A 622 67.07 -4.81 33.75
C GLY A 622 65.65 -5.18 34.14
N TRP A 623 65.06 -6.12 33.40
CA TRP A 623 63.73 -6.65 33.73
C TRP A 623 63.74 -7.36 35.08
N ASP A 624 64.82 -8.07 35.38
CA ASP A 624 64.95 -8.76 36.65
C ASP A 624 64.98 -7.75 37.78
N SER A 625 65.72 -6.68 37.57
CA SER A 625 65.74 -5.59 38.54
C SER A 625 64.35 -5.09 38.84
N LEU A 626 63.55 -4.95 37.79
CA LEU A 626 62.19 -4.44 37.91
C LEU A 626 61.21 -5.52 38.37
N THR A 627 61.42 -6.75 37.96
CA THR A 627 60.66 -7.88 38.50
C THR A 627 60.88 -7.98 40.02
N GLY A 628 62.15 -7.91 40.41
CA GLY A 628 62.52 -7.93 41.83
C GLY A 628 61.94 -6.76 42.60
N LEU A 629 61.86 -5.60 41.96
CA LEU A 629 61.29 -4.41 42.59
C LEU A 629 59.82 -4.61 42.92
N LEU A 630 59.07 -5.15 41.95
CA LEU A 630 57.63 -5.35 42.11
C LEU A 630 57.33 -6.42 43.14
N LYS A 631 58.00 -7.58 43.02
CA LYS A 631 57.88 -8.65 44.02
C LYS A 631 58.18 -8.11 45.43
N GLY A 632 59.27 -7.37 45.55
CA GLY A 632 59.71 -6.82 46.82
C GLY A 632 58.82 -5.71 47.37
N THR A 633 58.80 -4.58 46.68
CA THR A 633 57.98 -3.43 47.08
C THR A 633 57.34 -2.76 45.86
N HIS A 634 56.12 -3.18 45.55
CA HIS A 634 55.42 -2.78 44.33
C HIS A 634 54.91 -1.33 44.38
N THR A 635 54.56 -0.84 45.57
CA THR A 635 54.10 0.55 45.71
C THR A 635 55.23 1.57 45.48
N ALA A 636 56.47 1.10 45.38
CA ALA A 636 57.62 1.93 44.99
C ALA A 636 57.30 2.76 43.75
N VAL A 637 56.72 2.11 42.74
CA VAL A 637 56.25 2.78 41.54
C VAL A 637 54.72 2.82 41.59
N SER A 638 54.13 3.64 40.74
CA SER A 638 52.69 3.85 40.77
C SER A 638 51.94 2.69 40.15
N SER A 639 50.61 2.69 40.32
CA SER A 639 49.74 1.66 39.72
C SER A 639 49.94 1.64 38.21
N ASN A 640 49.89 2.82 37.61
CA ASN A 640 50.06 2.97 36.16
C ASN A 640 51.44 2.49 35.71
N ASP A 641 52.45 2.72 36.52
CA ASP A 641 53.78 2.24 36.20
C ASP A 641 53.75 0.74 36.16
N ARG A 642 53.11 0.12 37.15
CA ARG A 642 53.01 -1.34 37.19
C ARG A 642 52.28 -1.87 35.96
N ALA A 643 51.13 -1.28 35.66
CA ALA A 643 50.41 -1.62 34.44
C ALA A 643 51.30 -1.47 33.22
N SER A 644 52.07 -0.36 33.17
CA SER A 644 53.00 -0.11 32.08
C SER A 644 53.99 -1.26 31.93
N LEU A 645 54.54 -1.70 33.06
CA LEU A 645 55.53 -2.78 33.09
C LEU A 645 54.99 -4.12 32.61
N ILE A 646 53.77 -4.45 33.05
CA ILE A 646 53.15 -5.73 32.67
C ILE A 646 52.77 -5.70 31.19
N ASN A 647 52.09 -4.65 30.76
CA ASN A 647 51.75 -4.55 29.34
C ASN A 647 53.00 -4.72 28.49
N ASN A 648 53.96 -3.82 28.70
CA ASN A 648 55.21 -3.85 27.97
C ASN A 648 55.86 -5.22 28.02
N ALA A 649 55.98 -5.78 29.22
CA ALA A 649 56.66 -7.05 29.43
C ALA A 649 56.15 -8.10 28.47
N PHE A 650 54.83 -8.30 28.51
CA PHE A 650 54.17 -9.32 27.70
C PHE A 650 54.11 -8.95 26.23
N GLN A 651 54.03 -7.66 25.93
CA GLN A 651 54.05 -7.21 24.55
C GLN A 651 55.40 -7.53 23.91
N LEU A 652 56.46 -7.42 24.71
CA LEU A 652 57.82 -7.70 24.22
C LEU A 652 57.99 -9.20 24.00
N VAL A 653 57.35 -10.00 24.86
CA VAL A 653 57.37 -11.44 24.69
C VAL A 653 56.82 -11.82 23.31
N SER A 654 55.79 -11.09 22.84
CA SER A 654 55.22 -11.33 21.51
C SER A 654 56.21 -11.11 20.37
N ILE A 655 56.92 -9.98 20.39
CA ILE A 655 57.88 -9.67 19.34
C ILE A 655 59.25 -10.33 19.57
N GLY A 656 59.33 -11.21 20.57
CA GLY A 656 60.51 -12.05 20.78
C GLY A 656 61.77 -11.37 21.29
N LYS A 657 61.61 -10.23 21.98
CA LYS A 657 62.73 -9.58 22.67
C LYS A 657 62.71 -9.93 24.16
N LEU A 658 61.84 -10.85 24.57
CA LEU A 658 61.80 -11.27 25.96
C LEU A 658 61.20 -12.67 26.08
N SER A 659 61.83 -13.51 26.91
CA SER A 659 61.38 -14.88 27.06
C SER A 659 60.13 -14.94 27.96
N ILE A 660 59.10 -15.66 27.50
CA ILE A 660 57.81 -15.79 28.22
C ILE A 660 57.97 -15.99 29.73
N GLU A 661 58.99 -16.75 30.13
CA GLU A 661 59.26 -16.97 31.57
C GLU A 661 59.49 -15.64 32.29
N LYS A 662 60.28 -14.77 31.67
CA LYS A 662 60.61 -13.49 32.29
C LYS A 662 59.36 -12.64 32.52
N ALA A 663 58.45 -12.69 31.56
CA ALA A 663 57.15 -12.01 31.68
C ALA A 663 56.26 -12.66 32.75
N LEU A 664 56.18 -13.99 32.69
CA LEU A 664 55.37 -14.76 33.65
C LEU A 664 55.90 -14.61 35.08
N ASP A 665 57.22 -14.55 35.22
CA ASP A 665 57.85 -14.28 36.51
C ASP A 665 57.40 -12.94 37.07
N LEU A 666 57.28 -11.95 36.19
CA LEU A 666 56.80 -10.62 36.59
C LEU A 666 55.34 -10.72 37.02
N SER A 667 54.56 -11.42 36.19
CA SER A 667 53.15 -11.63 36.47
C SER A 667 52.93 -12.05 37.92
N LEU A 668 53.85 -12.89 38.44
CA LEU A 668 53.74 -13.38 39.81
C LEU A 668 53.63 -12.29 40.87
N TYR A 669 53.98 -11.05 40.55
CA TYR A 669 53.80 -9.97 41.52
C TYR A 669 52.32 -9.73 41.80
N LEU A 670 51.47 -10.04 40.80
CA LEU A 670 50.03 -9.73 40.88
C LEU A 670 49.32 -10.30 42.11
N LYS A 671 49.90 -11.33 42.73
CA LYS A 671 49.46 -11.76 44.06
C LYS A 671 49.13 -10.55 44.93
N HIS A 672 50.02 -9.57 44.95
CA HIS A 672 49.90 -8.44 45.86
C HIS A 672 49.04 -7.31 45.31
N GLU A 673 48.73 -7.35 44.01
CA GLU A 673 48.17 -6.19 43.32
C GLU A 673 46.74 -5.92 43.76
N THR A 674 46.44 -4.66 44.10
CA THR A 674 45.10 -4.25 44.53
C THR A 674 44.36 -3.44 43.46
N GLU A 675 45.10 -2.62 42.71
CA GLU A 675 44.48 -1.62 41.83
C GLU A 675 44.02 -2.17 40.50
N ILE A 676 43.11 -1.44 39.89
CA ILE A 676 42.33 -1.93 38.76
C ILE A 676 43.12 -2.01 37.46
N MET A 677 44.00 -1.05 37.21
CA MET A 677 44.68 -0.94 35.90
C MET A 677 45.66 -2.11 35.60
N PRO A 678 46.51 -2.47 36.58
CA PRO A 678 47.44 -3.59 36.40
C PRO A 678 46.75 -4.95 36.28
N VAL A 679 45.79 -5.21 37.15
CA VAL A 679 45.08 -6.49 37.14
C VAL A 679 44.45 -6.72 35.75
N PHE A 680 43.75 -5.70 35.24
CA PHE A 680 43.19 -5.79 33.89
C PHE A 680 44.26 -6.12 32.85
N GLN A 681 45.47 -5.57 33.03
CA GLN A 681 46.57 -5.88 32.14
C GLN A 681 47.01 -7.32 32.33
N GLY A 682 47.11 -7.73 33.58
CA GLY A 682 47.39 -9.13 33.90
C GLY A 682 46.41 -10.03 33.17
N LEU A 683 45.12 -9.74 33.34
CA LEU A 683 44.08 -10.57 32.74
C LEU A 683 44.13 -10.54 31.20
N ASN A 684 44.27 -9.35 30.63
CA ASN A 684 44.26 -9.21 29.16
C ASN A 684 45.36 -10.00 28.46
N GLU A 685 46.44 -10.28 29.17
CA GLU A 685 47.58 -10.98 28.61
C GLU A 685 47.63 -12.43 29.05
N LEU A 686 47.20 -12.72 30.28
CA LEU A 686 47.23 -14.10 30.78
C LEU A 686 46.06 -14.92 30.24
N ILE A 687 44.88 -14.31 30.18
CA ILE A 687 43.67 -15.06 29.82
C ILE A 687 43.77 -15.69 28.43
N PRO A 688 44.09 -14.89 27.40
CA PRO A 688 44.20 -15.46 26.06
C PRO A 688 45.17 -16.64 25.94
N MET A 689 46.13 -16.74 26.88
CA MET A 689 47.08 -17.85 26.89
C MET A 689 46.38 -19.18 27.13
N TYR A 690 45.59 -19.28 28.20
CA TYR A 690 44.85 -20.52 28.45
C TYR A 690 43.70 -20.71 27.47
N LYS A 691 43.04 -19.63 27.07
CA LYS A 691 41.98 -19.77 26.06
C LYS A 691 42.51 -20.51 24.82
N LEU A 692 43.76 -20.25 24.44
CA LEU A 692 44.41 -21.04 23.38
C LEU A 692 44.57 -22.50 23.83
N MET A 693 45.14 -22.69 25.03
CA MET A 693 45.47 -24.03 25.55
C MET A 693 44.27 -24.98 25.63
N GLU A 694 43.07 -24.41 25.75
CA GLU A 694 41.84 -25.20 25.71
C GLU A 694 41.67 -25.86 24.35
N LYS A 695 41.86 -25.08 23.28
CA LYS A 695 41.75 -25.57 21.90
C LYS A 695 42.71 -26.72 21.56
N ARG A 696 43.90 -26.69 22.14
CA ARG A 696 44.86 -27.81 22.03
C ARG A 696 44.54 -28.88 23.09
N ASP A 697 44.81 -30.14 22.75
CA ASP A 697 44.44 -31.27 23.61
C ASP A 697 45.59 -31.72 24.54
N MET A 698 46.50 -30.82 24.85
CA MET A 698 47.43 -31.01 25.97
C MET A 698 46.86 -30.23 27.15
N ASN A 699 45.68 -30.64 27.59
CA ASN A 699 44.85 -29.86 28.51
C ASN A 699 45.06 -30.16 30.01
N GLU A 700 46.19 -30.77 30.36
CA GLU A 700 46.56 -30.99 31.77
C GLU A 700 47.48 -29.86 32.28
N VAL A 701 48.18 -29.20 31.36
CA VAL A 701 48.90 -27.97 31.69
C VAL A 701 47.90 -26.80 31.76
N GLU A 702 46.93 -26.79 30.84
CA GLU A 702 45.76 -25.91 30.93
C GLU A 702 45.29 -25.77 32.39
N THR A 703 45.05 -26.91 33.03
CA THR A 703 44.55 -26.93 34.40
C THR A 703 45.49 -26.27 35.40
N GLN A 704 46.79 -26.54 35.29
CA GLN A 704 47.80 -25.93 36.17
C GLN A 704 47.91 -24.42 35.97
N PHE A 705 47.72 -23.99 34.71
CA PHE A 705 47.75 -22.57 34.36
C PHE A 705 46.60 -21.83 35.03
N LYS A 706 45.39 -22.40 34.87
CA LYS A 706 44.18 -21.83 35.47
C LYS A 706 44.29 -21.85 36.99
N ALA A 707 44.82 -22.93 37.54
CA ALA A 707 45.09 -23.03 38.97
C ALA A 707 45.94 -21.84 39.40
N PHE A 708 47.03 -21.63 38.66
CA PHE A 708 47.96 -20.53 38.93
C PHE A 708 47.27 -19.17 38.81
N LEU A 709 46.58 -18.94 37.70
CA LEU A 709 45.86 -17.69 37.50
C LEU A 709 44.91 -17.41 38.65
N ILE A 710 44.15 -18.43 39.05
CA ILE A 710 43.19 -18.28 40.16
C ILE A 710 43.90 -18.13 41.51
N ARG A 711 45.04 -18.82 41.68
CA ARG A 711 45.82 -18.73 42.93
C ARG A 711 46.46 -17.35 43.03
N LEU A 712 46.82 -16.80 41.87
CA LEU A 712 47.44 -15.48 41.78
C LEU A 712 46.47 -14.40 42.26
N LEU A 713 45.26 -14.43 41.73
CA LEU A 713 44.25 -13.43 42.05
C LEU A 713 43.37 -13.81 43.24
N ARG A 714 43.61 -14.97 43.84
CA ARG A 714 42.76 -15.49 44.92
C ARG A 714 42.41 -14.42 45.95
N ASP A 715 43.44 -13.80 46.55
CA ASP A 715 43.23 -12.80 47.60
C ASP A 715 42.33 -11.65 47.15
N LEU A 716 42.55 -11.17 45.92
CA LEU A 716 41.76 -10.07 45.36
C LEU A 716 40.31 -10.50 45.14
N ILE A 717 40.13 -11.74 44.65
CA ILE A 717 38.80 -12.34 44.42
C ILE A 717 37.95 -12.33 45.69
N ASP A 718 38.58 -12.57 46.83
CA ASP A 718 37.89 -12.51 48.12
C ASP A 718 37.40 -11.09 48.43
N LYS A 719 38.33 -10.16 48.67
CA LYS A 719 37.98 -8.80 49.10
C LYS A 719 36.88 -8.10 48.28
N GLN A 720 36.62 -8.59 47.05
CA GLN A 720 35.57 -8.03 46.18
C GLN A 720 34.17 -8.34 46.69
N THR A 721 33.52 -7.35 47.32
CA THR A 721 32.17 -7.49 47.85
C THR A 721 31.10 -7.45 46.74
N TRP A 722 30.01 -8.17 46.93
CA TRP A 722 29.02 -8.47 45.87
C TRP A 722 27.92 -7.40 45.71
N THR A 723 28.30 -6.16 45.40
CA THR A 723 27.31 -5.14 45.03
C THR A 723 27.32 -4.93 43.51
N ASP A 724 26.28 -4.29 42.99
CA ASP A 724 26.26 -3.83 41.60
C ASP A 724 26.53 -2.32 41.61
N GLU A 725 27.48 -1.88 42.44
CA GLU A 725 27.71 -0.45 42.67
C GLU A 725 29.04 -0.15 43.37
N GLY A 726 29.88 0.65 42.68
CA GLY A 726 31.17 1.08 43.21
C GLY A 726 31.82 2.09 42.28
N SER A 727 33.14 2.21 42.34
CA SER A 727 33.88 3.05 41.39
C SER A 727 33.59 2.56 39.98
N VAL A 728 33.12 3.46 39.12
CA VAL A 728 32.57 3.13 37.78
C VAL A 728 33.32 2.07 36.95
N SER A 729 34.64 1.94 37.16
CA SER A 729 35.45 0.87 36.55
C SER A 729 35.70 -0.26 37.54
N GLU A 730 35.84 0.07 38.82
CA GLU A 730 35.98 -0.93 39.89
C GLU A 730 34.87 -1.97 39.82
N ARG A 731 33.67 -1.54 39.42
CA ARG A 731 32.56 -2.45 39.13
C ARG A 731 33.00 -3.47 38.08
N MET A 732 33.62 -2.99 36.99
CA MET A 732 34.06 -3.87 35.91
C MET A 732 35.09 -4.88 36.40
N LEU A 733 35.88 -4.51 37.42
CA LEU A 733 36.82 -5.43 38.04
C LEU A 733 36.07 -6.55 38.75
N ARG A 734 35.15 -6.17 39.64
CA ARG A 734 34.27 -7.11 40.31
C ARG A 734 33.63 -8.06 39.31
N SER A 735 32.92 -7.49 38.34
CA SER A 735 32.26 -8.28 37.29
C SER A 735 33.20 -9.34 36.70
N GLN A 736 34.36 -8.90 36.22
CA GLN A 736 35.29 -9.80 35.53
C GLN A 736 35.91 -10.82 36.49
N LEU A 737 36.34 -10.36 37.66
CA LEU A 737 36.92 -11.26 38.65
C LEU A 737 35.96 -12.36 39.06
N LEU A 738 34.73 -11.98 39.41
CA LEU A 738 33.74 -12.95 39.85
C LEU A 738 33.44 -13.94 38.73
N LEU A 739 33.21 -13.44 37.53
CA LEU A 739 33.03 -14.31 36.38
C LEU A 739 34.23 -15.24 36.21
N LEU A 740 35.44 -14.68 36.29
CA LEU A 740 36.65 -15.49 36.12
C LEU A 740 36.67 -16.63 37.12
N ALA A 741 36.40 -16.32 38.39
CA ALA A 741 36.44 -17.32 39.46
C ALA A 741 35.51 -18.52 39.19
N CYS A 742 34.41 -18.26 38.46
CA CYS A 742 33.52 -19.31 38.00
C CYS A 742 33.01 -18.88 36.61
N VAL A 743 33.42 -19.49 35.49
CA VAL A 743 33.62 -20.95 35.28
C VAL A 743 34.73 -21.69 36.03
N HIS A 744 35.80 -21.00 36.43
CA HIS A 744 37.01 -21.67 36.94
C HIS A 744 36.85 -22.52 38.21
N ASN A 745 35.63 -22.59 38.73
CA ASN A 745 35.29 -23.53 39.80
C ASN A 745 35.98 -23.20 41.12
N TYR A 746 36.14 -21.91 41.37
CA TYR A 746 36.56 -21.44 42.69
C TYR A 746 35.43 -21.74 43.66
N GLN A 747 35.77 -22.28 44.82
CA GLN A 747 34.78 -22.84 45.73
C GLN A 747 33.91 -21.78 46.41
N PRO A 748 34.51 -20.67 46.90
CA PRO A 748 33.66 -19.56 47.36
C PRO A 748 32.91 -18.79 46.27
N CYS A 749 33.26 -18.97 45.00
CA CYS A 749 32.39 -18.46 43.91
C CYS A 749 31.11 -19.27 44.03
N VAL A 750 31.23 -20.58 43.87
CA VAL A 750 30.08 -21.48 43.87
C VAL A 750 29.53 -21.84 45.26
N GLN A 751 29.84 -21.03 46.28
CA GLN A 751 29.21 -21.14 47.60
C GLN A 751 28.16 -20.05 47.73
N ARG A 752 28.59 -18.79 47.56
CA ARG A 752 27.65 -17.66 47.56
C ARG A 752 26.99 -17.47 46.19
N ALA A 753 27.65 -17.93 45.12
CA ALA A 753 27.20 -17.64 43.75
C ALA A 753 25.89 -18.31 43.41
N GLU A 754 25.72 -19.56 43.87
CA GLU A 754 24.48 -20.30 43.63
C GLU A 754 23.44 -20.10 44.76
N GLY A 755 23.91 -19.71 45.95
CA GLY A 755 23.01 -19.21 47.02
C GLY A 755 22.27 -17.94 46.60
N TYR A 756 22.90 -17.15 45.73
CA TYR A 756 22.24 -16.01 45.09
C TYR A 756 21.30 -16.47 43.98
N PHE A 757 21.55 -17.65 43.41
CA PHE A 757 20.71 -18.20 42.35
C PHE A 757 19.46 -18.90 42.89
N ARG A 758 19.57 -19.50 44.07
CA ARG A 758 18.40 -20.08 44.75
C ARG A 758 17.52 -18.98 45.38
N LYS A 759 18.14 -17.88 45.79
CA LYS A 759 17.39 -16.69 46.24
C LYS A 759 16.64 -16.04 45.07
N TRP A 760 17.22 -16.12 43.87
CA TRP A 760 16.56 -15.68 42.63
C TRP A 760 15.69 -16.78 42.01
N LYS A 761 15.83 -18.01 42.53
CA LYS A 761 14.90 -19.10 42.19
C LYS A 761 13.53 -18.87 42.86
N GLU A 762 13.56 -18.35 44.09
CA GLU A 762 12.35 -17.88 44.76
C GLU A 762 11.82 -16.62 44.06
N SER A 763 11.11 -16.83 42.95
CA SER A 763 10.59 -15.75 42.09
C SER A 763 11.67 -15.22 41.15
N GLN A 806 23.97 -11.51 28.36
CA GLN A 806 23.77 -11.85 29.77
C GLN A 806 23.17 -13.25 29.95
N ILE A 807 21.87 -13.39 29.66
CA ILE A 807 21.17 -14.68 29.85
C ILE A 807 21.65 -15.74 28.84
N GLU A 808 22.21 -15.30 27.71
CA GLU A 808 22.88 -16.19 26.75
C GLU A 808 24.20 -16.67 27.35
N PHE A 809 24.96 -15.73 27.92
CA PHE A 809 26.27 -16.03 28.50
C PHE A 809 26.21 -17.22 29.46
N ALA A 810 25.41 -17.06 30.53
CA ALA A 810 25.26 -18.10 31.56
C ALA A 810 24.71 -19.42 30.98
N LEU A 811 23.73 -19.32 30.09
CA LEU A 811 23.10 -20.52 29.49
C LEU A 811 23.98 -21.20 28.44
N CYS A 812 25.13 -20.59 28.12
CA CYS A 812 26.11 -21.21 27.21
C CYS A 812 27.34 -21.75 27.93
N ARG A 813 27.88 -20.99 28.87
CA ARG A 813 29.03 -21.45 29.66
C ARG A 813 28.56 -22.54 30.64
N THR A 814 28.20 -23.68 30.06
CA THR A 814 27.68 -24.83 30.80
C THR A 814 28.25 -26.08 30.12
N GLN A 815 28.73 -27.04 30.93
CA GLN A 815 29.46 -28.20 30.42
C GLN A 815 28.55 -29.43 30.18
N ASN A 816 27.51 -29.23 29.36
CA ASN A 816 26.55 -30.28 29.03
C ASN A 816 26.90 -30.97 27.70
N ILE A 921 45.56 -18.21 12.81
CA ILE A 921 45.96 -19.52 13.33
C ILE A 921 47.49 -19.73 13.27
N GLU A 922 48.14 -19.14 12.27
CA GLU A 922 49.61 -19.21 12.15
C GLU A 922 50.35 -18.46 13.29
N GLU A 923 49.77 -17.36 13.78
CA GLU A 923 50.30 -16.65 14.95
C GLU A 923 50.24 -17.56 16.18
N ASN A 924 49.10 -18.24 16.34
CA ASN A 924 48.93 -19.24 17.38
C ASN A 924 50.00 -20.33 17.26
N ILE A 925 49.96 -21.07 16.15
CA ILE A 925 50.88 -22.20 15.90
C ILE A 925 52.30 -21.89 16.35
N GLY A 926 52.76 -20.67 16.04
CA GLY A 926 54.07 -20.21 16.47
C GLY A 926 54.14 -19.88 17.95
N TRP A 927 53.15 -19.13 18.45
CA TRP A 927 53.12 -18.80 19.87
C TRP A 927 53.35 -20.07 20.66
N MET A 928 52.43 -21.03 20.52
CA MET A 928 52.47 -22.30 21.28
C MET A 928 53.73 -23.12 20.97
N ASP A 929 54.20 -23.02 19.72
CA ASP A 929 55.44 -23.71 19.30
C ASP A 929 56.66 -23.21 20.11
N LYS A 930 56.77 -21.90 20.29
CA LYS A 930 57.83 -21.34 21.12
C LYS A 930 57.48 -21.50 22.60
N ASN A 931 56.22 -21.25 22.92
CA ASN A 931 55.82 -20.90 24.29
C ASN A 931 55.29 -22.06 25.17
N PHE A 932 54.74 -23.11 24.54
CA PHE A 932 54.16 -24.23 25.31
C PHE A 932 55.13 -24.85 26.32
N ASP A 933 56.23 -25.41 25.82
CA ASP A 933 57.21 -26.12 26.65
C ASP A 933 57.76 -25.24 27.80
N LYS A 934 58.23 -24.05 27.43
CA LYS A 934 58.76 -23.10 28.40
C LYS A 934 57.74 -22.82 29.50
N ILE A 935 56.49 -22.57 29.09
CA ILE A 935 55.40 -22.32 30.05
C ILE A 935 55.18 -23.53 30.98
N ARG A 936 55.33 -24.74 30.42
CA ARG A 936 55.19 -25.97 31.20
C ARG A 936 56.37 -26.08 32.17
N VAL A 937 57.57 -25.99 31.62
CA VAL A 937 58.78 -26.01 32.44
C VAL A 937 58.65 -24.92 33.52
N TRP A 938 58.05 -23.79 33.14
CA TRP A 938 57.84 -22.70 34.08
C TRP A 938 56.85 -23.16 35.15
N LEU A 939 55.60 -23.42 34.73
CA LEU A 939 54.54 -23.83 35.66
C LEU A 939 55.04 -24.85 36.69
N GLN A 940 55.64 -25.94 36.19
CA GLN A 940 56.24 -26.99 37.02
C GLN A 940 56.89 -26.44 38.28
N SER A 941 57.75 -25.43 38.10
CA SER A 941 58.48 -24.81 39.21
C SER A 941 57.57 -23.93 40.06
N PRO B 52 25.39 15.89 -65.08
CA PRO B 52 25.50 14.44 -64.85
C PRO B 52 25.96 14.15 -63.41
N PHE B 53 25.07 13.60 -62.59
CA PHE B 53 25.29 13.55 -61.14
C PHE B 53 26.46 12.66 -60.72
N PRO B 54 27.46 13.23 -60.02
CA PRO B 54 28.77 12.62 -59.84
C PRO B 54 28.85 11.42 -58.89
N TRP B 55 27.72 10.98 -58.33
CA TRP B 55 27.70 9.84 -57.41
C TRP B 55 26.51 8.93 -57.73
N ASN B 56 26.69 7.63 -57.56
CA ASN B 56 25.62 6.68 -57.87
C ASN B 56 25.63 5.40 -57.05
N LYS B 57 25.90 5.54 -55.75
CA LYS B 57 25.68 4.47 -54.77
C LYS B 57 24.64 4.99 -53.79
N ILE B 58 23.85 4.09 -53.20
CA ILE B 58 22.89 4.50 -52.17
C ILE B 58 23.67 5.04 -50.98
N ARG B 59 24.71 4.31 -50.59
CA ARG B 59 25.59 4.74 -49.49
C ARG B 59 26.45 5.93 -49.91
N LEU B 60 26.65 6.86 -48.97
CA LEU B 60 27.47 8.04 -49.21
C LEU B 60 28.94 7.62 -49.32
N PRO B 61 29.77 8.42 -49.99
CA PRO B 61 31.19 8.10 -50.03
C PRO B 61 31.78 8.13 -48.64
N GLU B 62 32.66 7.17 -48.35
CA GLU B 62 33.24 7.05 -47.03
C GLU B 62 34.44 7.97 -46.81
N TYR B 63 34.92 8.60 -47.88
CA TYR B 63 36.14 9.43 -47.81
C TYR B 63 35.94 10.88 -47.36
N VAL B 64 34.70 11.29 -47.09
CA VAL B 64 34.43 12.62 -46.50
C VAL B 64 33.58 12.50 -45.21
N ILE B 65 34.10 13.04 -44.12
CA ILE B 65 33.58 12.80 -42.78
C ILE B 65 33.17 14.13 -42.11
N PRO B 66 31.90 14.23 -41.69
CA PRO B 66 31.54 15.40 -40.91
C PRO B 66 32.01 15.26 -39.48
N VAL B 67 32.28 16.38 -38.84
CA VAL B 67 32.85 16.38 -37.50
C VAL B 67 31.97 17.14 -36.52
N HIS B 68 31.39 18.24 -36.99
CA HIS B 68 30.45 19.04 -36.19
C HIS B 68 29.48 19.80 -37.09
N TYR B 69 28.23 19.88 -36.68
CA TYR B 69 27.20 20.66 -37.40
C TYR B 69 26.81 21.86 -36.57
N ASP B 70 26.64 23.00 -37.24
CA ASP B 70 25.98 24.15 -36.65
C ASP B 70 24.65 24.27 -37.37
N LEU B 71 23.56 23.95 -36.67
CA LEU B 71 22.22 24.00 -37.26
C LEU B 71 21.45 25.21 -36.76
N LEU B 72 20.94 26.01 -37.69
CA LEU B 72 20.01 27.10 -37.37
C LEU B 72 18.73 26.79 -38.09
N ILE B 73 17.64 26.63 -37.34
CA ILE B 73 16.32 26.38 -37.92
C ILE B 73 15.35 27.45 -37.43
N HIS B 74 14.82 28.21 -38.38
CA HIS B 74 13.77 29.18 -38.12
C HIS B 74 12.54 28.64 -38.82
N ALA B 75 11.53 28.27 -38.02
CA ALA B 75 10.33 27.63 -38.54
C ALA B 75 9.12 28.45 -38.17
N ASN B 76 8.32 28.81 -39.17
CA ASN B 76 7.06 29.53 -38.96
C ASN B 76 5.86 28.58 -38.89
N LEU B 77 5.19 28.51 -37.74
CA LEU B 77 4.05 27.60 -37.54
C LEU B 77 2.71 28.21 -38.02
N THR B 78 2.73 29.49 -38.40
CA THR B 78 1.56 30.12 -39.00
C THR B 78 1.52 29.81 -40.49
N THR B 79 2.63 30.06 -41.18
CA THR B 79 2.72 29.83 -42.63
C THR B 79 3.18 28.41 -42.99
N LEU B 80 3.51 27.62 -41.97
CA LEU B 80 3.96 26.23 -42.14
C LEU B 80 5.19 26.12 -43.03
N THR B 81 6.16 26.97 -42.77
CA THR B 81 7.41 27.00 -43.51
C THR B 81 8.58 27.12 -42.55
N PHE B 82 9.75 26.64 -42.96
CA PHE B 82 10.96 26.90 -42.21
C PHE B 82 12.17 27.24 -43.11
N TRP B 83 13.00 28.16 -42.59
CA TRP B 83 14.27 28.52 -43.21
CA TRP B 83 14.28 28.55 -43.18
C TRP B 83 15.37 27.92 -42.35
N GLY B 84 16.46 27.51 -42.99
CA GLY B 84 17.60 26.96 -42.26
C GLY B 84 18.94 27.37 -42.82
N THR B 85 19.93 27.46 -41.94
CA THR B 85 21.34 27.53 -42.35
C THR B 85 22.09 26.40 -41.63
N THR B 86 22.85 25.65 -42.40
CA THR B 86 23.59 24.50 -41.87
C THR B 86 25.07 24.68 -42.11
N LYS B 87 25.83 24.83 -41.03
CA LYS B 87 27.27 24.85 -41.12
C LYS B 87 27.76 23.49 -40.66
N VAL B 88 28.30 22.70 -41.58
CA VAL B 88 28.84 21.38 -41.25
C VAL B 88 30.36 21.38 -41.42
N GLU B 89 31.08 21.21 -40.33
CA GLU B 89 32.53 21.11 -40.38
C GLU B 89 32.90 19.72 -40.86
N ILE B 90 33.86 19.64 -41.78
CA ILE B 90 34.25 18.35 -42.36
C ILE B 90 35.74 18.23 -42.52
N THR B 91 36.19 17.01 -42.84
CA THR B 91 37.57 16.72 -43.26
C THR B 91 37.53 15.60 -44.30
N ALA B 92 38.40 15.67 -45.29
CA ALA B 92 38.50 14.62 -46.29
C ALA B 92 39.67 13.71 -45.92
N SER B 93 39.46 12.40 -45.99
CA SER B 93 40.52 11.40 -45.77
C SER B 93 41.15 11.08 -47.11
N GLN B 94 40.74 11.81 -48.14
CA GLN B 94 41.13 11.53 -49.49
C GLN B 94 40.81 12.75 -50.34
N PRO B 95 41.69 13.11 -51.28
CA PRO B 95 41.41 14.35 -52.02
C PRO B 95 40.12 14.25 -52.79
N THR B 96 39.39 15.36 -52.85
CA THR B 96 38.12 15.42 -53.56
C THR B 96 37.62 16.85 -53.71
N SER B 97 37.02 17.14 -54.86
CA SER B 97 36.44 18.45 -55.13
C SER B 97 34.91 18.39 -55.14
N THR B 98 34.37 17.25 -54.69
CA THR B 98 32.94 17.01 -54.68
C THR B 98 32.53 16.46 -53.33
N ILE B 99 31.50 17.06 -52.75
CA ILE B 99 30.97 16.59 -51.49
C ILE B 99 29.56 16.11 -51.73
N ILE B 100 29.31 14.83 -51.46
CA ILE B 100 27.97 14.27 -51.54
C ILE B 100 27.36 14.26 -50.13
N LEU B 101 26.14 14.78 -50.02
CA LEU B 101 25.38 14.61 -48.78
C LEU B 101 23.87 14.45 -49.08
N HIS B 102 23.08 14.14 -48.05
CA HIS B 102 21.65 13.87 -48.21
C HIS B 102 20.82 15.13 -48.06
N SER B 103 19.81 15.28 -48.91
CA SER B 103 18.86 16.36 -48.83
C SER B 103 17.56 15.91 -49.50
N HIS B 104 16.43 16.21 -48.87
CA HIS B 104 15.15 15.76 -49.38
C HIS B 104 14.08 16.84 -49.25
N HIS B 105 13.59 17.29 -50.41
CA HIS B 105 12.62 18.36 -50.49
C HIS B 105 13.12 19.61 -49.75
N LEU B 106 14.33 20.05 -50.11
CA LEU B 106 14.88 21.29 -49.59
C LEU B 106 15.33 22.17 -50.74
N GLN B 107 14.83 23.40 -50.79
CA GLN B 107 15.32 24.38 -51.75
C GLN B 107 16.56 25.05 -51.18
N ILE B 108 17.72 24.72 -51.74
CA ILE B 108 18.99 25.27 -51.30
C ILE B 108 19.27 26.53 -52.13
N SER B 109 19.36 27.68 -51.45
CA SER B 109 19.62 28.95 -52.11
C SER B 109 21.09 29.10 -52.51
N ARG B 110 21.97 29.10 -51.50
CA ARG B 110 23.42 29.24 -51.72
C ARG B 110 24.18 28.26 -50.81
N ALA B 111 25.25 27.68 -51.35
CA ALA B 111 26.12 26.77 -50.59
C ALA B 111 27.56 27.21 -50.81
N THR B 112 28.35 27.24 -49.74
CA THR B 112 29.72 27.79 -49.81
C THR B 112 30.67 27.00 -48.91
N LEU B 113 31.94 26.97 -49.30
CA LEU B 113 32.96 26.22 -48.58
C LEU B 113 33.96 27.18 -47.95
N ARG B 114 34.05 27.18 -46.62
CA ARG B 114 35.10 27.92 -45.91
C ARG B 114 36.31 27.02 -45.69
N LYS B 115 37.51 27.60 -45.69
CA LYS B 115 38.73 26.85 -45.35
C LYS B 115 38.96 26.82 -43.84
N LEU B 121 41.82 32.50 -43.53
CA LEU B 121 40.41 32.37 -43.89
C LEU B 121 40.17 32.63 -45.37
N SER B 122 39.48 31.70 -46.03
CA SER B 122 38.86 31.92 -47.33
C SER B 122 37.37 31.54 -47.24
N GLU B 123 36.65 31.71 -48.35
CA GLU B 123 35.24 31.27 -48.46
C GLU B 123 34.75 31.25 -49.90
N GLU B 124 34.99 30.15 -50.60
CA GLU B 124 34.52 29.96 -51.98
C GLU B 124 33.09 29.47 -52.00
N PRO B 125 32.32 29.87 -53.03
CA PRO B 125 30.99 29.28 -53.21
C PRO B 125 31.09 27.91 -53.87
N LEU B 126 30.06 27.09 -53.65
CA LEU B 126 30.01 25.74 -54.18
C LEU B 126 28.83 25.62 -55.13
N GLN B 127 29.03 24.92 -56.24
CA GLN B 127 27.92 24.64 -57.16
C GLN B 127 27.11 23.48 -56.59
N VAL B 128 25.80 23.65 -56.53
CA VAL B 128 24.91 22.65 -55.94
C VAL B 128 24.21 21.81 -57.01
N LEU B 129 24.35 20.50 -56.91
CA LEU B 129 23.66 19.55 -57.78
C LEU B 129 22.71 18.68 -56.96
N GLU B 130 21.51 18.46 -57.48
CA GLU B 130 20.45 17.74 -56.78
C GLU B 130 20.14 16.44 -57.50
N HIS B 131 20.04 15.34 -56.75
CA HIS B 131 19.55 14.07 -57.30
C HIS B 131 18.42 13.54 -56.41
N PRO B 132 17.20 14.02 -56.65
CA PRO B 132 16.14 13.82 -55.67
C PRO B 132 15.73 12.36 -55.45
N ARG B 133 15.86 11.52 -56.48
CA ARG B 133 15.51 10.10 -56.38
C ARG B 133 16.38 9.38 -55.35
N GLN B 134 17.64 9.79 -55.22
CA GLN B 134 18.56 9.24 -54.21
C GLN B 134 18.55 10.07 -52.91
N GLU B 135 17.72 11.10 -52.86
CA GLU B 135 17.68 12.02 -51.72
C GLU B 135 19.06 12.62 -51.41
N GLN B 136 19.89 12.76 -52.44
CA GLN B 136 21.24 13.30 -52.31
C GLN B 136 21.38 14.64 -53.02
N ILE B 137 22.42 15.39 -52.65
CA ILE B 137 22.82 16.56 -53.40
C ILE B 137 24.34 16.59 -53.42
N ALA B 138 24.91 17.14 -54.49
CA ALA B 138 26.36 17.25 -54.62
C ALA B 138 26.78 18.71 -54.52
N LEU B 139 27.88 18.96 -53.82
CA LEU B 139 28.44 20.30 -53.74
C LEU B 139 29.79 20.22 -54.41
N LEU B 140 30.04 21.08 -55.39
CA LEU B 140 31.29 21.05 -56.15
C LEU B 140 32.17 22.28 -55.83
N ALA B 141 33.45 22.02 -55.58
CA ALA B 141 34.43 23.05 -55.24
C ALA B 141 35.39 23.27 -56.41
N PRO B 142 35.76 24.54 -56.70
CA PRO B 142 36.70 24.91 -57.76
C PRO B 142 38.03 24.15 -57.71
N GLU B 143 38.57 23.99 -56.50
CA GLU B 143 39.81 23.25 -56.25
C GLU B 143 39.53 22.11 -55.26
N PRO B 144 40.37 21.06 -55.25
CA PRO B 144 40.11 19.91 -54.39
C PRO B 144 40.47 20.18 -52.93
N LEU B 145 39.74 19.54 -52.01
CA LEU B 145 40.00 19.70 -50.57
C LEU B 145 41.28 18.97 -50.19
N LEU B 146 42.05 19.58 -49.30
CA LEU B 146 43.29 18.97 -48.84
C LEU B 146 43.01 17.95 -47.73
N VAL B 147 43.72 16.82 -47.79
CA VAL B 147 43.55 15.76 -46.81
C VAL B 147 44.00 16.26 -45.45
N GLY B 148 43.19 16.01 -44.43
CA GLY B 148 43.52 16.37 -43.05
C GLY B 148 43.15 17.79 -42.61
N LEU B 149 42.97 18.68 -43.58
CA LEU B 149 42.65 20.07 -43.28
C LEU B 149 41.17 20.19 -43.00
N PRO B 150 40.80 20.98 -41.97
CA PRO B 150 39.38 21.19 -41.69
C PRO B 150 38.79 22.18 -42.68
N TYR B 151 37.57 21.90 -43.11
CA TYR B 151 36.79 22.79 -43.97
C TYR B 151 35.44 22.91 -43.33
N THR B 152 34.78 24.04 -43.51
CA THR B 152 33.39 24.18 -43.08
C THR B 152 32.53 24.45 -44.30
N VAL B 153 31.46 23.67 -44.42
CA VAL B 153 30.47 23.84 -45.46
C VAL B 153 29.28 24.59 -44.87
N VAL B 154 28.83 25.63 -45.54
CA VAL B 154 27.65 26.38 -45.14
C VAL B 154 26.59 26.30 -46.24
N ILE B 155 25.43 25.72 -45.88
CA ILE B 155 24.30 25.60 -46.79
C ILE B 155 23.12 26.37 -46.23
N HIS B 156 22.61 27.31 -47.01
CA HIS B 156 21.37 28.01 -46.69
C HIS B 156 20.26 27.37 -47.51
N TYR B 157 19.11 27.16 -46.89
CA TYR B 157 18.02 26.45 -47.53
C TYR B 157 16.67 26.80 -46.92
N ALA B 158 15.62 26.54 -47.68
CA ALA B 158 14.24 26.68 -47.22
C ALA B 158 13.44 25.40 -47.47
N GLY B 159 12.37 25.23 -46.71
CA GLY B 159 11.51 24.07 -46.88
C GLY B 159 10.17 24.26 -46.22
N ASN B 160 9.20 23.45 -46.64
CA ASN B 160 7.87 23.42 -46.04
C ASN B 160 7.86 22.33 -44.97
N LEU B 161 7.29 22.62 -43.79
CA LEU B 161 7.07 21.60 -42.77
C LEU B 161 6.31 20.46 -43.42
N SER B 162 6.70 19.22 -43.13
CA SER B 162 6.02 18.07 -43.73
C SER B 162 4.64 17.87 -43.11
N GLU B 163 3.71 17.34 -43.92
CA GLU B 163 2.36 17.01 -43.47
C GLU B 163 2.22 15.50 -43.19
N THR B 164 3.26 14.74 -43.51
CA THR B 164 3.21 13.27 -43.49
C THR B 164 3.80 12.63 -42.21
N PHE B 165 3.93 13.41 -41.14
CA PHE B 165 4.43 12.93 -39.86
C PHE B 165 5.84 12.31 -39.93
N HIS B 166 6.67 12.82 -40.83
CA HIS B 166 8.02 12.32 -41.01
C HIS B 166 8.95 13.50 -41.29
N GLY B 167 10.12 13.51 -40.66
CA GLY B 167 11.03 14.63 -40.79
C GLY B 167 10.65 15.73 -39.82
N PHE B 168 10.60 16.97 -40.31
CA PHE B 168 10.21 18.12 -39.50
C PHE B 168 8.79 18.43 -39.89
N TYR B 169 7.84 18.15 -39.00
CA TYR B 169 6.42 18.09 -39.42
C TYR B 169 5.42 18.83 -38.53
N LYS B 170 4.34 19.28 -39.18
CA LYS B 170 3.22 19.93 -38.51
C LYS B 170 2.34 18.88 -37.85
N SER B 171 2.06 19.11 -36.57
CA SER B 171 1.11 18.31 -35.83
C SER B 171 0.12 19.28 -35.21
N THR B 172 -1.09 18.81 -34.93
CA THR B 172 -2.19 19.67 -34.48
C THR B 172 -2.98 19.05 -33.33
N TYR B 173 -3.60 19.91 -32.52
CA TYR B 173 -4.40 19.44 -31.39
C TYR B 173 -5.44 20.47 -30.95
N ARG B 174 -6.55 19.98 -30.39
CA ARG B 174 -7.66 20.84 -29.99
C ARG B 174 -7.73 21.03 -28.47
N THR B 175 -7.75 22.30 -28.04
CA THR B 175 -7.85 22.62 -26.62
C THR B 175 -9.26 22.33 -26.08
N LYS B 176 -9.38 22.17 -24.77
CA LYS B 176 -10.67 21.89 -24.12
C LYS B 176 -11.72 22.97 -24.42
N GLU B 177 -11.26 24.21 -24.63
CA GLU B 177 -12.14 25.30 -25.04
C GLU B 177 -12.30 25.41 -26.57
N GLY B 178 -12.07 24.30 -27.29
CA GLY B 178 -12.41 24.20 -28.71
C GLY B 178 -11.35 24.55 -29.76
N GLU B 179 -10.50 25.53 -29.44
CA GLU B 179 -9.52 26.08 -30.40
C GLU B 179 -8.47 25.09 -30.90
N LEU B 180 -8.10 25.27 -32.17
CA LEU B 180 -7.09 24.44 -32.83
C LEU B 180 -5.70 25.05 -32.69
N ARG B 181 -4.73 24.21 -32.32
CA ARG B 181 -3.36 24.66 -32.10
C ARG B 181 -2.38 23.78 -32.86
N ILE B 182 -1.30 24.41 -33.33
CA ILE B 182 -0.29 23.73 -34.13
C ILE B 182 1.01 23.56 -33.34
N LEU B 183 1.73 22.48 -33.64
CA LEU B 183 3.06 22.25 -33.10
C LEU B 183 3.98 21.66 -34.17
N ALA B 184 5.27 21.95 -34.05
CA ALA B 184 6.28 21.42 -34.97
C ALA B 184 7.16 20.44 -34.22
N SER B 185 7.48 19.33 -34.88
CA SER B 185 8.11 18.18 -34.24
C SER B 185 8.99 17.43 -35.26
N THR B 186 9.92 16.62 -34.77
CA THR B 186 10.81 15.85 -35.63
C THR B 186 10.59 14.35 -35.52
N GLN B 187 10.85 13.64 -36.61
CA GLN B 187 10.96 12.19 -36.58
C GLN B 187 11.92 11.77 -37.69
N PHE B 188 13.19 11.59 -37.36
CA PHE B 188 14.18 11.39 -38.42
C PHE B 188 14.51 9.92 -38.69
N GLU B 189 14.16 9.00 -37.77
CA GLU B 189 14.47 7.58 -38.00
C GLU B 189 13.60 7.02 -39.11
N PRO B 190 14.20 6.39 -40.14
CA PRO B 190 15.64 6.19 -40.36
C PRO B 190 16.36 7.32 -41.10
N THR B 191 15.71 7.91 -42.11
CA THR B 191 16.40 8.76 -43.07
C THR B 191 15.72 10.09 -43.33
N ALA B 192 15.13 10.67 -42.29
CA ALA B 192 14.31 11.89 -42.42
C ALA B 192 14.95 13.13 -41.83
N ALA B 193 16.18 13.02 -41.30
CA ALA B 193 16.90 14.21 -40.87
C ALA B 193 17.21 15.06 -42.08
N ARG B 194 17.42 14.41 -43.21
CA ARG B 194 17.66 15.09 -44.49
C ARG B 194 16.46 15.94 -44.95
N MET B 195 15.28 15.74 -44.34
CA MET B 195 14.11 16.57 -44.63
C MET B 195 14.10 17.84 -43.79
N ALA B 196 15.00 17.94 -42.80
CA ALA B 196 15.06 19.08 -41.88
C ALA B 196 16.30 19.95 -42.14
N PHE B 197 17.40 19.30 -42.47
CA PHE B 197 18.64 19.98 -42.74
C PHE B 197 19.51 19.02 -43.51
N PRO B 198 20.27 19.52 -44.49
CA PRO B 198 21.10 18.62 -45.29
C PRO B 198 22.19 18.04 -44.40
N CYS B 199 22.59 16.81 -44.67
CA CYS B 199 23.56 16.15 -43.83
C CYS B 199 24.04 14.83 -44.41
N PHE B 200 25.05 14.27 -43.76
CA PHE B 200 25.51 12.92 -44.03
C PHE B 200 24.62 12.00 -43.19
N ASP B 201 23.42 11.76 -43.74
CA ASP B 201 22.34 11.07 -43.03
C ASP B 201 22.47 9.55 -43.14
N GLU B 202 23.56 9.04 -42.58
CA GLU B 202 23.73 7.62 -42.30
C GLU B 202 24.22 7.51 -40.85
N PRO B 203 23.80 6.47 -40.14
CA PRO B 203 23.96 6.48 -38.70
C PRO B 203 25.40 6.33 -38.23
N ALA B 204 26.30 5.87 -39.09
CA ALA B 204 27.72 5.76 -38.73
C ALA B 204 28.52 7.04 -38.97
N PHE B 205 27.97 8.02 -39.67
CA PHE B 205 28.61 9.32 -39.81
C PHE B 205 28.28 10.18 -38.60
N LYS B 206 28.73 9.76 -37.41
CA LYS B 206 28.32 10.45 -36.20
C LYS B 206 29.04 11.80 -36.15
N ALA B 207 28.45 12.75 -35.46
CA ALA B 207 28.99 14.10 -35.34
C ALA B 207 28.34 14.78 -34.16
N SER B 208 28.81 15.99 -33.85
CA SER B 208 28.25 16.77 -32.75
C SER B 208 27.36 17.81 -33.34
N PHE B 209 26.26 18.12 -32.64
CA PHE B 209 25.27 19.05 -33.17
C PHE B 209 25.03 20.21 -32.20
N SER B 210 25.34 21.42 -32.70
CA SER B 210 24.91 22.67 -32.07
C SER B 210 23.68 23.16 -32.79
N ILE B 211 22.54 23.13 -32.11
CA ILE B 211 21.26 23.45 -32.70
C ILE B 211 20.75 24.77 -32.15
N LYS B 212 20.32 25.65 -33.06
CA LYS B 212 19.71 26.93 -32.70
C LYS B 212 18.33 27.01 -33.33
N ILE B 213 17.29 27.15 -32.50
CA ILE B 213 15.91 27.22 -33.00
C ILE B 213 15.36 28.61 -32.79
N ARG B 214 14.71 29.15 -33.83
CA ARG B 214 14.06 30.47 -33.75
C ARG B 214 12.54 30.36 -33.71
N ARG B 215 11.95 30.94 -32.68
CA ARG B 215 10.50 30.82 -32.45
C ARG B 215 9.91 32.09 -31.84
N GLU B 216 8.58 32.20 -31.94
CA GLU B 216 7.82 33.28 -31.33
C GLU B 216 7.83 33.13 -29.81
N PRO B 217 7.70 34.23 -29.06
CA PRO B 217 7.74 34.11 -27.59
C PRO B 217 6.58 33.25 -27.06
N ARG B 218 5.49 33.28 -27.82
CA ARG B 218 4.37 32.35 -27.69
C ARG B 218 4.78 30.88 -27.43
N HIS B 219 5.85 30.45 -28.08
CA HIS B 219 6.24 29.04 -28.11
C HIS B 219 7.42 28.68 -27.23
N LEU B 220 7.66 27.38 -27.12
CA LEU B 220 8.74 26.79 -26.38
C LEU B 220 9.45 25.81 -27.32
N ALA B 221 10.78 25.84 -27.32
CA ALA B 221 11.58 24.88 -28.10
C ALA B 221 12.34 23.98 -27.15
N ILE B 222 12.27 22.68 -27.40
CA ILE B 222 13.16 21.73 -26.73
C ILE B 222 13.88 20.88 -27.77
N SER B 223 15.03 20.36 -27.39
CA SER B 223 15.86 19.59 -28.29
C SER B 223 16.69 18.58 -27.49
N ASN B 224 17.63 17.92 -28.15
CA ASN B 224 18.42 16.85 -27.54
C ASN B 224 19.09 17.30 -26.24
N MET B 225 19.83 18.41 -26.31
CA MET B 225 20.56 18.94 -25.14
C MET B 225 19.75 20.01 -24.43
N PRO B 226 20.18 20.45 -23.23
CA PRO B 226 19.48 21.53 -22.54
C PRO B 226 19.60 22.86 -23.26
N LEU B 227 18.69 23.78 -22.94
CA LEU B 227 18.72 25.15 -23.47
C LEU B 227 19.82 25.95 -22.75
N VAL B 228 20.75 26.51 -23.51
CA VAL B 228 21.86 27.25 -22.92
C VAL B 228 21.54 28.73 -22.75
N LYS B 229 20.93 29.33 -23.76
CA LYS B 229 20.49 30.72 -23.69
C LYS B 229 19.37 31.00 -24.70
N SER B 230 18.48 31.94 -24.36
CA SER B 230 17.48 32.42 -25.30
C SER B 230 17.82 33.88 -25.56
N VAL B 231 17.87 34.26 -26.83
CA VAL B 231 18.30 35.61 -27.22
C VAL B 231 17.28 36.24 -28.14
N THR B 232 16.84 37.45 -27.79
CA THR B 232 15.86 38.16 -28.61
C THR B 232 16.55 38.76 -29.82
N VAL B 233 16.27 38.21 -31.00
CA VAL B 233 16.87 38.66 -32.25
C VAL B 233 16.02 39.71 -32.96
N ALA B 234 14.77 39.87 -32.54
CA ALA B 234 13.84 40.83 -33.17
C ALA B 234 12.56 41.01 -32.34
N GLU B 235 11.65 41.84 -32.84
CA GLU B 235 10.34 42.00 -32.18
C GLU B 235 9.59 40.68 -32.31
N GLY B 236 9.40 40.01 -31.17
CA GLY B 236 8.68 38.74 -31.15
C GLY B 236 9.37 37.64 -31.93
N LEU B 237 10.70 37.63 -31.86
CA LEU B 237 11.50 36.57 -32.48
C LEU B 237 12.65 36.19 -31.56
N ILE B 238 12.55 35.02 -30.97
CA ILE B 238 13.55 34.56 -30.02
C ILE B 238 14.38 33.45 -30.64
N GLU B 239 15.66 33.41 -30.30
CA GLU B 239 16.59 32.39 -30.79
C GLU B 239 17.03 31.56 -29.62
N ASP B 240 16.61 30.31 -29.59
CA ASP B 240 17.00 29.37 -28.55
C ASP B 240 18.32 28.72 -28.94
N HIS B 241 19.29 28.79 -28.03
CA HIS B 241 20.62 28.21 -28.23
C HIS B 241 20.76 26.99 -27.34
N PHE B 242 20.78 25.82 -27.98
CA PHE B 242 20.90 24.56 -27.24
C PHE B 242 22.34 24.13 -27.18
N ASP B 243 22.70 23.55 -26.05
CA ASP B 243 24.07 23.14 -25.79
C ASP B 243 24.47 22.14 -26.86
N VAL B 244 25.75 22.13 -27.22
CA VAL B 244 26.21 21.20 -28.25
C VAL B 244 26.07 19.75 -27.74
N THR B 245 25.60 18.85 -28.60
CA THR B 245 25.44 17.45 -28.22
C THR B 245 26.80 16.78 -28.13
N VAL B 246 26.85 15.67 -27.41
CA VAL B 246 27.94 14.73 -27.60
C VAL B 246 27.85 14.16 -29.04
N LYS B 247 28.95 13.54 -29.49
CA LYS B 247 28.99 12.90 -30.81
C LYS B 247 27.83 11.90 -30.94
N MET B 248 27.06 11.99 -32.03
CA MET B 248 25.84 11.19 -32.16
C MET B 248 25.39 11.07 -33.60
N SER B 249 24.40 10.21 -33.83
CA SER B 249 23.88 9.95 -35.17
C SER B 249 22.75 10.92 -35.55
N THR B 250 22.68 11.26 -36.84
CA THR B 250 21.73 12.26 -37.34
C THR B 250 20.28 11.91 -37.06
N TYR B 251 19.95 10.62 -37.11
CA TYR B 251 18.54 10.17 -36.99
C TYR B 251 17.99 10.28 -35.56
N LEU B 252 18.87 10.44 -34.59
CA LEU B 252 18.48 10.64 -33.19
C LEU B 252 18.30 12.12 -32.83
N VAL B 253 18.70 13.04 -33.72
CA VAL B 253 18.57 14.47 -33.45
C VAL B 253 17.11 14.88 -33.45
N ALA B 254 16.70 15.60 -32.41
CA ALA B 254 15.30 15.98 -32.27
C ALA B 254 15.13 17.43 -31.86
N PHE B 255 14.03 18.03 -32.30
CA PHE B 255 13.57 19.29 -31.73
C PHE B 255 12.06 19.47 -31.87
N ILE B 256 11.47 20.08 -30.86
CA ILE B 256 10.04 20.31 -30.80
C ILE B 256 9.79 21.80 -30.59
N ILE B 257 8.98 22.39 -31.46
CA ILE B 257 8.51 23.77 -31.31
C ILE B 257 7.04 23.70 -30.92
N SER B 258 6.73 24.05 -29.68
CA SER B 258 5.42 23.78 -29.12
C SER B 258 5.01 24.80 -28.09
N ASP B 259 3.88 24.53 -27.45
CA ASP B 259 3.37 25.31 -26.35
C ASP B 259 3.09 24.39 -25.16
N PHE B 260 3.79 23.26 -25.11
CA PHE B 260 3.59 22.29 -24.05
C PHE B 260 3.97 22.84 -22.69
N GLU B 261 3.21 22.47 -21.67
CA GLU B 261 3.64 22.64 -20.30
C GLU B 261 4.42 21.41 -19.93
N SER B 262 5.00 21.39 -18.74
CA SER B 262 5.82 20.26 -18.36
C SER B 262 5.95 20.09 -16.86
N VAL B 263 6.38 18.88 -16.48
CA VAL B 263 6.70 18.54 -15.10
C VAL B 263 8.03 17.82 -15.09
N SER B 264 8.72 17.90 -13.97
CA SER B 264 10.11 17.47 -13.86
C SER B 264 10.40 16.78 -12.53
N LYS B 265 11.47 16.00 -12.54
CA LYS B 265 11.91 15.25 -11.37
C LYS B 265 13.40 14.97 -11.58
N ILE B 266 14.18 15.03 -10.49
CA ILE B 266 15.62 14.76 -10.56
C ILE B 266 15.89 13.35 -10.13
N THR B 267 16.79 12.65 -10.84
CA THR B 267 17.20 11.32 -10.43
C THR B 267 18.24 11.45 -9.35
N LYS B 268 18.46 10.37 -8.58
CA LYS B 268 19.52 10.36 -7.58
C LYS B 268 20.85 10.78 -8.22
N SER B 269 21.09 10.35 -9.46
CA SER B 269 22.28 10.70 -10.22
C SER B 269 22.40 12.20 -10.55
N GLY B 270 21.31 12.93 -10.45
CA GLY B 270 21.29 14.37 -10.71
C GLY B 270 20.79 14.73 -12.09
N VAL B 271 20.24 13.75 -12.82
CA VAL B 271 19.69 14.00 -14.14
C VAL B 271 18.30 14.59 -14.02
N LYS B 272 18.04 15.67 -14.76
CA LYS B 272 16.72 16.30 -14.78
C LYS B 272 15.84 15.59 -15.80
N VAL B 273 14.89 14.80 -15.29
CA VAL B 273 13.93 14.12 -16.15
C VAL B 273 12.64 14.96 -16.18
N SER B 274 12.08 15.14 -17.38
CA SER B 274 10.88 15.96 -17.58
C SER B 274 9.94 15.30 -18.57
N VAL B 275 8.64 15.38 -18.29
CA VAL B 275 7.64 14.97 -19.28
C VAL B 275 6.92 16.21 -19.75
N TYR B 276 6.75 16.31 -21.06
CA TYR B 276 6.10 17.45 -21.69
C TYR B 276 4.79 16.98 -22.26
N ALA B 277 3.76 17.79 -22.11
CA ALA B 277 2.45 17.48 -22.66
C ALA B 277 1.73 18.77 -23.01
N VAL B 278 0.67 18.67 -23.80
CA VAL B 278 -0.22 19.80 -24.02
C VAL B 278 -0.82 20.19 -22.67
N PRO B 279 -1.06 21.50 -22.45
CA PRO B 279 -1.45 22.00 -21.14
C PRO B 279 -2.65 21.28 -20.52
N ASP B 280 -3.62 20.89 -21.35
CA ASP B 280 -4.80 20.18 -20.86
C ASP B 280 -4.45 18.87 -20.17
N LYS B 281 -3.58 18.08 -20.80
CA LYS B 281 -3.28 16.72 -20.36
C LYS B 281 -2.02 16.59 -19.49
N ILE B 282 -1.35 17.71 -19.18
CA ILE B 282 -0.10 17.66 -18.40
C ILE B 282 -0.28 17.06 -17.00
N ASN B 283 -1.51 17.04 -16.49
CA ASN B 283 -1.82 16.32 -15.24
C ASN B 283 -1.76 14.79 -15.40
N GLN B 284 -1.88 14.32 -16.63
CA GLN B 284 -1.79 12.89 -16.94
C GLN B 284 -0.34 12.38 -17.08
N ALA B 285 0.64 13.25 -16.89
CA ALA B 285 2.06 12.90 -17.09
C ALA B 285 2.77 12.37 -15.84
N ASP B 286 2.13 12.47 -14.68
CA ASP B 286 2.78 12.10 -13.41
C ASP B 286 3.25 10.65 -13.35
N TYR B 287 2.51 9.73 -13.97
CA TYR B 287 2.89 8.33 -13.92
C TYR B 287 4.15 8.09 -14.72
N ALA B 288 4.14 8.54 -15.98
CA ALA B 288 5.30 8.39 -16.87
C ALA B 288 6.56 8.98 -16.24
N LEU B 289 6.45 10.15 -15.64
CA LEU B 289 7.59 10.81 -15.03
C LEU B 289 8.23 9.96 -13.94
N ASP B 290 7.42 9.47 -12.99
CA ASP B 290 7.91 8.60 -11.93
C ASP B 290 8.54 7.31 -12.48
N ALA B 291 7.95 6.79 -13.55
CA ALA B 291 8.47 5.61 -14.23
C ALA B 291 9.84 5.89 -14.86
N ALA B 292 9.91 6.99 -15.61
CA ALA B 292 11.12 7.39 -16.33
C ALA B 292 12.31 7.46 -15.39
N VAL B 293 12.12 8.12 -14.25
CA VAL B 293 13.20 8.27 -13.26
C VAL B 293 13.65 6.93 -12.70
N THR B 294 12.71 6.07 -12.33
CA THR B 294 13.07 4.75 -11.81
C THR B 294 13.89 3.96 -12.83
N LEU B 295 13.37 3.86 -14.04
CA LEU B 295 14.03 3.15 -15.13
C LEU B 295 15.39 3.76 -15.49
N LEU B 296 15.45 5.08 -15.53
CA LEU B 296 16.71 5.76 -15.82
C LEU B 296 17.74 5.35 -14.79
N GLU B 297 17.35 5.42 -13.51
CA GLU B 297 18.18 4.95 -12.39
C GLU B 297 18.53 3.47 -12.51
N PHE B 298 17.58 2.65 -12.93
CA PHE B 298 17.84 1.23 -13.14
C PHE B 298 18.93 1.00 -14.17
N TYR B 299 18.79 1.68 -15.32
CA TYR B 299 19.68 1.46 -16.46
C TYR B 299 21.08 1.95 -16.19
N GLU B 300 21.21 3.08 -15.49
CA GLU B 300 22.51 3.53 -14.99
C GLU B 300 23.24 2.42 -14.22
N ASP B 301 22.50 1.75 -13.35
CA ASP B 301 23.07 0.70 -12.53
C ASP B 301 23.41 -0.53 -13.37
N TYR B 302 22.47 -0.94 -14.23
CA TYR B 302 22.63 -2.14 -15.05
C TYR B 302 23.81 -2.00 -16.01
N PHE B 303 23.80 -0.94 -16.80
CA PHE B 303 24.83 -0.70 -17.80
C PHE B 303 26.17 -0.24 -17.20
N SER B 304 26.16 0.13 -15.92
CA SER B 304 27.36 0.64 -15.23
C SER B 304 27.95 1.87 -15.92
N ILE B 305 27.09 2.66 -16.54
CA ILE B 305 27.51 3.82 -17.31
C ILE B 305 26.48 4.90 -17.00
N PRO B 306 26.94 6.06 -16.50
CA PRO B 306 25.97 7.10 -16.18
C PRO B 306 25.23 7.58 -17.41
N TYR B 307 23.99 8.03 -17.23
CA TYR B 307 23.20 8.54 -18.34
C TYR B 307 24.07 9.59 -19.06
N PRO B 308 24.39 9.34 -20.35
CA PRO B 308 25.38 10.16 -21.07
C PRO B 308 25.07 11.65 -21.20
N LEU B 309 23.80 12.02 -21.35
CA LEU B 309 23.42 13.42 -21.54
C LEU B 309 23.05 14.03 -20.17
N PRO B 310 22.80 15.35 -20.13
CA PRO B 310 22.52 15.96 -18.83
C PRO B 310 21.06 15.97 -18.41
N LYS B 311 20.14 15.71 -19.33
CA LYS B 311 18.69 15.74 -19.05
C LYS B 311 17.89 14.87 -20.02
N GLN B 312 16.90 14.16 -19.49
CA GLN B 312 16.01 13.33 -20.29
C GLN B 312 14.62 13.95 -20.32
N ASP B 313 14.20 14.41 -21.49
CA ASP B 313 12.86 14.92 -21.68
C ASP B 313 12.03 13.87 -22.43
N LEU B 314 10.82 13.64 -21.95
CA LEU B 314 9.84 12.78 -22.62
C LEU B 314 8.73 13.70 -23.13
N ALA B 315 8.27 13.50 -24.36
CA ALA B 315 7.26 14.39 -24.96
C ALA B 315 6.10 13.60 -25.51
N ALA B 316 4.89 14.04 -25.17
CA ALA B 316 3.66 13.41 -25.65
C ALA B 316 3.12 14.18 -26.85
N ILE B 317 3.60 13.81 -28.04
CA ILE B 317 3.23 14.49 -29.29
C ILE B 317 1.85 14.02 -29.72
N PRO B 318 0.91 14.95 -30.00
CA PRO B 318 -0.49 14.61 -30.25
C PRO B 318 -0.80 13.57 -31.34
N ASP B 319 -0.54 13.88 -32.61
CA ASP B 319 -0.98 13.00 -33.70
C ASP B 319 0.18 12.09 -34.16
N PHE B 320 0.93 11.58 -33.19
CA PHE B 320 2.17 10.86 -33.46
C PHE B 320 1.86 9.55 -34.17
N GLN B 321 2.48 9.34 -35.33
CA GLN B 321 2.14 8.19 -36.19
C GLN B 321 3.11 7.01 -36.05
N SER B 322 4.35 7.26 -35.66
CA SER B 322 5.16 6.17 -35.12
C SER B 322 4.58 5.83 -33.74
N GLY B 323 5.25 4.97 -32.98
CA GLY B 323 4.78 4.65 -31.62
C GLY B 323 5.45 5.52 -30.56
N ALA B 324 6.75 5.32 -30.45
CA ALA B 324 7.62 6.14 -29.60
C ALA B 324 8.99 6.10 -30.27
N MET B 325 9.77 7.15 -30.08
CA MET B 325 11.10 7.24 -30.67
C MET B 325 12.13 7.60 -29.61
N GLU B 326 13.35 7.12 -29.78
CA GLU B 326 14.39 7.26 -28.76
C GLU B 326 15.32 8.44 -29.00
N ASN B 327 14.81 9.52 -29.56
CA ASN B 327 15.65 10.69 -29.81
C ASN B 327 16.46 10.98 -28.55
N TRP B 328 17.76 11.18 -28.73
CA TRP B 328 18.69 11.22 -27.60
C TRP B 328 18.48 12.47 -26.75
N GLY B 329 18.09 12.26 -25.49
CA GLY B 329 17.78 13.36 -24.59
C GLY B 329 16.37 13.90 -24.68
N LEU B 330 15.66 13.56 -25.75
CA LEU B 330 14.31 14.05 -25.99
C LEU B 330 13.49 12.94 -26.64
N THR B 331 13.08 11.95 -25.85
CA THR B 331 12.23 10.88 -26.33
C THR B 331 10.80 11.39 -26.60
N THR B 332 10.19 10.88 -27.66
CA THR B 332 8.85 11.30 -28.07
C THR B 332 7.92 10.08 -28.10
N TYR B 333 6.70 10.25 -27.62
CA TYR B 333 5.72 9.16 -27.50
C TYR B 333 4.33 9.61 -28.01
N ARG B 334 3.51 8.69 -28.51
CA ARG B 334 2.11 9.05 -28.74
C ARG B 334 1.45 9.21 -27.39
N GLU B 335 0.48 10.11 -27.29
CA GLU B 335 -0.10 10.48 -25.99
C GLU B 335 -0.66 9.26 -25.27
N SER B 336 -1.37 8.41 -26.03
CA SER B 336 -1.84 7.10 -25.57
C SER B 336 -0.77 6.34 -24.81
N ALA B 337 0.44 6.31 -25.36
CA ALA B 337 1.51 5.45 -24.87
C ALA B 337 2.28 6.01 -23.67
N LEU B 338 1.92 7.19 -23.17
CA LEU B 338 2.71 7.84 -22.12
C LEU B 338 1.85 8.47 -21.04
N LEU B 339 0.76 9.13 -21.47
CA LEU B 339 -0.15 9.79 -20.56
C LEU B 339 -1.22 8.83 -20.06
N PHE B 340 -1.61 9.08 -18.80
CA PHE B 340 -2.48 8.22 -18.01
C PHE B 340 -3.30 9.05 -16.99
N ASP B 341 -4.61 9.11 -17.22
CA ASP B 341 -5.53 9.88 -16.38
C ASP B 341 -5.93 9.08 -15.15
N ALA B 342 -5.46 9.50 -13.98
CA ALA B 342 -5.75 8.76 -12.74
C ALA B 342 -7.24 8.56 -12.48
N GLU B 343 -8.04 9.52 -12.92
CA GLU B 343 -9.49 9.39 -12.87
C GLU B 343 -9.95 8.32 -13.87
N LYS B 344 -9.76 8.57 -15.16
CA LYS B 344 -10.47 7.82 -16.21
C LYS B 344 -9.64 6.77 -16.98
N SER B 345 -8.47 6.39 -16.49
CA SER B 345 -7.66 5.34 -17.15
C SER B 345 -7.77 3.98 -16.45
N SER B 346 -7.44 2.92 -17.19
CA SER B 346 -7.40 1.57 -16.65
C SER B 346 -5.96 1.21 -16.31
N ALA B 347 -5.74 0.50 -15.21
CA ALA B 347 -4.40 0.08 -14.81
C ALA B 347 -3.72 -0.84 -15.82
N SER B 348 -4.49 -1.39 -16.75
CA SER B 348 -3.95 -2.13 -17.90
C SER B 348 -2.99 -1.27 -18.68
N SER B 349 -3.36 0.00 -18.84
CA SER B 349 -2.55 0.96 -19.57
C SER B 349 -1.14 1.12 -19.01
N LYS B 350 -0.98 0.86 -17.71
CA LYS B 350 0.29 1.09 -17.03
C LYS B 350 1.41 0.21 -17.53
N LEU B 351 1.10 -1.02 -17.92
CA LEU B 351 2.11 -1.87 -18.55
C LEU B 351 2.64 -1.20 -19.81
N GLY B 352 1.73 -0.84 -20.71
CA GLY B 352 2.11 -0.21 -21.98
C GLY B 352 2.88 1.09 -21.86
N ILE B 353 2.62 1.85 -20.82
CA ILE B 353 3.37 3.08 -20.57
C ILE B 353 4.78 2.74 -20.11
N THR B 354 4.89 1.95 -19.06
CA THR B 354 6.18 1.61 -18.47
C THR B 354 7.06 0.94 -19.53
N MET B 355 6.50 -0.01 -20.26
CA MET B 355 7.26 -0.73 -21.27
C MET B 355 7.70 0.18 -22.41
N THR B 356 6.86 1.12 -22.83
CA THR B 356 7.27 2.05 -23.89
C THR B 356 8.38 2.95 -23.39
N VAL B 357 8.16 3.59 -22.23
CA VAL B 357 9.20 4.44 -21.64
C VAL B 357 10.49 3.65 -21.43
N ALA B 358 10.37 2.40 -20.99
CA ALA B 358 11.56 1.56 -20.67
C ALA B 358 12.32 1.14 -21.93
N HIS B 359 11.58 0.94 -23.01
CA HIS B 359 12.17 0.64 -24.30
C HIS B 359 13.01 1.82 -24.81
N GLU B 360 12.44 3.02 -24.74
CA GLU B 360 13.10 4.21 -25.27
C GLU B 360 14.30 4.65 -24.43
N LEU B 361 14.16 4.57 -23.11
CA LEU B 361 15.27 4.86 -22.20
C LEU B 361 16.42 3.86 -22.38
N ALA B 362 16.08 2.60 -22.62
CA ALA B 362 17.10 1.59 -22.91
C ALA B 362 17.98 2.01 -24.08
N HIS B 363 17.38 2.61 -25.10
CA HIS B 363 18.15 3.06 -26.27
C HIS B 363 19.15 4.18 -25.95
N GLN B 364 18.92 4.93 -24.87
CA GLN B 364 19.76 6.08 -24.54
C GLN B 364 21.18 5.62 -24.26
N TRP B 365 21.33 4.35 -23.87
CA TRP B 365 22.62 3.68 -23.85
C TRP B 365 22.75 2.78 -25.09
N PHE B 366 21.90 1.76 -25.18
CA PHE B 366 22.02 0.76 -26.23
C PHE B 366 21.31 1.20 -27.51
N GLY B 367 22.04 1.89 -28.38
CA GLY B 367 21.48 2.44 -29.61
C GLY B 367 21.98 3.85 -29.89
N ASN B 368 22.05 4.64 -28.82
CA ASN B 368 22.48 6.03 -28.95
C ASN B 368 23.92 6.25 -28.52
N LEU B 369 24.29 5.67 -27.38
CA LEU B 369 25.67 5.68 -26.92
C LEU B 369 26.50 4.78 -27.81
N VAL B 370 25.99 3.58 -28.07
CA VAL B 370 26.58 2.67 -29.05
C VAL B 370 25.57 2.43 -30.15
N THR B 371 25.88 2.87 -31.36
CA THR B 371 24.94 2.80 -32.48
C THR B 371 25.34 1.75 -33.50
N MET B 372 24.36 1.19 -34.19
CA MET B 372 24.60 0.24 -35.28
C MET B 372 25.33 0.94 -36.44
N GLU B 373 26.30 0.26 -37.06
CA GLU B 373 26.98 0.82 -38.24
C GLU B 373 26.00 1.02 -39.39
N TRP B 374 24.99 0.18 -39.47
CA TRP B 374 24.03 0.27 -40.54
C TRP B 374 22.72 -0.41 -40.15
N TRP B 375 21.67 -0.13 -40.92
CA TRP B 375 20.31 -0.59 -40.63
C TRP B 375 20.11 -2.11 -40.68
N ASN B 376 21.06 -2.82 -41.24
CA ASN B 376 21.02 -4.27 -41.22
C ASN B 376 21.12 -4.87 -39.82
N ASP B 377 21.50 -4.06 -38.85
CA ASP B 377 21.57 -4.49 -37.46
C ASP B 377 20.53 -3.77 -36.60
N LEU B 378 19.51 -3.22 -37.24
CA LEU B 378 18.43 -2.58 -36.51
C LEU B 378 17.74 -3.62 -35.63
N TRP B 379 17.66 -4.85 -36.13
CA TRP B 379 17.01 -5.93 -35.40
C TRP B 379 17.64 -6.13 -34.03
N LEU B 380 18.95 -5.95 -33.93
CA LEU B 380 19.64 -6.15 -32.65
C LEU B 380 19.29 -5.00 -31.72
N ASN B 381 19.39 -3.79 -32.24
CA ASN B 381 19.04 -2.58 -31.51
C ASN B 381 17.68 -2.75 -30.85
N GLU B 382 16.68 -3.06 -31.65
CA GLU B 382 15.30 -3.13 -31.18
C GLU B 382 15.03 -4.39 -30.37
N GLY B 383 15.59 -5.51 -30.81
CA GLY B 383 15.53 -6.71 -30.01
C GLY B 383 15.93 -6.43 -28.57
N PHE B 384 17.06 -5.74 -28.40
CA PHE B 384 17.62 -5.50 -27.07
C PHE B 384 16.81 -4.51 -26.28
N ALA B 385 16.29 -3.49 -26.95
CA ALA B 385 15.39 -2.54 -26.30
C ALA B 385 14.21 -3.31 -25.76
N LYS B 386 13.57 -4.09 -26.64
CA LYS B 386 12.43 -4.92 -26.26
C LYS B 386 12.80 -5.88 -25.12
N PHE B 387 13.99 -6.45 -25.18
CA PHE B 387 14.43 -7.37 -24.14
C PHE B 387 14.61 -6.62 -22.82
N MET B 388 15.19 -5.44 -22.89
CA MET B 388 15.37 -4.63 -21.69
C MET B 388 14.03 -4.17 -21.10
N GLU B 389 12.99 -4.03 -21.94
CA GLU B 389 11.65 -3.74 -21.43
C GLU B 389 11.32 -4.77 -20.36
N PHE B 390 11.48 -6.03 -20.75
CA PHE B 390 11.19 -7.17 -19.89
C PHE B 390 12.10 -7.20 -18.66
N VAL B 391 13.40 -7.02 -18.89
CA VAL B 391 14.39 -7.09 -17.82
C VAL B 391 14.23 -5.94 -16.82
N SER B 392 14.02 -4.74 -17.33
CA SER B 392 13.94 -3.56 -16.49
C SER B 392 12.63 -3.55 -15.70
N VAL B 393 11.51 -3.64 -16.42
CA VAL B 393 10.21 -3.47 -15.78
C VAL B 393 9.94 -4.57 -14.75
N SER B 394 10.37 -5.79 -15.03
CA SER B 394 10.22 -6.88 -14.06
C SER B 394 10.89 -6.57 -12.72
N VAL B 395 11.84 -5.63 -12.74
CA VAL B 395 12.55 -5.21 -11.53
C VAL B 395 12.01 -3.90 -10.96
N THR B 396 11.66 -2.94 -11.82
CA THR B 396 11.19 -1.63 -11.35
C THR B 396 9.72 -1.65 -10.98
N HIS B 397 8.90 -2.22 -11.85
CA HIS B 397 7.45 -2.31 -11.65
C HIS B 397 7.01 -3.78 -11.60
N PRO B 398 7.44 -4.52 -10.56
CA PRO B 398 7.13 -5.95 -10.54
C PRO B 398 5.62 -6.23 -10.58
N GLU B 399 4.83 -5.33 -9.99
CA GLU B 399 3.38 -5.50 -9.92
C GLU B 399 2.70 -5.54 -11.29
N LEU B 400 3.35 -4.99 -12.32
CA LEU B 400 2.80 -4.99 -13.68
C LEU B 400 2.87 -6.35 -14.34
N LYS B 401 3.70 -7.24 -13.81
CA LYS B 401 3.74 -8.61 -14.29
C LYS B 401 4.02 -8.62 -15.80
N VAL B 402 5.17 -8.05 -16.19
CA VAL B 402 5.58 -7.96 -17.60
C VAL B 402 5.80 -9.34 -18.24
N GLY B 403 6.19 -10.33 -17.43
CA GLY B 403 6.44 -11.66 -17.92
C GLY B 403 5.32 -12.15 -18.83
N ASP B 404 4.09 -12.02 -18.35
CA ASP B 404 2.93 -12.48 -19.08
C ASP B 404 2.89 -11.85 -20.48
N TYR B 405 3.15 -10.54 -20.58
CA TYR B 405 3.18 -9.92 -21.89
C TYR B 405 4.32 -10.47 -22.74
N PHE B 406 5.50 -10.55 -22.14
CA PHE B 406 6.70 -10.88 -22.89
C PHE B 406 6.63 -12.28 -23.47
N PHE B 407 6.44 -13.28 -22.62
CA PHE B 407 6.44 -14.67 -23.10
C PHE B 407 5.31 -14.92 -24.09
N GLY B 408 4.16 -14.30 -23.85
CA GLY B 408 3.08 -14.30 -24.82
C GLY B 408 3.59 -13.96 -26.22
N LYS B 409 4.34 -12.87 -26.32
CA LYS B 409 4.86 -12.44 -27.63
C LYS B 409 5.90 -13.40 -28.18
N CYS B 410 6.63 -14.08 -27.29
CA CYS B 410 7.61 -15.11 -27.73
C CYS B 410 6.90 -16.29 -28.35
N PHE B 411 5.81 -16.72 -27.72
CA PHE B 411 4.92 -17.75 -28.25
C PHE B 411 4.34 -17.39 -29.60
N ASP B 412 3.86 -16.15 -29.71
CA ASP B 412 3.37 -15.63 -30.98
C ASP B 412 4.46 -15.65 -32.04
N ALA B 413 5.66 -15.20 -31.64
CA ALA B 413 6.82 -15.25 -32.53
C ALA B 413 7.05 -16.69 -33.01
N MET B 414 7.01 -17.65 -32.08
CA MET B 414 7.22 -19.04 -32.45
C MET B 414 6.15 -19.58 -33.39
N GLU B 415 4.89 -19.17 -33.19
CA GLU B 415 3.79 -19.62 -34.05
C GLU B 415 4.05 -19.23 -35.49
N VAL B 416 4.53 -18.01 -35.70
CA VAL B 416 4.82 -17.51 -37.04
C VAL B 416 6.16 -18.04 -37.57
N ASP B 417 7.09 -18.31 -36.66
CA ASP B 417 8.44 -18.76 -37.03
C ASP B 417 8.42 -20.24 -37.46
N ALA B 418 7.42 -20.98 -37.01
CA ALA B 418 7.26 -22.39 -37.39
C ALA B 418 6.79 -22.56 -38.84
N LEU B 419 6.10 -21.57 -39.38
CA LEU B 419 5.63 -21.60 -40.77
C LEU B 419 6.78 -21.48 -41.75
N ASN B 420 6.66 -22.13 -42.90
CA ASN B 420 7.69 -22.07 -43.96
C ASN B 420 7.97 -20.64 -44.42
N SER B 421 6.95 -19.78 -44.30
CA SER B 421 6.98 -18.39 -44.78
C SER B 421 7.58 -17.39 -43.78
N SER B 422 8.52 -17.83 -42.95
CA SER B 422 9.26 -16.92 -42.08
C SER B 422 10.67 -16.66 -42.64
N HIS B 423 11.14 -15.44 -42.45
CA HIS B 423 12.49 -15.06 -42.84
C HIS B 423 13.36 -15.14 -41.60
N PRO B 424 14.69 -15.11 -41.78
CA PRO B 424 15.64 -14.98 -40.68
C PRO B 424 15.56 -13.61 -40.02
N VAL B 425 15.95 -13.53 -38.75
CA VAL B 425 15.92 -12.26 -38.02
C VAL B 425 16.87 -11.27 -38.67
N SER B 426 18.08 -11.72 -39.00
CA SER B 426 19.12 -10.87 -39.57
C SER B 426 19.11 -10.93 -41.10
N THR B 427 18.40 -9.98 -41.70
CA THR B 427 18.35 -9.80 -43.15
C THR B 427 19.34 -8.70 -43.56
N PRO B 428 19.89 -8.78 -44.78
CA PRO B 428 20.64 -7.63 -45.31
C PRO B 428 19.73 -6.48 -45.73
N VAL B 429 20.12 -5.25 -45.43
CA VAL B 429 19.35 -4.06 -45.80
C VAL B 429 20.19 -3.11 -46.64
N GLU B 430 19.94 -3.12 -47.96
CA GLU B 430 20.59 -2.20 -48.90
C GLU B 430 20.03 -0.77 -48.77
N ASN B 431 18.73 -0.66 -48.55
CA ASN B 431 17.99 0.61 -48.55
C ASN B 431 16.83 0.58 -47.55
N PRO B 432 16.85 1.46 -46.52
CA PRO B 432 15.74 1.45 -45.57
C PRO B 432 14.51 2.21 -46.09
N MET B 438 10.61 -1.72 -39.27
CA MET B 438 9.54 -1.09 -38.50
C MET B 438 9.95 -0.77 -37.04
N PHE B 439 8.95 -0.62 -36.17
CA PHE B 439 9.14 -0.51 -34.72
C PHE B 439 8.51 -1.73 -34.02
N ASP B 440 7.26 -2.02 -34.40
CA ASP B 440 6.54 -3.22 -33.93
C ASP B 440 6.66 -4.32 -35.00
N ASP B 441 7.39 -5.39 -34.68
CA ASP B 441 7.57 -6.46 -35.64
C ASP B 441 8.08 -7.72 -34.96
N VAL B 442 7.70 -8.86 -35.53
CA VAL B 442 7.95 -10.17 -34.93
C VAL B 442 9.45 -10.54 -34.88
N SER B 443 10.22 -10.05 -35.85
CA SER B 443 11.67 -10.30 -35.87
C SER B 443 12.36 -9.73 -34.63
N TYR B 444 11.87 -8.57 -34.17
CA TYR B 444 12.42 -7.91 -33.00
C TYR B 444 12.03 -8.69 -31.75
N ASP B 445 10.78 -9.15 -31.72
CA ASP B 445 10.27 -10.02 -30.66
C ASP B 445 11.13 -11.28 -30.55
N LYS B 446 11.36 -11.95 -31.67
CA LYS B 446 12.24 -13.11 -31.69
C LYS B 446 13.61 -12.76 -31.12
N GLY B 447 14.13 -11.62 -31.57
CA GLY B 447 15.43 -11.12 -31.15
C GLY B 447 15.49 -10.94 -29.65
N ALA B 448 14.41 -10.43 -29.07
CA ALA B 448 14.29 -10.32 -27.63
C ALA B 448 14.31 -11.70 -26.94
N CYS B 449 13.56 -12.65 -27.49
CA CYS B 449 13.53 -14.01 -26.95
C CYS B 449 14.91 -14.69 -27.01
N ILE B 450 15.56 -14.67 -28.17
CA ILE B 450 16.86 -15.35 -28.26
C ILE B 450 17.88 -14.66 -27.33
N LEU B 451 17.77 -13.34 -27.19
CA LEU B 451 18.60 -12.60 -26.22
C LEU B 451 18.34 -13.08 -24.80
N ASN B 452 17.05 -13.23 -24.46
CA ASN B 452 16.69 -13.78 -23.16
C ASN B 452 17.21 -15.21 -22.98
N MET B 453 17.07 -16.02 -24.03
CA MET B 453 17.58 -17.39 -24.02
C MET B 453 19.06 -17.36 -23.71
N LEU B 454 19.80 -16.48 -24.39
CA LEU B 454 21.24 -16.32 -24.14
C LEU B 454 21.53 -15.89 -22.70
N ARG B 455 20.77 -14.94 -22.18
CA ARG B 455 21.02 -14.42 -20.84
C ARG B 455 20.85 -15.47 -19.76
N GLU B 456 19.88 -16.36 -19.93
CA GLU B 456 19.65 -17.35 -18.90
C GLU B 456 20.68 -18.49 -19.02
N TYR B 457 21.30 -18.62 -20.18
CA TYR B 457 22.31 -19.67 -20.39
C TYR B 457 23.63 -19.26 -19.78
N LEU B 458 24.19 -18.13 -20.24
CA LEU B 458 25.26 -17.45 -19.52
C LEU B 458 24.54 -17.00 -18.26
N SER B 459 25.24 -16.65 -17.20
CA SER B 459 24.52 -16.12 -16.03
C SER B 459 23.80 -14.81 -16.43
N ALA B 460 22.89 -14.33 -15.57
CA ALA B 460 22.40 -12.96 -15.70
C ALA B 460 23.58 -12.00 -15.59
N ASP B 461 24.42 -12.21 -14.58
CA ASP B 461 25.58 -11.35 -14.31
C ASP B 461 26.64 -11.41 -15.43
N ALA B 462 26.87 -12.60 -15.98
CA ALA B 462 27.76 -12.73 -17.14
C ALA B 462 27.23 -11.90 -18.30
N PHE B 463 25.93 -12.02 -18.58
CA PHE B 463 25.30 -11.25 -19.65
C PHE B 463 25.38 -9.77 -19.35
N LYS B 464 25.18 -9.39 -18.09
CA LYS B 464 25.30 -7.99 -17.66
C LYS B 464 26.72 -7.48 -17.94
N SER B 465 27.73 -8.26 -17.61
CA SER B 465 29.11 -7.87 -17.88
C SER B 465 29.36 -7.67 -19.36
N GLY B 466 28.90 -8.61 -20.16
CA GLY B 466 29.07 -8.53 -21.61
C GLY B 466 28.56 -7.22 -22.14
N ILE B 467 27.34 -6.84 -21.71
CA ILE B 467 26.73 -5.60 -22.18
C ILE B 467 27.58 -4.43 -21.74
N VAL B 468 27.98 -4.44 -20.48
CA VAL B 468 28.75 -3.32 -19.92
C VAL B 468 30.04 -3.12 -20.73
N GLN B 469 30.79 -4.20 -20.91
CA GLN B 469 32.06 -4.11 -21.65
C GLN B 469 31.75 -3.58 -23.04
N TYR B 470 30.82 -4.23 -23.73
CA TYR B 470 30.39 -3.79 -25.06
C TYR B 470 30.13 -2.29 -25.13
N LEU B 471 29.32 -1.78 -24.19
CA LEU B 471 28.94 -0.38 -24.22
C LEU B 471 30.14 0.51 -23.93
N GLN B 472 30.92 0.16 -22.92
CA GLN B 472 32.13 0.91 -22.60
C GLN B 472 33.10 0.90 -23.80
N LYS B 473 33.33 -0.27 -24.38
CA LYS B 473 34.27 -0.38 -25.48
C LYS B 473 33.91 0.47 -26.70
N HIS B 474 32.64 0.46 -27.11
CA HIS B 474 32.25 1.12 -28.35
C HIS B 474 31.50 2.46 -28.17
N SER B 475 31.66 3.07 -27.01
CA SER B 475 30.93 4.29 -26.72
C SER B 475 31.23 5.35 -27.78
N TYR B 476 30.16 6.01 -28.25
CA TYR B 476 30.25 7.08 -29.27
C TYR B 476 30.84 6.60 -30.59
N LYS B 477 30.80 5.28 -30.82
CA LYS B 477 31.23 4.71 -32.07
C LYS B 477 30.06 3.90 -32.62
N ASN B 478 30.27 3.15 -33.71
CA ASN B 478 29.27 2.22 -34.20
C ASN B 478 29.75 0.78 -34.21
N THR B 479 28.83 -0.16 -34.37
CA THR B 479 29.14 -1.58 -34.23
C THR B 479 28.31 -2.45 -35.16
N LYS B 480 28.83 -3.64 -35.45
CA LYS B 480 28.05 -4.69 -36.09
C LYS B 480 27.59 -5.59 -34.96
N ASN B 481 26.53 -6.35 -35.20
CA ASN B 481 25.98 -7.23 -34.16
C ASN B 481 27.03 -8.23 -33.63
N GLU B 482 27.96 -8.63 -34.49
CA GLU B 482 29.02 -9.54 -34.07
C GLU B 482 29.86 -8.96 -32.93
N ASP B 483 29.96 -7.64 -32.89
CA ASP B 483 30.69 -6.97 -31.81
C ASP B 483 30.04 -7.18 -30.44
N LEU B 484 28.72 -7.31 -30.40
CA LEU B 484 28.03 -7.65 -29.14
C LEU B 484 28.39 -9.05 -28.74
N TRP B 485 28.28 -9.98 -29.68
CA TRP B 485 28.59 -11.38 -29.37
C TRP B 485 30.05 -11.54 -28.94
N ASP B 486 30.95 -10.76 -29.55
CA ASP B 486 32.36 -10.80 -29.18
C ASP B 486 32.55 -10.33 -27.75
N SER B 487 31.89 -9.24 -27.38
CA SER B 487 31.96 -8.75 -26.01
C SER B 487 31.37 -9.78 -25.04
N MET B 488 30.25 -10.37 -25.45
CA MET B 488 29.57 -11.37 -24.64
C MET B 488 30.47 -12.57 -24.44
N ALA B 489 31.18 -12.98 -25.48
CA ALA B 489 32.04 -14.16 -25.44
C ALA B 489 33.37 -13.98 -24.70
N SER B 490 33.52 -12.92 -23.90
CA SER B 490 34.75 -12.74 -23.10
C SER B 490 34.51 -12.28 -21.65
N ILE B 491 33.25 -12.29 -21.19
CA ILE B 491 32.92 -11.93 -19.81
C ILE B 491 33.14 -13.12 -18.87
N VAL B 521 32.28 -20.10 -24.05
CA VAL B 521 31.21 -20.28 -25.03
C VAL B 521 31.43 -19.39 -26.25
N ASP B 522 31.43 -20.00 -27.44
CA ASP B 522 31.55 -19.26 -28.69
C ASP B 522 30.20 -18.61 -28.99
N VAL B 523 29.96 -17.47 -28.36
CA VAL B 523 28.67 -16.79 -28.42
C VAL B 523 28.40 -16.37 -29.85
N LYS B 524 29.44 -15.87 -30.54
CA LYS B 524 29.30 -15.43 -31.93
C LYS B 524 28.79 -16.55 -32.83
N THR B 525 29.43 -17.71 -32.76
CA THR B 525 29.00 -18.83 -33.59
C THR B 525 27.62 -19.31 -33.18
N MET B 526 27.30 -19.23 -31.88
CA MET B 526 26.00 -19.66 -31.38
C MET B 526 24.92 -18.75 -31.93
N MET B 527 25.00 -17.47 -31.60
CA MET B 527 23.91 -16.56 -31.92
C MET B 527 23.72 -16.48 -33.41
N ASN B 528 24.78 -16.75 -34.17
CA ASN B 528 24.66 -16.76 -35.61
C ASN B 528 23.68 -17.82 -36.08
N THR B 529 23.63 -18.96 -35.37
CA THR B 529 22.68 -20.02 -35.71
C THR B 529 21.24 -19.56 -35.54
N TRP B 530 20.99 -18.71 -34.55
CA TRP B 530 19.64 -18.21 -34.28
C TRP B 530 19.24 -16.99 -35.12
N THR B 531 20.23 -16.23 -35.60
CA THR B 531 19.97 -15.00 -36.35
C THR B 531 20.04 -15.17 -37.87
N LEU B 532 20.82 -16.13 -38.36
CA LEU B 532 20.98 -16.32 -39.80
C LEU B 532 20.05 -17.38 -40.41
N GLN B 533 19.46 -18.25 -39.60
CA GLN B 533 18.52 -19.24 -40.12
C GLN B 533 17.15 -19.13 -39.45
N LYS B 534 16.11 -19.28 -40.27
CA LYS B 534 14.74 -19.09 -39.83
C LYS B 534 14.32 -20.18 -38.89
N GLY B 535 13.22 -19.97 -38.20
CA GLY B 535 12.65 -20.99 -37.33
C GLY B 535 13.50 -21.32 -36.12
N PHE B 536 13.18 -22.47 -35.52
CA PHE B 536 13.75 -22.90 -34.25
C PHE B 536 13.68 -24.42 -34.16
N PRO B 537 14.50 -25.03 -33.30
CA PRO B 537 14.55 -26.47 -33.27
C PRO B 537 13.55 -27.14 -32.33
N LEU B 538 13.12 -28.34 -32.70
CA LEU B 538 12.51 -29.27 -31.75
C LEU B 538 13.64 -30.03 -31.04
N ILE B 539 13.58 -30.09 -29.72
CA ILE B 539 14.55 -30.86 -28.95
C ILE B 539 13.89 -32.13 -28.45
N THR B 540 14.36 -33.29 -28.92
CA THR B 540 13.77 -34.54 -28.54
C THR B 540 14.64 -35.19 -27.47
N ILE B 541 14.04 -35.49 -26.33
CA ILE B 541 14.75 -36.04 -25.19
C ILE B 541 14.43 -37.53 -24.99
N THR B 542 15.47 -38.35 -24.93
CA THR B 542 15.33 -39.78 -24.66
C THR B 542 16.19 -40.19 -23.48
N VAL B 543 15.57 -40.74 -22.45
CA VAL B 543 16.32 -41.15 -21.26
C VAL B 543 16.46 -42.69 -21.20
N ARG B 544 17.71 -43.14 -21.05
CA ARG B 544 18.02 -44.52 -20.73
C ARG B 544 18.87 -44.50 -19.45
N GLY B 545 18.22 -44.70 -18.31
CA GLY B 545 18.90 -44.69 -17.04
C GLY B 545 19.39 -43.30 -16.73
N ARG B 546 20.72 -43.16 -16.62
CA ARG B 546 21.33 -41.89 -16.31
C ARG B 546 21.68 -41.17 -17.59
N ASN B 547 21.62 -41.89 -18.69
CA ASN B 547 22.02 -41.35 -19.97
C ASN B 547 20.87 -40.55 -20.56
N VAL B 548 21.00 -39.23 -20.58
CA VAL B 548 20.00 -38.36 -21.17
C VAL B 548 20.43 -37.99 -22.59
N HIS B 549 19.62 -38.42 -23.56
CA HIS B 549 19.94 -38.26 -24.97
CA HIS B 549 19.92 -38.26 -24.98
C HIS B 549 19.19 -37.06 -25.57
N MET B 550 19.91 -36.25 -26.33
CA MET B 550 19.36 -35.03 -26.93
C MET B 550 19.48 -35.06 -28.45
N LYS B 551 18.37 -34.91 -29.15
CA LYS B 551 18.36 -34.81 -30.60
C LYS B 551 17.83 -33.42 -30.95
N GLN B 552 18.32 -32.81 -32.01
CA GLN B 552 17.71 -31.58 -32.48
C GLN B 552 17.33 -31.67 -33.95
N GLU B 553 16.24 -30.98 -34.30
CA GLU B 553 15.76 -30.90 -35.68
C GLU B 553 14.85 -29.70 -35.84
N HIS B 554 14.85 -29.15 -37.05
CA HIS B 554 14.06 -27.98 -37.38
C HIS B 554 12.58 -28.29 -37.20
N TYR B 555 11.87 -27.47 -36.44
CA TYR B 555 10.44 -27.64 -36.23
C TYR B 555 9.65 -26.97 -37.34
N MET B 556 8.71 -27.69 -37.92
CA MET B 556 7.81 -27.13 -38.92
C MET B 556 6.35 -27.37 -38.56
N THR B 565 15.30 -29.77 -44.42
CA THR B 565 15.94 -28.50 -44.14
C THR B 565 17.46 -28.66 -43.98
N GLY B 566 17.88 -29.57 -43.10
CA GLY B 566 19.29 -29.74 -42.76
C GLY B 566 19.80 -28.59 -41.92
N TYR B 567 18.89 -27.98 -41.16
CA TYR B 567 19.17 -26.88 -40.24
C TYR B 567 19.77 -27.42 -38.94
N LEU B 568 20.60 -26.61 -38.29
CA LEU B 568 21.41 -27.08 -37.16
C LEU B 568 21.73 -25.89 -36.27
N TRP B 569 21.41 -25.98 -34.98
CA TRP B 569 21.63 -24.86 -34.06
C TRP B 569 22.69 -25.18 -33.03
N HIS B 570 23.15 -24.13 -32.35
CA HIS B 570 23.86 -24.29 -31.10
C HIS B 570 22.85 -24.00 -30.01
N VAL B 571 22.15 -25.04 -29.57
CA VAL B 571 21.05 -24.86 -28.63
C VAL B 571 21.60 -24.80 -27.22
N PRO B 572 21.34 -23.68 -26.50
CA PRO B 572 21.79 -23.54 -25.12
C PRO B 572 20.78 -24.09 -24.15
N LEU B 573 20.78 -25.41 -24.00
CA LEU B 573 19.79 -26.09 -23.19
C LEU B 573 20.01 -25.90 -21.70
N THR B 574 18.89 -25.75 -20.98
CA THR B 574 18.90 -25.80 -19.53
C THR B 574 17.91 -26.85 -19.13
N PHE B 575 18.12 -27.48 -17.97
CA PHE B 575 17.20 -28.49 -17.51
C PHE B 575 17.20 -28.63 -16.01
N ILE B 576 16.19 -29.31 -15.51
CA ILE B 576 16.10 -29.66 -14.10
C ILE B 576 15.57 -31.08 -14.00
N THR B 577 15.82 -31.69 -12.85
CA THR B 577 15.46 -33.07 -12.59
C THR B 577 14.68 -33.12 -11.29
N SER B 578 14.04 -34.26 -11.06
CA SER B 578 13.40 -34.55 -9.77
C SER B 578 14.39 -34.43 -8.61
N LYS B 579 15.64 -34.84 -8.82
CA LYS B 579 16.67 -34.83 -7.76
C LYS B 579 17.03 -33.43 -7.26
N SER B 580 17.49 -32.55 -8.15
CA SER B 580 17.90 -31.20 -7.74
C SER B 580 17.05 -30.12 -8.37
N ASP B 581 16.72 -29.10 -7.58
CA ASP B 581 16.11 -27.86 -8.09
C ASP B 581 17.16 -26.95 -8.80
N MET B 582 18.44 -27.30 -8.67
CA MET B 582 19.51 -26.54 -9.31
C MET B 582 19.39 -26.63 -10.81
N VAL B 583 19.61 -25.51 -11.49
CA VAL B 583 19.54 -25.46 -12.96
C VAL B 583 20.83 -25.93 -13.62
N HIS B 584 20.71 -26.90 -14.51
CA HIS B 584 21.87 -27.43 -15.22
C HIS B 584 21.87 -26.88 -16.64
N ARG B 585 23.04 -26.87 -17.27
CA ARG B 585 23.21 -26.30 -18.60
C ARG B 585 23.88 -27.32 -19.51
N PHE B 586 23.48 -27.34 -20.77
CA PHE B 586 24.16 -28.15 -21.75
C PHE B 586 24.06 -27.49 -23.12
N LEU B 587 25.21 -27.28 -23.76
CA LEU B 587 25.27 -26.62 -25.07
C LEU B 587 25.27 -27.65 -26.18
N LEU B 588 24.15 -27.81 -26.87
CA LEU B 588 24.03 -28.82 -27.94
C LEU B 588 24.50 -28.26 -29.28
N LYS B 589 25.76 -28.52 -29.63
CA LYS B 589 26.35 -27.95 -30.84
C LYS B 589 26.12 -28.84 -32.06
N THR B 590 25.65 -30.06 -31.83
CA THR B 590 25.60 -31.10 -32.87
C THR B 590 24.18 -31.60 -33.02
N LYS B 591 23.92 -32.49 -34.00
CA LYS B 591 22.56 -32.98 -34.24
C LYS B 591 22.06 -33.87 -33.10
N THR B 592 22.98 -34.64 -32.51
CA THR B 592 22.69 -35.40 -31.29
C THR B 592 23.86 -35.35 -30.33
N ASP B 593 23.57 -35.54 -29.05
CA ASP B 593 24.59 -35.64 -28.01
C ASP B 593 23.96 -36.28 -26.79
N VAL B 594 24.77 -36.60 -25.81
CA VAL B 594 24.28 -37.27 -24.62
C VAL B 594 24.90 -36.59 -23.41
N LEU B 595 24.21 -36.63 -22.29
CA LEU B 595 24.80 -36.22 -21.03
C LEU B 595 24.38 -37.22 -19.96
N ILE B 596 25.28 -37.46 -19.00
CA ILE B 596 25.03 -38.45 -17.97
C ILE B 596 24.63 -37.76 -16.69
N LEU B 597 23.55 -38.23 -16.09
CA LEU B 597 23.14 -37.76 -14.79
C LEU B 597 23.83 -38.60 -13.72
N PRO B 598 24.07 -38.01 -12.52
CA PRO B 598 24.56 -38.70 -11.32
C PRO B 598 23.76 -39.94 -10.91
N GLU B 599 22.43 -39.81 -10.82
CA GLU B 599 21.54 -40.91 -10.46
C GLU B 599 20.26 -40.86 -11.30
N GLU B 600 19.58 -42.00 -11.44
CA GLU B 600 18.32 -42.10 -12.20
C GLU B 600 17.25 -41.16 -11.60
N VAL B 601 16.47 -40.49 -12.45
CA VAL B 601 15.59 -39.40 -12.02
C VAL B 601 14.13 -39.66 -12.39
N GLU B 602 13.21 -39.29 -11.49
CA GLU B 602 11.78 -39.54 -11.71
C GLU B 602 11.32 -38.83 -12.98
N TRP B 603 11.59 -37.53 -13.02
CA TRP B 603 11.30 -36.70 -14.18
C TRP B 603 12.50 -35.84 -14.56
N ILE B 604 12.43 -35.19 -15.71
CA ILE B 604 13.47 -34.26 -16.15
C ILE B 604 12.82 -33.24 -17.10
N LYS B 605 13.04 -31.95 -16.88
CA LYS B 605 12.46 -30.93 -17.75
C LYS B 605 13.54 -30.03 -18.31
N PHE B 606 13.52 -29.85 -19.63
CA PHE B 606 14.44 -28.97 -20.35
C PHE B 606 13.73 -27.67 -20.68
N ASN B 607 14.51 -26.66 -21.05
CA ASN B 607 13.99 -25.35 -21.33
C ASN B 607 13.38 -24.77 -20.05
N VAL B 608 14.23 -24.66 -19.03
CA VAL B 608 13.81 -24.21 -17.69
C VAL B 608 13.37 -22.76 -17.67
N GLY B 609 12.28 -22.49 -16.94
CA GLY B 609 11.66 -21.17 -16.90
C GLY B 609 11.01 -20.73 -18.21
N MET B 610 11.04 -21.59 -19.24
CA MET B 610 10.50 -21.28 -20.56
C MET B 610 11.38 -20.28 -21.36
N ASN B 611 12.60 -20.07 -20.89
CA ASN B 611 13.44 -18.99 -21.41
C ASN B 611 14.05 -19.23 -22.79
N GLY B 612 14.08 -20.48 -23.21
CA GLY B 612 14.73 -20.84 -24.46
C GLY B 612 13.77 -20.93 -25.62
N TYR B 613 14.20 -20.41 -26.76
CA TYR B 613 13.42 -20.39 -27.99
C TYR B 613 13.43 -21.77 -28.67
N TYR B 614 12.72 -22.74 -28.08
CA TYR B 614 12.59 -24.08 -28.68
C TYR B 614 11.54 -24.91 -27.97
N ILE B 615 10.96 -25.87 -28.68
CA ILE B 615 9.99 -26.83 -28.11
C ILE B 615 10.70 -28.11 -27.69
N VAL B 616 10.35 -28.65 -26.53
CA VAL B 616 11.00 -29.86 -26.05
C VAL B 616 10.01 -30.99 -26.03
N HIS B 617 10.36 -32.10 -26.68
CA HIS B 617 9.57 -33.35 -26.66
C HIS B 617 10.31 -34.40 -25.83
N TYR B 618 9.55 -35.31 -25.23
CA TYR B 618 10.13 -36.40 -24.44
C TYR B 618 9.67 -37.77 -24.97
N GLU B 619 10.64 -38.58 -25.41
CA GLU B 619 10.35 -39.92 -25.89
C GLU B 619 10.06 -40.83 -24.71
N ASP B 620 9.57 -42.03 -25.01
CA ASP B 620 9.22 -43.03 -23.99
C ASP B 620 8.24 -42.45 -22.94
N ASP B 621 8.42 -42.80 -21.67
CA ASP B 621 7.47 -42.43 -20.62
C ASP B 621 7.69 -41.03 -20.03
N GLY B 622 8.47 -40.20 -20.71
CA GLY B 622 8.87 -38.90 -20.20
C GLY B 622 7.74 -37.94 -19.93
N TRP B 623 6.79 -37.87 -20.87
CA TRP B 623 5.60 -37.04 -20.70
C TRP B 623 4.74 -37.53 -19.55
N ASP B 624 4.69 -38.85 -19.35
CA ASP B 624 3.97 -39.43 -18.24
C ASP B 624 4.62 -39.00 -16.92
N SER B 625 5.95 -39.03 -16.85
CA SER B 625 6.68 -38.51 -15.68
C SER B 625 6.27 -37.08 -15.33
N LEU B 626 6.19 -36.23 -16.36
CA LEU B 626 5.89 -34.83 -16.18
C LEU B 626 4.39 -34.60 -15.96
N THR B 627 3.57 -35.42 -16.62
CA THR B 627 2.12 -35.39 -16.37
C THR B 627 1.87 -35.72 -14.91
N GLY B 628 2.51 -36.79 -14.44
CA GLY B 628 2.43 -37.23 -13.06
C GLY B 628 2.94 -36.20 -12.07
N LEU B 629 3.98 -35.47 -12.46
CA LEU B 629 4.52 -34.37 -11.63
C LEU B 629 3.48 -33.26 -11.42
N LEU B 630 2.86 -32.83 -12.51
CA LEU B 630 1.89 -31.74 -12.47
C LEU B 630 0.65 -32.14 -11.69
N LYS B 631 0.10 -33.30 -12.02
CA LYS B 631 -1.06 -33.84 -11.29
C LYS B 631 -0.75 -33.91 -9.79
N GLY B 632 0.43 -34.44 -9.46
CA GLY B 632 0.85 -34.60 -8.07
C GLY B 632 1.18 -33.28 -7.38
N THR B 633 2.24 -32.63 -7.82
CA THR B 633 2.68 -31.35 -7.23
C THR B 633 3.11 -30.38 -8.32
N HIS B 634 2.17 -29.54 -8.76
CA HIS B 634 2.39 -28.65 -9.90
C HIS B 634 3.31 -27.46 -9.58
N THR B 635 3.28 -26.98 -8.34
CA THR B 635 4.17 -25.88 -7.94
C THR B 635 5.65 -26.29 -7.91
N ALA B 636 5.93 -27.58 -8.05
CA ALA B 636 7.30 -28.07 -8.21
C ALA B 636 8.08 -27.27 -9.26
N VAL B 637 7.44 -27.05 -10.40
CA VAL B 637 7.99 -26.22 -11.46
C VAL B 637 7.23 -24.89 -11.50
N SER B 638 7.77 -23.91 -12.24
CA SER B 638 7.19 -22.57 -12.31
C SER B 638 5.94 -22.53 -13.18
N SER B 639 5.20 -21.42 -13.09
CA SER B 639 4.02 -21.19 -13.92
C SER B 639 4.40 -21.25 -15.39
N ASN B 640 5.47 -20.55 -15.74
CA ASN B 640 5.95 -20.55 -17.12
C ASN B 640 6.37 -21.93 -17.59
N ASP B 641 6.98 -22.71 -16.70
CA ASP B 641 7.33 -24.08 -17.04
C ASP B 641 6.06 -24.87 -17.37
N ARG B 642 5.03 -24.71 -16.54
CA ARG B 642 3.77 -25.39 -16.79
C ARG B 642 3.19 -24.99 -18.14
N ALA B 643 3.14 -23.69 -18.38
CA ALA B 643 2.69 -23.19 -19.68
C ALA B 643 3.53 -23.78 -20.81
N SER B 644 4.83 -23.87 -20.59
CA SER B 644 5.74 -24.47 -21.58
C SER B 644 5.32 -25.90 -21.89
N LEU B 645 5.07 -26.67 -20.83
CA LEU B 645 4.70 -28.08 -20.97
C LEU B 645 3.40 -28.28 -21.72
N ILE B 646 2.39 -27.48 -21.40
CA ILE B 646 1.09 -27.62 -22.05
C ILE B 646 1.20 -27.23 -23.52
N ASN B 647 1.76 -26.06 -23.80
CA ASN B 647 1.92 -25.63 -25.19
C ASN B 647 2.60 -26.72 -25.98
N ASN B 648 3.82 -27.06 -25.55
CA ASN B 648 4.62 -28.09 -26.20
C ASN B 648 3.81 -29.37 -26.37
N ALA B 649 3.22 -29.84 -25.27
CA ALA B 649 2.50 -31.11 -25.28
C ALA B 649 1.52 -31.16 -26.45
N PHE B 650 0.64 -30.17 -26.51
CA PHE B 650 -0.39 -30.12 -27.53
C PHE B 650 0.16 -29.78 -28.91
N GLN B 651 1.25 -29.01 -28.97
CA GLN B 651 1.88 -28.73 -30.24
C GLN B 651 2.46 -30.02 -30.84
N LEU B 652 2.98 -30.88 -29.98
CA LEU B 652 3.54 -32.15 -30.43
C LEU B 652 2.44 -33.09 -30.88
N VAL B 653 1.27 -33.00 -30.25
CA VAL B 653 0.12 -33.79 -30.68
C VAL B 653 -0.25 -33.46 -32.12
N SER B 654 -0.24 -32.17 -32.46
CA SER B 654 -0.58 -31.74 -33.82
C SER B 654 0.34 -32.36 -34.85
N ILE B 655 1.65 -32.30 -34.63
CA ILE B 655 2.61 -32.86 -35.58
C ILE B 655 2.80 -34.39 -35.43
N GLY B 656 2.01 -35.02 -34.56
CA GLY B 656 1.99 -36.47 -34.45
C GLY B 656 3.20 -37.10 -33.79
N LYS B 657 3.90 -36.37 -32.93
CA LYS B 657 4.95 -36.94 -32.10
C LYS B 657 4.45 -37.19 -30.68
N LEU B 658 3.15 -37.07 -30.45
CA LEU B 658 2.57 -37.39 -29.15
C LEU B 658 1.10 -37.72 -29.30
N SER B 659 0.67 -38.77 -28.59
CA SER B 659 -0.71 -39.20 -28.65
C SER B 659 -1.53 -38.31 -27.73
N ILE B 660 -2.64 -37.84 -28.26
CA ILE B 660 -3.53 -36.89 -27.62
C ILE B 660 -3.85 -37.18 -26.15
N GLU B 661 -3.98 -38.46 -25.79
CA GLU B 661 -4.31 -38.86 -24.41
C GLU B 661 -3.26 -38.36 -23.44
N LYS B 662 -2.00 -38.47 -23.83
CA LYS B 662 -0.89 -38.08 -22.97
C LYS B 662 -0.94 -36.57 -22.68
N ALA B 663 -1.28 -35.79 -23.71
CA ALA B 663 -1.47 -34.34 -23.58
C ALA B 663 -2.70 -33.98 -22.77
N LEU B 664 -3.81 -34.66 -23.05
CA LEU B 664 -5.07 -34.45 -22.32
C LEU B 664 -4.94 -34.85 -20.84
N ASP B 665 -4.19 -35.93 -20.57
CA ASP B 665 -3.88 -36.33 -19.21
C ASP B 665 -3.14 -35.23 -18.47
N LEU B 666 -2.23 -34.55 -19.15
CA LEU B 666 -1.50 -33.43 -18.56
C LEU B 666 -2.44 -32.28 -18.28
N SER B 667 -3.28 -31.97 -19.27
CA SER B 667 -4.28 -30.92 -19.15
C SER B 667 -5.05 -31.02 -17.83
N LEU B 668 -5.34 -32.25 -17.39
CA LEU B 668 -6.07 -32.48 -16.13
C LEU B 668 -5.46 -31.80 -14.89
N TYR B 669 -4.19 -31.43 -14.96
CA TYR B 669 -3.59 -30.72 -13.83
C TYR B 669 -4.28 -29.36 -13.64
N LEU B 670 -4.81 -28.79 -14.73
CA LEU B 670 -5.35 -27.41 -14.74
C LEU B 670 -6.46 -27.17 -13.73
N LYS B 671 -7.08 -28.24 -13.25
CA LYS B 671 -7.93 -28.18 -12.06
C LYS B 671 -7.31 -27.28 -10.99
N HIS B 672 -6.02 -27.45 -10.74
CA HIS B 672 -5.33 -26.74 -9.67
C HIS B 672 -4.76 -25.39 -10.08
N GLU B 673 -4.72 -25.12 -11.38
CA GLU B 673 -3.94 -23.99 -11.89
C GLU B 673 -4.60 -22.67 -11.56
N THR B 674 -3.80 -21.73 -11.08
CA THR B 674 -4.26 -20.38 -10.76
C THR B 674 -3.80 -19.34 -11.78
N GLU B 675 -2.60 -19.50 -12.32
CA GLU B 675 -1.95 -18.48 -13.13
C GLU B 675 -2.41 -18.42 -14.58
N ILE B 676 -2.22 -17.25 -15.18
CA ILE B 676 -2.83 -16.91 -16.44
C ILE B 676 -2.25 -17.65 -17.64
N MET B 677 -0.93 -17.84 -17.68
CA MET B 677 -0.27 -18.37 -18.87
C MET B 677 -0.61 -19.83 -19.19
N PRO B 678 -0.59 -20.73 -18.19
CA PRO B 678 -0.97 -22.10 -18.43
C PRO B 678 -2.42 -22.26 -18.84
N VAL B 679 -3.30 -21.44 -18.28
CA VAL B 679 -4.71 -21.50 -18.60
C VAL B 679 -4.94 -21.09 -20.03
N PHE B 680 -4.35 -19.97 -20.45
CA PHE B 680 -4.46 -19.53 -21.85
C PHE B 680 -3.98 -20.62 -22.79
N GLN B 681 -2.92 -21.32 -22.41
CA GLN B 681 -2.42 -22.40 -23.24
C GLN B 681 -3.42 -23.54 -23.25
N GLY B 682 -3.95 -23.86 -22.09
CA GLY B 682 -5.01 -24.85 -21.98
C GLY B 682 -6.15 -24.52 -22.91
N LEU B 683 -6.63 -23.29 -22.85
CA LEU B 683 -7.74 -22.86 -23.68
C LEU B 683 -7.37 -22.86 -25.17
N ASN B 684 -6.20 -22.35 -25.53
CA ASN B 684 -5.82 -22.26 -26.94
C ASN B 684 -5.74 -23.59 -27.65
N GLU B 685 -5.53 -24.68 -26.88
CA GLU B 685 -5.38 -26.01 -27.46
C GLU B 685 -6.63 -26.88 -27.26
N LEU B 686 -7.34 -26.67 -26.16
CA LEU B 686 -8.57 -27.44 -25.89
C LEU B 686 -9.78 -26.89 -26.64
N ILE B 687 -9.89 -25.57 -26.72
CA ILE B 687 -11.07 -24.95 -27.32
C ILE B 687 -11.26 -25.37 -28.78
N PRO B 688 -10.22 -25.23 -29.62
CA PRO B 688 -10.37 -25.62 -31.02
C PRO B 688 -10.78 -27.07 -31.23
N MET B 689 -10.54 -27.94 -30.25
CA MET B 689 -10.96 -29.33 -30.33
C MET B 689 -12.48 -29.48 -30.37
N TYR B 690 -13.19 -28.89 -29.42
CA TYR B 690 -14.65 -28.94 -29.48
C TYR B 690 -15.18 -28.10 -30.63
N LYS B 691 -14.43 -27.08 -31.01
CA LYS B 691 -14.82 -26.23 -32.13
C LYS B 691 -14.82 -27.00 -33.45
N LEU B 692 -14.05 -28.08 -33.51
CA LEU B 692 -14.08 -29.03 -34.63
C LEU B 692 -15.23 -30.04 -34.46
N MET B 693 -15.48 -30.46 -33.22
CA MET B 693 -16.50 -31.47 -32.92
C MET B 693 -17.91 -30.95 -33.17
N GLU B 694 -18.08 -29.63 -33.09
CA GLU B 694 -19.36 -29.00 -33.33
C GLU B 694 -19.87 -29.23 -34.77
N LYS B 695 -18.97 -29.50 -35.70
CA LYS B 695 -19.34 -29.61 -37.12
C LYS B 695 -19.37 -31.06 -37.65
N ARG B 696 -19.42 -32.01 -36.72
CA ARG B 696 -19.55 -33.44 -37.04
C ARG B 696 -20.77 -34.02 -36.32
N ASP B 697 -21.04 -35.30 -36.57
CA ASP B 697 -22.09 -36.02 -35.83
C ASP B 697 -21.49 -36.76 -34.65
N MET B 698 -21.43 -36.08 -33.52
CA MET B 698 -20.93 -36.68 -32.28
C MET B 698 -21.33 -35.79 -31.11
N ASN B 699 -22.64 -35.74 -30.86
CA ASN B 699 -23.16 -35.00 -29.72
C ASN B 699 -22.49 -35.50 -28.44
N GLU B 700 -22.34 -36.82 -28.34
CA GLU B 700 -21.87 -37.47 -27.12
C GLU B 700 -20.45 -37.06 -26.73
N VAL B 701 -19.51 -37.22 -27.66
CA VAL B 701 -18.13 -36.82 -27.42
C VAL B 701 -18.03 -35.31 -27.19
N GLU B 702 -18.64 -34.54 -28.09
CA GLU B 702 -18.67 -33.09 -27.97
C GLU B 702 -19.13 -32.61 -26.59
N THR B 703 -20.31 -33.06 -26.16
CA THR B 703 -20.89 -32.63 -24.89
C THR B 703 -20.03 -33.00 -23.67
N GLN B 704 -19.52 -34.23 -23.64
CA GLN B 704 -18.65 -34.69 -22.55
C GLN B 704 -17.32 -33.91 -22.51
N PHE B 705 -16.82 -33.53 -23.68
CA PHE B 705 -15.59 -32.75 -23.80
C PHE B 705 -15.78 -31.36 -23.21
N LYS B 706 -16.87 -30.71 -23.59
CA LYS B 706 -17.21 -29.39 -23.07
C LYS B 706 -17.48 -29.47 -21.56
N ALA B 707 -18.17 -30.51 -21.15
CA ALA B 707 -18.40 -30.75 -19.73
C ALA B 707 -17.07 -30.78 -19.00
N PHE B 708 -16.14 -31.54 -19.56
CA PHE B 708 -14.80 -31.69 -18.99
C PHE B 708 -14.05 -30.36 -18.96
N LEU B 709 -14.03 -29.66 -20.09
CA LEU B 709 -13.38 -28.36 -20.18
C LEU B 709 -13.94 -27.38 -19.14
N ILE B 710 -15.25 -27.33 -19.01
CA ILE B 710 -15.87 -26.47 -18.00
C ILE B 710 -15.64 -26.96 -16.57
N ARG B 711 -15.61 -28.26 -16.37
CA ARG B 711 -15.36 -28.84 -15.05
C ARG B 711 -13.92 -28.58 -14.64
N LEU B 712 -13.03 -28.57 -15.63
CA LEU B 712 -11.61 -28.32 -15.42
C LEU B 712 -11.37 -26.89 -14.91
N LEU B 713 -11.95 -25.92 -15.60
CA LEU B 713 -11.78 -24.51 -15.25
C LEU B 713 -12.83 -23.99 -14.26
N ARG B 714 -13.77 -24.84 -13.85
CA ARG B 714 -14.89 -24.40 -13.00
C ARG B 714 -14.44 -23.49 -11.85
N ASP B 715 -13.50 -23.97 -11.03
CA ASP B 715 -13.02 -23.22 -9.86
C ASP B 715 -12.49 -21.84 -10.23
N LEU B 716 -11.73 -21.77 -11.33
CA LEU B 716 -11.16 -20.51 -11.81
C LEU B 716 -12.26 -19.52 -12.24
N ILE B 717 -13.23 -19.99 -13.01
CA ILE B 717 -14.32 -19.16 -13.51
C ILE B 717 -15.11 -18.52 -12.35
N ASP B 718 -15.30 -19.27 -11.27
CA ASP B 718 -15.99 -18.74 -10.08
C ASP B 718 -15.17 -17.67 -9.39
N LYS B 719 -13.83 -17.81 -9.44
CA LYS B 719 -12.90 -16.84 -8.83
C LYS B 719 -12.86 -15.52 -9.64
N GLN B 720 -13.51 -15.50 -10.80
CA GLN B 720 -13.34 -14.42 -11.74
C GLN B 720 -14.24 -13.25 -11.42
N THR B 721 -13.66 -12.15 -10.95
CA THR B 721 -14.40 -10.89 -10.73
C THR B 721 -15.14 -10.42 -11.99
N TRP B 722 -16.15 -9.57 -11.83
CA TRP B 722 -16.88 -9.05 -12.99
C TRP B 722 -16.60 -7.56 -13.08
N THR B 723 -15.40 -7.23 -13.55
CA THR B 723 -14.91 -5.86 -13.62
C THR B 723 -13.92 -5.72 -14.79
N ASP B 724 -13.28 -4.55 -14.87
CA ASP B 724 -12.20 -4.28 -15.81
C ASP B 724 -10.85 -4.14 -15.10
N GLU B 725 -10.79 -4.54 -13.82
CA GLU B 725 -9.61 -4.26 -13.01
C GLU B 725 -8.57 -5.35 -13.12
N GLY B 726 -7.30 -4.94 -13.17
CA GLY B 726 -6.17 -5.86 -13.21
C GLY B 726 -5.31 -5.71 -14.46
N SER B 727 -4.30 -6.58 -14.56
CA SER B 727 -3.40 -6.67 -15.72
C SER B 727 -4.10 -6.88 -17.07
N VAL B 728 -3.41 -6.58 -18.15
CA VAL B 728 -3.96 -6.79 -19.47
C VAL B 728 -4.33 -8.25 -19.69
N SER B 729 -3.47 -9.17 -19.29
CA SER B 729 -3.77 -10.61 -19.39
C SER B 729 -4.85 -10.99 -18.37
N GLU B 730 -4.64 -10.65 -17.09
CA GLU B 730 -5.69 -10.81 -16.07
C GLU B 730 -7.07 -10.42 -16.58
N ARG B 731 -7.12 -9.36 -17.38
CA ARG B 731 -8.38 -8.91 -17.95
C ARG B 731 -8.84 -9.84 -19.05
N MET B 732 -7.91 -10.22 -19.93
CA MET B 732 -8.26 -11.07 -21.06
C MET B 732 -8.66 -12.48 -20.61
N LEU B 733 -8.10 -12.94 -19.49
CA LEU B 733 -8.48 -14.24 -18.95
C LEU B 733 -9.93 -14.18 -18.49
N ARG B 734 -10.23 -13.19 -17.65
CA ARG B 734 -11.59 -12.93 -17.19
C ARG B 734 -12.56 -12.91 -18.36
N SER B 735 -12.29 -12.03 -19.32
CA SER B 735 -13.13 -11.90 -20.50
C SER B 735 -13.42 -13.25 -21.14
N GLN B 736 -12.37 -14.00 -21.44
CA GLN B 736 -12.55 -15.28 -22.15
C GLN B 736 -13.22 -16.33 -21.28
N LEU B 737 -12.80 -16.45 -20.03
CA LEU B 737 -13.40 -17.43 -19.13
C LEU B 737 -14.90 -17.18 -18.97
N LEU B 738 -15.27 -15.94 -18.67
CA LEU B 738 -16.67 -15.61 -18.46
C LEU B 738 -17.47 -15.88 -19.72
N LEU B 739 -16.96 -15.46 -20.86
CA LEU B 739 -17.62 -15.76 -22.14
C LEU B 739 -17.75 -17.26 -22.34
N LEU B 740 -16.67 -17.99 -22.05
CA LEU B 740 -16.67 -19.44 -22.21
C LEU B 740 -17.79 -20.07 -21.37
N ALA B 741 -17.85 -19.70 -20.10
CA ALA B 741 -18.85 -20.26 -19.18
C ALA B 741 -20.29 -20.03 -19.67
N CYS B 742 -20.54 -18.85 -20.23
CA CYS B 742 -21.90 -18.43 -20.61
C CYS B 742 -22.39 -19.11 -21.85
N VAL B 743 -21.50 -19.28 -22.81
CA VAL B 743 -21.82 -19.99 -24.03
C VAL B 743 -22.11 -21.47 -23.78
N HIS B 744 -21.66 -22.00 -22.63
CA HIS B 744 -21.81 -23.43 -22.29
C HIS B 744 -22.86 -23.65 -21.20
N ASN B 745 -23.77 -22.69 -21.09
CA ASN B 745 -24.80 -22.66 -20.06
C ASN B 745 -24.31 -23.15 -18.70
N TYR B 746 -23.15 -22.65 -18.28
CA TYR B 746 -22.69 -22.81 -16.91
C TYR B 746 -23.56 -21.87 -16.11
N GLN B 747 -24.46 -22.44 -15.33
CA GLN B 747 -25.59 -21.69 -14.82
C GLN B 747 -25.22 -20.51 -13.91
N PRO B 748 -24.25 -20.66 -13.00
CA PRO B 748 -23.98 -19.50 -12.14
C PRO B 748 -23.51 -18.26 -12.91
N CYS B 749 -22.95 -18.46 -14.09
CA CYS B 749 -22.50 -17.33 -14.91
C CYS B 749 -23.48 -16.95 -16.01
N VAL B 750 -24.60 -17.64 -16.10
CA VAL B 750 -25.66 -17.26 -17.04
C VAL B 750 -26.75 -16.50 -16.31
N GLN B 751 -27.08 -16.92 -15.09
CA GLN B 751 -28.01 -16.20 -14.22
C GLN B 751 -27.52 -14.77 -13.94
N ARG B 752 -26.21 -14.64 -13.75
CA ARG B 752 -25.59 -13.34 -13.47
C ARG B 752 -25.50 -12.47 -14.71
N ALA B 753 -25.16 -13.08 -15.84
CA ALA B 753 -25.17 -12.39 -17.12
C ALA B 753 -26.59 -11.90 -17.47
N GLU B 754 -27.54 -12.82 -17.51
CA GLU B 754 -28.96 -12.49 -17.69
C GLU B 754 -29.35 -11.30 -16.83
N GLY B 755 -29.03 -11.39 -15.55
CA GLY B 755 -29.34 -10.34 -14.57
C GLY B 755 -28.85 -8.98 -15.00
N TYR B 756 -27.56 -8.89 -15.32
CA TYR B 756 -26.98 -7.61 -15.74
C TYR B 756 -27.57 -7.16 -17.07
N PHE B 757 -27.79 -8.10 -17.98
CA PHE B 757 -28.38 -7.76 -19.27
C PHE B 757 -29.76 -7.12 -19.10
N ARG B 758 -30.58 -7.69 -18.22
CA ARG B 758 -31.89 -7.12 -17.95
C ARG B 758 -31.71 -5.67 -17.52
N LYS B 759 -30.86 -5.45 -16.53
CA LYS B 759 -30.64 -4.11 -15.95
C LYS B 759 -30.00 -3.17 -16.97
N TRP B 760 -29.25 -3.73 -17.91
CA TRP B 760 -28.77 -2.97 -19.06
C TRP B 760 -29.96 -2.53 -19.91
N LYS B 761 -30.77 -3.49 -20.35
CA LYS B 761 -31.95 -3.19 -21.17
C LYS B 761 -32.91 -2.26 -20.42
N GLU B 762 -33.20 -2.62 -19.16
CA GLU B 762 -34.05 -1.80 -18.27
C GLU B 762 -33.62 -0.32 -18.26
N SER B 763 -32.32 -0.06 -18.45
CA SER B 763 -31.83 1.31 -18.58
C SER B 763 -31.77 1.83 -20.03
N ASN B 764 -32.46 1.16 -20.96
CA ASN B 764 -32.45 1.49 -22.40
C ASN B 764 -31.06 1.69 -23.04
N GLY B 765 -30.03 1.12 -22.41
CA GLY B 765 -28.64 1.29 -22.85
C GLY B 765 -27.83 2.33 -22.08
N ASN B 766 -28.23 2.65 -20.85
CA ASN B 766 -27.56 3.70 -20.06
C ASN B 766 -26.58 3.19 -19.00
N LEU B 767 -26.76 1.95 -18.51
CA LEU B 767 -25.90 1.38 -17.44
C LEU B 767 -24.54 0.91 -17.97
N SER B 768 -23.49 1.24 -17.22
CA SER B 768 -22.11 0.99 -17.66
C SER B 768 -21.72 -0.45 -17.41
N LEU B 769 -21.47 -1.19 -18.48
CA LEU B 769 -20.99 -2.58 -18.39
C LEU B 769 -19.45 -2.60 -18.44
N PRO B 770 -18.81 -3.21 -17.43
CA PRO B 770 -17.36 -3.39 -17.48
C PRO B 770 -16.96 -4.16 -18.71
N VAL B 771 -16.14 -3.55 -19.57
CA VAL B 771 -15.86 -4.09 -20.91
C VAL B 771 -15.60 -5.59 -20.95
N ASP B 772 -14.94 -6.12 -19.93
CA ASP B 772 -14.55 -7.53 -19.91
C ASP B 772 -15.73 -8.49 -19.70
N VAL B 773 -16.81 -8.02 -19.09
CA VAL B 773 -18.00 -8.85 -18.89
C VAL B 773 -19.03 -8.63 -19.98
N THR B 774 -18.82 -7.63 -20.84
CA THR B 774 -19.83 -7.27 -21.85
C THR B 774 -20.15 -8.39 -22.85
N LEU B 775 -19.13 -9.01 -23.43
CA LEU B 775 -19.38 -10.11 -24.37
C LEU B 775 -20.26 -11.19 -23.72
N ALA B 776 -19.92 -11.55 -22.48
CA ALA B 776 -20.71 -12.53 -21.74
C ALA B 776 -22.12 -12.02 -21.62
N VAL B 777 -22.28 -10.82 -21.08
CA VAL B 777 -23.61 -10.22 -20.94
C VAL B 777 -24.38 -10.24 -22.26
N PHE B 778 -23.82 -9.63 -23.31
CA PHE B 778 -24.53 -9.54 -24.57
C PHE B 778 -24.79 -10.92 -25.21
N ALA B 779 -23.85 -11.85 -25.07
CA ALA B 779 -24.03 -13.21 -25.57
C ALA B 779 -25.23 -13.88 -24.93
N VAL B 780 -25.29 -13.83 -23.59
CA VAL B 780 -26.38 -14.41 -22.83
C VAL B 780 -27.71 -13.74 -23.15
N GLY B 781 -27.70 -12.41 -23.17
CA GLY B 781 -28.91 -11.63 -23.46
C GLY B 781 -29.45 -11.81 -24.85
N ALA B 782 -28.59 -12.23 -25.77
CA ALA B 782 -28.99 -12.44 -27.16
C ALA B 782 -29.86 -13.68 -27.35
N GLN B 783 -29.88 -14.56 -26.36
CA GLN B 783 -30.52 -15.86 -26.51
C GLN B 783 -32.07 -15.85 -26.56
N SER B 784 -32.66 -14.71 -26.22
CA SER B 784 -34.10 -14.51 -26.31
C SER B 784 -34.42 -13.74 -27.61
N THR B 785 -35.70 -13.35 -27.77
CA THR B 785 -36.10 -12.48 -28.87
C THR B 785 -36.12 -11.05 -28.37
N GLU B 786 -36.76 -10.85 -27.22
CA GLU B 786 -36.81 -9.54 -26.57
C GLU B 786 -35.41 -8.95 -26.54
N GLY B 787 -34.49 -9.68 -25.91
CA GLY B 787 -33.10 -9.29 -25.83
C GLY B 787 -32.46 -9.05 -27.19
N TRP B 788 -32.58 -10.01 -28.10
CA TRP B 788 -31.97 -9.90 -29.42
C TRP B 788 -32.46 -8.65 -30.16
N ASP B 789 -33.78 -8.45 -30.20
CA ASP B 789 -34.37 -7.27 -30.84
C ASP B 789 -33.77 -5.99 -30.27
N PHE B 790 -33.61 -5.97 -28.95
CA PHE B 790 -33.11 -4.78 -28.24
C PHE B 790 -31.63 -4.51 -28.50
N LEU B 791 -30.82 -5.58 -28.52
CA LEU B 791 -29.40 -5.42 -28.83
C LEU B 791 -29.25 -4.85 -30.24
N TYR B 792 -29.99 -5.43 -31.18
CA TYR B 792 -29.97 -4.96 -32.56
C TYR B 792 -30.38 -3.51 -32.68
N SER B 793 -31.44 -3.12 -31.99
CA SER B 793 -31.91 -1.73 -32.08
C SER B 793 -30.76 -0.78 -31.75
N LYS B 794 -29.97 -1.15 -30.74
CA LYS B 794 -28.84 -0.34 -30.30
C LYS B 794 -27.57 -0.58 -31.16
N TYR B 795 -27.67 -1.43 -32.18
CA TYR B 795 -26.59 -1.65 -33.14
C TYR B 795 -26.78 -0.77 -34.37
N GLN B 796 -28.03 -0.66 -34.83
CA GLN B 796 -28.41 0.20 -35.95
C GLN B 796 -28.36 1.71 -35.63
N PHE B 797 -28.23 2.05 -34.35
CA PHE B 797 -28.23 3.46 -33.93
C PHE B 797 -27.31 3.78 -32.74
N SER B 798 -26.19 3.05 -32.60
CA SER B 798 -25.20 3.35 -31.55
C SER B 798 -23.82 3.56 -32.18
N LEU B 799 -23.08 4.53 -31.64
CA LEU B 799 -21.80 4.96 -32.21
C LEU B 799 -20.62 4.71 -31.25
N SER B 800 -19.90 3.61 -31.50
CA SER B 800 -18.68 3.29 -30.75
C SER B 800 -17.86 2.24 -31.51
N SER B 801 -16.54 2.27 -31.32
CA SER B 801 -15.65 1.30 -31.97
C SER B 801 -15.76 -0.08 -31.30
N THR B 802 -16.11 -0.07 -30.02
CA THR B 802 -16.14 -1.28 -29.20
C THR B 802 -17.53 -1.87 -29.08
N GLU B 803 -18.51 -1.05 -28.74
CA GLU B 803 -19.89 -1.51 -28.57
C GLU B 803 -20.35 -2.29 -29.81
N LYS B 804 -20.20 -1.66 -30.98
CA LYS B 804 -20.61 -2.29 -32.26
C LYS B 804 -20.06 -3.71 -32.43
N SER B 805 -18.75 -3.86 -32.56
CA SER B 805 -18.16 -5.19 -32.75
C SER B 805 -18.53 -6.13 -31.61
N GLN B 806 -18.69 -5.58 -30.40
CA GLN B 806 -19.16 -6.36 -29.25
C GLN B 806 -20.59 -6.85 -29.47
N ILE B 807 -21.50 -5.94 -29.84
CA ILE B 807 -22.88 -6.34 -30.16
C ILE B 807 -22.93 -7.30 -31.34
N GLU B 808 -22.18 -7.00 -32.40
CA GLU B 808 -22.14 -7.84 -33.61
C GLU B 808 -21.82 -9.29 -33.26
N PHE B 809 -20.90 -9.48 -32.32
CA PHE B 809 -20.59 -10.81 -31.81
C PHE B 809 -21.80 -11.45 -31.13
N ALA B 810 -22.45 -10.71 -30.25
CA ALA B 810 -23.58 -11.23 -29.48
C ALA B 810 -24.75 -11.65 -30.35
N LEU B 811 -25.01 -10.90 -31.41
CA LEU B 811 -26.15 -11.18 -32.29
C LEU B 811 -25.99 -12.46 -33.09
N CYS B 812 -24.75 -12.82 -33.42
CA CYS B 812 -24.49 -14.05 -34.17
C CYS B 812 -24.37 -15.26 -33.28
N ARG B 813 -24.33 -15.04 -31.97
CA ARG B 813 -24.20 -16.14 -31.02
C ARG B 813 -25.58 -16.61 -30.57
N THR B 814 -26.61 -16.24 -31.34
CA THR B 814 -27.98 -16.65 -31.08
C THR B 814 -28.23 -18.05 -31.63
N GLN B 815 -29.01 -18.83 -30.90
CA GLN B 815 -29.47 -20.14 -31.36
C GLN B 815 -30.66 -19.98 -32.30
N ASN B 816 -31.28 -18.81 -32.28
CA ASN B 816 -32.40 -18.49 -33.17
C ASN B 816 -31.90 -18.47 -34.61
N LYS B 817 -32.14 -19.54 -35.34
CA LYS B 817 -31.69 -19.67 -36.72
C LYS B 817 -32.33 -18.62 -37.62
N GLU B 818 -33.62 -18.36 -37.42
CA GLU B 818 -34.33 -17.37 -38.21
C GLU B 818 -33.60 -16.04 -38.16
N LYS B 819 -33.27 -15.58 -36.95
CA LYS B 819 -32.56 -14.32 -36.77
C LYS B 819 -31.13 -14.39 -37.35
N LEU B 820 -30.45 -15.52 -37.15
CA LEU B 820 -29.12 -15.71 -37.75
C LEU B 820 -29.14 -15.51 -39.27
N GLN B 821 -30.20 -15.99 -39.92
CA GLN B 821 -30.38 -15.85 -41.38
C GLN B 821 -30.70 -14.39 -41.72
N TRP B 822 -31.73 -13.85 -41.05
CA TRP B 822 -32.02 -12.40 -41.00
C TRP B 822 -30.75 -11.55 -41.19
N LEU B 823 -29.73 -11.83 -40.40
CA LEU B 823 -28.46 -11.09 -40.46
C LEU B 823 -27.68 -11.35 -41.73
N LEU B 824 -27.68 -12.59 -42.21
CA LEU B 824 -27.04 -12.92 -43.48
C LEU B 824 -27.77 -12.26 -44.64
N ASP B 825 -29.10 -12.16 -44.55
CA ASP B 825 -29.89 -11.37 -45.51
C ASP B 825 -29.65 -9.86 -45.32
N GLU B 826 -30.31 -9.27 -44.32
CA GLU B 826 -30.29 -7.82 -44.11
C GLU B 826 -28.96 -7.38 -43.52
N THR B 835 -23.72 -3.33 -45.10
CA THR B 835 -23.31 -4.48 -45.91
C THR B 835 -21.78 -4.63 -46.01
N GLN B 836 -21.04 -3.72 -45.39
CA GLN B 836 -19.58 -3.82 -45.33
C GLN B 836 -19.10 -4.36 -43.97
N GLU B 837 -20.04 -4.57 -43.05
CA GLU B 837 -19.78 -5.29 -41.81
C GLU B 837 -20.22 -6.76 -41.96
N PHE B 838 -20.58 -7.14 -43.20
CA PHE B 838 -21.14 -8.47 -43.50
C PHE B 838 -20.19 -9.65 -43.23
N PRO B 839 -18.99 -9.67 -43.85
CA PRO B 839 -18.14 -10.87 -43.78
C PRO B 839 -17.57 -11.12 -42.37
N GLN B 840 -17.81 -10.19 -41.46
CA GLN B 840 -17.68 -10.46 -40.04
C GLN B 840 -18.89 -11.27 -39.59
N ILE B 841 -20.09 -10.75 -39.87
CA ILE B 841 -21.33 -11.45 -39.52
C ILE B 841 -21.25 -12.91 -39.97
N LEU B 842 -20.97 -13.14 -41.25
CA LEU B 842 -20.90 -14.50 -41.79
C LEU B 842 -19.91 -15.36 -41.01
N THR B 843 -18.67 -14.90 -40.92
CA THR B 843 -17.64 -15.65 -40.21
C THR B 843 -18.08 -15.99 -38.78
N LEU B 844 -18.62 -14.98 -38.08
CA LEU B 844 -19.16 -15.20 -36.76
C LEU B 844 -20.19 -16.33 -36.76
N ILE B 845 -21.08 -16.32 -37.74
CA ILE B 845 -22.13 -17.33 -37.80
C ILE B 845 -21.53 -18.69 -38.18
N GLY B 846 -20.55 -18.68 -39.08
CA GLY B 846 -19.87 -19.91 -39.46
C GLY B 846 -19.08 -20.58 -38.35
N ARG B 847 -18.89 -19.85 -37.23
CA ARG B 847 -18.24 -20.40 -36.04
C ARG B 847 -19.28 -20.82 -34.98
N ASN B 848 -20.49 -20.26 -35.07
CA ASN B 848 -21.61 -20.64 -34.19
C ASN B 848 -22.09 -22.09 -34.36
N PRO B 849 -22.17 -22.87 -33.27
CA PRO B 849 -22.48 -24.30 -33.36
C PRO B 849 -23.80 -24.66 -34.07
N VAL B 850 -24.82 -23.80 -33.95
CA VAL B 850 -26.10 -24.10 -34.59
C VAL B 850 -26.37 -23.17 -35.76
N GLY B 851 -25.31 -22.66 -36.38
CA GLY B 851 -25.44 -21.83 -37.58
C GLY B 851 -24.35 -22.00 -38.62
N TYR B 852 -23.48 -22.99 -38.43
CA TYR B 852 -22.40 -23.26 -39.38
C TYR B 852 -22.91 -23.71 -40.76
N PRO B 853 -24.09 -24.35 -40.83
CA PRO B 853 -24.60 -24.67 -42.16
C PRO B 853 -25.04 -23.41 -42.91
N LEU B 854 -25.91 -22.62 -42.28
CA LEU B 854 -26.38 -21.34 -42.84
C LEU B 854 -25.23 -20.56 -43.44
N ALA B 855 -24.14 -20.46 -42.69
CA ALA B 855 -22.97 -19.70 -43.12
C ALA B 855 -22.31 -20.28 -44.37
N TRP B 856 -22.39 -21.61 -44.54
CA TRP B 856 -21.84 -22.28 -45.73
C TRP B 856 -22.86 -22.31 -46.86
N GLN B 857 -24.11 -22.67 -46.53
CA GLN B 857 -25.22 -22.61 -47.49
C GLN B 857 -25.34 -21.23 -48.12
N PHE B 858 -25.36 -20.18 -47.28
CA PHE B 858 -25.54 -18.80 -47.75
C PHE B 858 -24.37 -18.29 -48.60
N LEU B 859 -23.15 -18.67 -48.24
CA LEU B 859 -21.96 -18.22 -48.99
C LEU B 859 -21.93 -18.77 -50.42
N ARG B 860 -22.54 -19.94 -50.61
CA ARG B 860 -22.70 -20.51 -51.94
C ARG B 860 -23.71 -19.69 -52.76
N LYS B 861 -24.99 -19.80 -52.38
CA LYS B 861 -26.08 -19.12 -53.08
C LYS B 861 -26.16 -17.63 -52.74
N ALA B 878 -11.03 -15.22 -48.27
CA ALA B 878 -9.86 -14.38 -48.05
C ALA B 878 -10.22 -13.10 -47.27
N HIS B 879 -10.57 -13.23 -45.99
CA HIS B 879 -10.65 -14.49 -45.26
C HIS B 879 -12.10 -14.79 -44.89
N MET B 880 -13.01 -14.62 -45.87
CA MET B 880 -14.43 -14.92 -45.69
C MET B 880 -14.83 -16.24 -46.36
N VAL B 881 -13.93 -16.80 -47.17
CA VAL B 881 -14.15 -18.09 -47.82
C VAL B 881 -13.74 -19.23 -46.89
N MET B 882 -12.54 -19.10 -46.31
CA MET B 882 -12.00 -20.10 -45.39
C MET B 882 -12.59 -20.03 -43.98
N GLY B 883 -13.13 -18.88 -43.61
CA GLY B 883 -13.73 -18.70 -42.28
C GLY B 883 -14.96 -19.56 -42.06
N THR B 884 -15.73 -19.76 -43.11
CA THR B 884 -16.94 -20.58 -43.07
C THR B 884 -16.71 -22.10 -43.28
N THR B 885 -15.45 -22.53 -43.31
CA THR B 885 -15.09 -23.90 -43.68
C THR B 885 -13.91 -24.56 -42.95
N ASN B 886 -12.93 -23.77 -42.50
CA ASN B 886 -11.68 -24.32 -41.92
C ASN B 886 -11.81 -25.20 -40.65
N GLN B 887 -13.00 -25.21 -40.05
CA GLN B 887 -13.32 -26.13 -38.95
C GLN B 887 -14.12 -27.35 -39.42
N PHE B 888 -14.27 -27.51 -40.74
CA PHE B 888 -14.82 -28.74 -41.31
C PHE B 888 -13.85 -29.89 -41.10
N SER B 889 -14.40 -31.10 -41.13
CA SER B 889 -13.70 -32.26 -40.60
C SER B 889 -13.90 -33.58 -41.36
N THR B 890 -15.02 -33.76 -42.07
CA THR B 890 -15.27 -35.00 -42.79
C THR B 890 -14.53 -35.07 -44.13
N ARG B 891 -14.22 -36.30 -44.54
CA ARG B 891 -13.68 -36.58 -45.87
C ARG B 891 -14.60 -36.00 -46.95
N THR B 892 -15.91 -36.21 -46.79
CA THR B 892 -16.94 -35.60 -47.64
C THR B 892 -16.69 -34.13 -47.88
N ARG B 893 -16.66 -33.36 -46.78
CA ARG B 893 -16.68 -31.89 -46.83
C ARG B 893 -15.61 -31.30 -47.75
N LEU B 894 -14.46 -31.96 -47.88
CA LEU B 894 -13.42 -31.50 -48.82
C LEU B 894 -13.93 -31.58 -50.26
N GLU B 895 -14.78 -32.57 -50.53
CA GLU B 895 -15.47 -32.69 -51.83
C GLU B 895 -16.45 -31.53 -52.07
N GLU B 896 -17.11 -31.05 -51.01
CA GLU B 896 -17.91 -29.83 -51.10
C GLU B 896 -16.99 -28.63 -51.40
N VAL B 897 -16.05 -28.37 -50.50
CA VAL B 897 -15.08 -27.29 -50.65
C VAL B 897 -13.86 -27.72 -51.47
N GLN B 915 -8.83 -21.73 -51.40
CA GLN B 915 -7.80 -22.61 -51.90
C GLN B 915 -6.83 -23.08 -50.80
N GLN B 916 -6.44 -22.16 -49.91
CA GLN B 916 -5.62 -22.49 -48.74
C GLN B 916 -6.40 -23.25 -47.67
N THR B 917 -7.73 -23.11 -47.72
CA THR B 917 -8.66 -23.87 -46.88
C THR B 917 -8.49 -25.37 -47.09
N ILE B 918 -8.35 -25.77 -48.35
CA ILE B 918 -8.18 -27.18 -48.71
C ILE B 918 -7.10 -27.83 -47.85
N GLU B 919 -5.92 -27.20 -47.80
CA GLU B 919 -4.79 -27.70 -47.01
C GLU B 919 -5.14 -28.01 -45.55
N THR B 920 -5.94 -27.13 -44.94
CA THR B 920 -6.29 -27.22 -43.53
C THR B 920 -7.39 -28.25 -43.26
N ILE B 921 -8.40 -28.32 -44.13
CA ILE B 921 -9.45 -29.33 -44.04
C ILE B 921 -8.83 -30.72 -44.08
N GLU B 922 -7.96 -30.96 -45.06
CA GLU B 922 -7.25 -32.24 -45.16
C GLU B 922 -6.41 -32.54 -43.90
N GLU B 923 -5.91 -31.49 -43.25
CA GLU B 923 -5.19 -31.63 -41.97
C GLU B 923 -6.16 -31.94 -40.83
N ASN B 924 -7.32 -31.28 -40.80
CA ASN B 924 -8.39 -31.57 -39.84
C ASN B 924 -8.86 -33.01 -39.92
N ILE B 925 -9.30 -33.43 -41.11
CA ILE B 925 -9.70 -34.82 -41.35
C ILE B 925 -8.74 -35.75 -40.61
N GLY B 926 -7.47 -35.65 -40.96
CA GLY B 926 -6.45 -36.52 -40.41
C GLY B 926 -6.45 -36.51 -38.90
N TRP B 927 -6.67 -35.33 -38.33
CA TRP B 927 -6.66 -35.16 -36.89
C TRP B 927 -7.78 -35.95 -36.22
N MET B 928 -8.97 -35.95 -36.81
CA MET B 928 -10.12 -36.73 -36.29
C MET B 928 -9.91 -38.21 -36.52
N ASP B 929 -9.51 -38.58 -37.73
CA ASP B 929 -9.27 -39.97 -38.05
C ASP B 929 -8.17 -40.57 -37.16
N LYS B 930 -7.25 -39.74 -36.68
CA LYS B 930 -6.22 -40.18 -35.74
C LYS B 930 -6.60 -40.02 -34.27
N ASN B 931 -7.45 -39.04 -33.94
CA ASN B 931 -7.71 -38.72 -32.53
C ASN B 931 -9.12 -38.97 -32.00
N PHE B 932 -10.14 -38.95 -32.84
CA PHE B 932 -11.51 -39.05 -32.32
C PHE B 932 -11.65 -40.19 -31.31
N ASP B 933 -11.30 -41.41 -31.75
CA ASP B 933 -11.48 -42.62 -30.93
C ASP B 933 -10.69 -42.59 -29.62
N LYS B 934 -9.54 -41.90 -29.64
CA LYS B 934 -8.71 -41.74 -28.47
C LYS B 934 -9.31 -40.74 -27.50
N ILE B 935 -9.91 -39.68 -28.03
CA ILE B 935 -10.60 -38.69 -27.19
C ILE B 935 -11.82 -39.33 -26.56
N ARG B 936 -12.47 -40.21 -27.31
CA ARG B 936 -13.68 -40.89 -26.85
C ARG B 936 -13.32 -41.75 -25.65
N VAL B 937 -12.37 -42.65 -25.85
CA VAL B 937 -11.92 -43.57 -24.80
C VAL B 937 -11.37 -42.80 -23.59
N TRP B 938 -10.68 -41.69 -23.85
CA TRP B 938 -10.06 -40.89 -22.80
C TRP B 938 -11.13 -40.17 -21.97
N LEU B 939 -12.15 -39.65 -22.66
CA LEU B 939 -13.29 -39.04 -22.00
C LEU B 939 -14.09 -40.06 -21.19
N GLN B 940 -14.03 -41.33 -21.58
CA GLN B 940 -14.71 -42.39 -20.83
C GLN B 940 -14.03 -42.56 -19.46
N SER B 941 -14.21 -41.54 -18.61
CA SER B 941 -13.59 -41.45 -17.27
C SER B 941 -14.12 -40.19 -16.56
N PHE C 53 -23.26 18.45 41.22
CA PHE C 53 -23.20 18.47 39.74
C PHE C 53 -24.20 19.48 39.17
N PRO C 54 -23.71 20.43 38.36
CA PRO C 54 -24.45 21.65 37.99
C PRO C 54 -25.64 21.49 37.04
N TRP C 55 -25.94 20.26 36.61
CA TRP C 55 -27.05 19.99 35.68
C TRP C 55 -27.83 18.76 36.13
N ASN C 56 -29.15 18.77 35.91
CA ASN C 56 -30.00 17.66 36.37
C ASN C 56 -31.28 17.46 35.54
N LYS C 57 -31.11 17.57 34.22
CA LYS C 57 -32.10 17.11 33.25
C LYS C 57 -31.45 16.01 32.41
N ILE C 58 -32.24 15.04 31.93
CA ILE C 58 -31.72 14.02 31.02
C ILE C 58 -31.23 14.70 29.74
N ARG C 59 -32.06 15.61 29.21
CA ARG C 59 -31.67 16.36 28.02
C ARG C 59 -30.61 17.39 28.34
N LEU C 60 -29.68 17.57 27.40
CA LEU C 60 -28.59 18.54 27.55
C LEU C 60 -29.16 19.95 27.46
N PRO C 61 -28.45 20.94 28.03
CA PRO C 61 -28.93 22.31 27.88
C PRO C 61 -28.93 22.73 26.42
N GLU C 62 -29.95 23.47 26.03
CA GLU C 62 -30.11 23.86 24.64
C GLU C 62 -29.32 25.14 24.31
N TYR C 63 -28.76 25.81 25.31
CA TYR C 63 -28.07 27.09 25.07
C TYR C 63 -26.58 26.98 24.67
N VAL C 64 -26.04 25.76 24.56
CA VAL C 64 -24.68 25.54 24.02
C VAL C 64 -24.72 24.56 22.85
N ILE C 65 -24.18 24.98 21.70
CA ILE C 65 -24.30 24.24 20.45
C ILE C 65 -22.92 23.91 19.89
N PRO C 66 -22.64 22.62 19.65
CA PRO C 66 -21.41 22.28 18.94
C PRO C 66 -21.57 22.61 17.46
N VAL C 67 -20.47 22.88 16.80
CA VAL C 67 -20.50 23.25 15.39
C VAL C 67 -19.62 22.32 14.53
N HIS C 68 -18.49 21.90 15.09
CA HIS C 68 -17.61 20.96 14.42
C HIS C 68 -16.76 20.23 15.45
N TYR C 69 -16.55 18.94 15.22
CA TYR C 69 -15.70 18.11 16.08
C TYR C 69 -14.42 17.76 15.32
N ASP C 70 -13.30 17.78 16.03
CA ASP C 70 -12.08 17.17 15.54
C ASP C 70 -11.87 15.96 16.43
N LEU C 71 -12.03 14.75 15.86
CA LEU C 71 -11.87 13.50 16.62
C LEU C 71 -10.56 12.78 16.23
N LEU C 72 -9.75 12.47 17.24
CA LEU C 72 -8.56 11.65 17.05
C LEU C 72 -8.74 10.44 17.93
N ILE C 73 -8.74 9.26 17.30
CA ILE C 73 -8.89 8.01 18.04
C ILE C 73 -7.71 7.12 17.69
N HIS C 74 -6.93 6.78 18.71
CA HIS C 74 -5.85 5.80 18.61
C HIS C 74 -6.27 4.61 19.45
N ALA C 75 -6.53 3.49 18.79
CA ALA C 75 -7.07 2.30 19.44
C ALA C 75 -6.13 1.12 19.25
N ASN C 76 -5.72 0.51 20.36
CA ASN C 76 -4.87 -0.67 20.33
C ASN C 76 -5.70 -1.95 20.41
N LEU C 77 -5.69 -2.70 19.32
CA LEU C 77 -6.53 -3.89 19.17
C LEU C 77 -5.90 -5.13 19.81
N THR C 78 -4.63 -5.03 20.22
CA THR C 78 -3.97 -6.13 20.97
C THR C 78 -4.35 -6.05 22.44
N THR C 79 -4.18 -4.88 23.05
CA THR C 79 -4.48 -4.67 24.48
C THR C 79 -5.92 -4.20 24.73
N LEU C 80 -6.69 -4.02 23.65
CA LEU C 80 -8.09 -3.60 23.70
C LEU C 80 -8.25 -2.30 24.49
N THR C 81 -7.41 -1.32 24.17
CA THR C 81 -7.47 -0.01 24.80
C THR C 81 -7.37 1.05 23.72
N PHE C 82 -8.04 2.18 23.96
CA PHE C 82 -7.93 3.32 23.06
C PHE C 82 -7.74 4.65 23.79
N TRP C 83 -6.88 5.49 23.20
CA TRP C 83 -6.67 6.85 23.68
C TRP C 83 -7.36 7.77 22.67
N GLY C 84 -7.90 8.89 23.16
CA GLY C 84 -8.52 9.87 22.29
C GLY C 84 -8.29 11.32 22.66
N THR C 85 -8.25 12.19 21.65
CA THR C 85 -8.31 13.63 21.86
C THR C 85 -9.49 14.19 21.04
N THR C 86 -10.34 14.96 21.71
CA THR C 86 -11.55 15.50 21.09
C THR C 86 -11.53 17.02 21.15
N LYS C 87 -11.45 17.65 19.99
CA LYS C 87 -11.55 19.09 19.90
C LYS C 87 -12.94 19.40 19.35
N VAL C 88 -13.82 19.94 20.20
CA VAL C 88 -15.17 20.27 19.78
C VAL C 88 -15.34 21.79 19.77
N GLU C 89 -15.56 22.35 18.59
CA GLU C 89 -15.79 23.79 18.45
C GLU C 89 -17.23 24.08 18.85
N ILE C 90 -17.43 25.13 19.64
CA ILE C 90 -18.75 25.45 20.17
C ILE C 90 -19.04 26.95 20.15
N THR C 91 -20.30 27.29 20.39
CA THR C 91 -20.73 28.67 20.63
C THR C 91 -21.85 28.64 21.67
N ALA C 92 -21.88 29.64 22.54
CA ALA C 92 -22.96 29.77 23.52
C ALA C 92 -23.99 30.78 23.01
N SER C 93 -25.27 30.43 23.11
CA SER C 93 -26.37 31.36 22.76
C SER C 93 -26.86 32.15 23.98
N GLN C 94 -26.20 31.98 25.10
CA GLN C 94 -26.65 32.50 26.39
C GLN C 94 -25.44 32.43 27.31
N PRO C 95 -25.26 33.44 28.18
CA PRO C 95 -24.03 33.39 28.97
C PRO C 95 -24.00 32.15 29.87
N THR C 96 -22.82 31.60 30.07
CA THR C 96 -22.64 30.41 30.90
C THR C 96 -21.16 30.13 31.13
N SER C 97 -20.83 29.67 32.33
CA SER C 97 -19.47 29.30 32.68
C SER C 97 -19.34 27.77 32.81
N THR C 98 -20.39 27.05 32.39
CA THR C 98 -20.45 25.60 32.51
C THR C 98 -20.90 24.99 31.19
N ILE C 99 -20.20 23.95 30.74
CA ILE C 99 -20.58 23.22 29.53
C ILE C 99 -20.89 21.78 29.91
N ILE C 100 -22.13 21.36 29.64
CA ILE C 100 -22.53 19.97 29.85
C ILE C 100 -22.43 19.22 28.52
N LEU C 101 -21.77 18.06 28.54
CA LEU C 101 -21.82 17.15 27.39
C LEU C 101 -21.79 15.68 27.86
N HIS C 102 -22.00 14.75 26.93
CA HIS C 102 -22.15 13.33 27.25
C HIS C 102 -20.82 12.63 27.19
N SER C 103 -20.60 11.73 28.14
CA SER C 103 -19.40 10.90 28.17
C SER C 103 -19.74 9.63 28.95
N HIS C 104 -19.25 8.49 28.48
CA HIS C 104 -19.57 7.21 29.12
C HIS C 104 -18.40 6.23 29.08
N HIS C 105 -18.05 5.70 30.26
CA HIS C 105 -16.86 4.84 30.46
C HIS C 105 -15.61 5.39 29.77
N LEU C 106 -15.35 6.69 29.98
CA LEU C 106 -14.16 7.35 29.47
C LEU C 106 -13.44 8.06 30.61
N GLN C 107 -12.16 7.73 30.81
CA GLN C 107 -11.34 8.45 31.79
C GLN C 107 -10.76 9.69 31.10
N ILE C 108 -11.31 10.85 31.45
CA ILE C 108 -10.87 12.13 30.89
C ILE C 108 -9.73 12.66 31.74
N SER C 109 -8.55 12.81 31.13
CA SER C 109 -7.36 13.31 31.84
C SER C 109 -7.44 14.84 32.05
N ARG C 110 -7.46 15.58 30.94
CA ARG C 110 -7.50 17.05 31.00
C ARG C 110 -8.49 17.62 30.00
N ALA C 111 -9.12 18.72 30.39
CA ALA C 111 -10.03 19.43 29.51
C ALA C 111 -9.73 20.91 29.57
N THR C 112 -9.70 21.56 28.41
CA THR C 112 -9.28 22.96 28.30
C THR C 112 -10.08 23.72 27.24
N LEU C 113 -10.25 25.02 27.45
CA LEU C 113 -11.02 25.88 26.56
C LEU C 113 -10.11 26.89 25.83
N ARG C 114 -10.00 26.77 24.51
CA ARG C 114 -9.29 27.77 23.72
C ARG C 114 -10.27 28.86 23.33
N LYS C 115 -9.84 30.13 23.40
CA LYS C 115 -10.73 31.29 23.15
C LYS C 115 -10.09 32.29 22.18
N GLY C 116 -10.92 33.21 21.70
CA GLY C 116 -10.47 34.36 20.90
C GLY C 116 -9.83 34.00 19.57
N ALA C 117 -9.06 34.95 19.03
CA ALA C 117 -8.37 34.77 17.75
C ALA C 117 -7.22 35.77 17.59
N LEU C 121 -5.05 34.27 20.84
CA LEU C 121 -5.37 32.93 21.34
C LEU C 121 -4.98 32.74 22.82
N SER C 122 -5.98 32.43 23.65
CA SER C 122 -5.77 32.03 25.04
C SER C 122 -6.05 30.52 25.12
N GLU C 123 -5.83 29.93 26.29
CA GLU C 123 -6.14 28.52 26.53
C GLU C 123 -6.15 28.17 28.02
N GLU C 124 -7.27 28.40 28.68
CA GLU C 124 -7.44 28.06 30.10
C GLU C 124 -7.78 26.57 30.24
N PRO C 125 -7.33 25.93 31.32
CA PRO C 125 -7.83 24.59 31.64
C PRO C 125 -9.21 24.64 32.29
N LEU C 126 -9.96 23.55 32.18
CA LEU C 126 -11.31 23.45 32.68
C LEU C 126 -11.35 22.38 33.74
N GLN C 127 -12.10 22.61 34.82
CA GLN C 127 -12.29 21.59 35.85
C GLN C 127 -13.35 20.62 35.35
N VAL C 128 -13.07 19.31 35.43
CA VAL C 128 -13.99 18.28 34.92
C VAL C 128 -14.80 17.62 36.04
N LEU C 129 -16.13 17.66 35.91
CA LEU C 129 -17.04 17.00 36.84
C LEU C 129 -17.80 15.90 36.10
N GLU C 130 -17.91 14.73 36.74
CA GLU C 130 -18.55 13.56 36.16
C GLU C 130 -19.84 13.23 36.90
N HIS C 131 -20.90 12.96 36.16
CA HIS C 131 -22.15 12.42 36.75
C HIS C 131 -22.55 11.14 36.00
N PRO C 132 -21.97 9.99 36.41
CA PRO C 132 -22.01 8.79 35.56
C PRO C 132 -23.41 8.21 35.35
N ARG C 133 -24.31 8.41 36.32
CA ARG C 133 -25.68 7.91 36.23
C ARG C 133 -26.44 8.54 35.06
N GLN C 134 -26.14 9.81 34.77
CA GLN C 134 -26.72 10.52 33.63
C GLN C 134 -25.83 10.43 32.37
N GLU C 135 -24.72 9.70 32.47
CA GLU C 135 -23.74 9.59 31.38
C GLU C 135 -23.25 10.98 30.90
N GLN C 136 -23.27 11.96 31.80
CA GLN C 136 -22.91 13.34 31.50
C GLN C 136 -21.59 13.68 32.18
N ILE C 137 -20.96 14.76 31.70
CA ILE C 137 -19.83 15.38 32.39
C ILE C 137 -19.97 16.87 32.24
N ALA C 138 -19.50 17.61 33.24
CA ALA C 138 -19.54 19.07 33.21
C ALA C 138 -18.13 19.63 33.04
N LEU C 139 -18.00 20.67 32.23
CA LEU C 139 -16.75 21.38 32.11
C LEU C 139 -17.01 22.78 32.64
N LEU C 140 -16.18 23.23 33.57
CA LEU C 140 -16.36 24.54 34.19
C LEU C 140 -15.25 25.52 33.80
N ALA C 141 -15.66 26.74 33.47
CA ALA C 141 -14.73 27.81 33.14
C ALA C 141 -14.78 28.93 34.20
N PRO C 142 -13.59 29.42 34.63
CA PRO C 142 -13.48 30.52 35.61
C PRO C 142 -14.35 31.74 35.30
N GLU C 143 -14.37 32.12 34.02
CA GLU C 143 -15.19 33.23 33.53
C GLU C 143 -16.19 32.72 32.48
N PRO C 144 -17.35 33.40 32.36
CA PRO C 144 -18.41 32.89 31.49
C PRO C 144 -18.12 33.14 30.02
N LEU C 145 -18.59 32.22 29.18
CA LEU C 145 -18.41 32.31 27.72
C LEU C 145 -19.27 33.41 27.16
N LEU C 146 -18.72 34.16 26.20
CA LEU C 146 -19.46 35.26 25.58
C LEU C 146 -20.38 34.74 24.48
N VAL C 147 -21.58 35.28 24.44
CA VAL C 147 -22.56 34.88 23.43
C VAL C 147 -22.03 35.23 22.05
N GLY C 148 -22.14 34.27 21.12
CA GLY C 148 -21.76 34.50 19.72
C GLY C 148 -20.30 34.25 19.40
N LEU C 149 -19.44 34.29 20.41
CA LEU C 149 -18.00 34.08 20.20
C LEU C 149 -17.70 32.59 20.10
N PRO C 150 -16.82 32.22 19.17
CA PRO C 150 -16.47 30.81 19.05
C PRO C 150 -15.48 30.42 20.13
N TYR C 151 -15.65 29.22 20.67
CA TYR C 151 -14.73 28.66 21.63
C TYR C 151 -14.44 27.25 21.15
N THR C 152 -13.25 26.75 21.44
CA THR C 152 -12.92 25.35 21.19
C THR C 152 -12.64 24.67 22.51
N VAL C 153 -13.30 23.53 22.72
CA VAL C 153 -13.08 22.70 23.89
C VAL C 153 -12.18 21.57 23.45
N VAL C 154 -11.14 21.30 24.22
CA VAL C 154 -10.27 20.15 23.97
C VAL C 154 -10.32 19.22 25.18
N ILE C 155 -10.74 17.97 24.93
CA ILE C 155 -10.77 16.94 25.95
C ILE C 155 -9.84 15.81 25.55
N HIS C 156 -8.88 15.48 26.41
CA HIS C 156 -8.04 14.29 26.25
C HIS C 156 -8.59 13.22 27.20
N TYR C 157 -8.65 11.98 26.71
CA TYR C 157 -9.27 10.90 27.46
C TYR C 157 -8.75 9.54 27.02
N ALA C 158 -8.94 8.56 27.91
CA ALA C 158 -8.64 7.17 27.59
C ALA C 158 -9.84 6.28 27.92
N GLY C 159 -9.87 5.11 27.29
CA GLY C 159 -10.93 4.13 27.50
C GLY C 159 -10.59 2.74 27.00
N ASN C 160 -11.32 1.76 27.51
CA ASN C 160 -11.20 0.37 27.06
C ASN C 160 -12.23 0.14 25.97
N LEU C 161 -11.82 -0.52 24.87
CA LEU C 161 -12.78 -0.96 23.85
C LEU C 161 -13.85 -1.77 24.55
N SER C 162 -15.11 -1.55 24.19
CA SER C 162 -16.22 -2.26 24.83
C SER C 162 -16.25 -3.71 24.39
N GLU C 163 -16.71 -4.58 25.30
CA GLU C 163 -16.91 -6.00 25.03
C GLU C 163 -18.37 -6.32 24.77
N THR C 164 -19.26 -5.33 24.96
CA THR C 164 -20.70 -5.54 24.96
C THR C 164 -21.40 -5.20 23.62
N PHE C 165 -20.61 -5.11 22.54
CA PHE C 165 -21.14 -4.81 21.20
C PHE C 165 -21.93 -3.49 21.10
N HIS C 166 -21.48 -2.50 21.88
CA HIS C 166 -22.13 -1.20 21.91
C HIS C 166 -21.06 -0.11 22.11
N GLY C 167 -21.17 0.97 21.34
CA GLY C 167 -20.14 2.01 21.34
C GLY C 167 -19.01 1.62 20.41
N PHE C 168 -17.77 1.77 20.90
CA PHE C 168 -16.58 1.39 20.15
C PHE C 168 -16.13 0.06 20.71
N TYR C 169 -16.30 -1.02 19.93
CA TYR C 169 -16.19 -2.36 20.51
C TYR C 169 -15.35 -3.33 19.70
N LYS C 170 -14.80 -4.33 20.40
CA LYS C 170 -14.00 -5.39 19.79
C LYS C 170 -14.91 -6.47 19.22
N SER C 171 -14.63 -6.88 17.98
CA SER C 171 -15.29 -8.02 17.38
C SER C 171 -14.19 -8.94 16.86
N THR C 172 -14.48 -10.23 16.74
CA THR C 172 -13.47 -11.25 16.40
C THR C 172 -13.95 -12.24 15.36
N TYR C 173 -13.01 -12.83 14.63
CA TYR C 173 -13.35 -13.84 13.60
C TYR C 173 -12.16 -14.77 13.29
N ARG C 174 -12.46 -16.03 12.96
CA ARG C 174 -11.45 -17.07 12.66
C ARG C 174 -11.28 -17.28 11.15
N THR C 175 -10.04 -17.20 10.66
CA THR C 175 -9.76 -17.42 9.24
C THR C 175 -9.87 -18.90 8.87
N LYS C 176 -10.08 -19.18 7.58
CA LYS C 176 -10.22 -20.56 7.06
C LYS C 176 -8.98 -21.42 7.39
N GLU C 177 -7.82 -20.78 7.50
CA GLU C 177 -6.59 -21.45 7.95
C GLU C 177 -6.42 -21.42 9.49
N GLY C 178 -7.51 -21.27 10.23
CA GLY C 178 -7.52 -21.47 11.68
C GLY C 178 -7.27 -20.27 12.58
N GLU C 179 -6.42 -19.33 12.15
CA GLU C 179 -5.98 -18.20 12.98
C GLU C 179 -7.12 -17.24 13.38
N LEU C 180 -7.05 -16.70 14.60
CA LEU C 180 -8.04 -15.73 15.11
C LEU C 180 -7.56 -14.30 14.89
N ARG C 181 -8.46 -13.45 14.41
CA ARG C 181 -8.17 -12.05 14.12
C ARG C 181 -9.19 -11.13 14.75
N ILE C 182 -8.72 -9.96 15.18
CA ILE C 182 -9.56 -8.98 15.87
C ILE C 182 -9.81 -7.76 14.97
N LEU C 183 -10.98 -7.15 15.15
CA LEU C 183 -11.33 -5.89 14.51
C LEU C 183 -12.10 -5.01 15.48
N ALA C 184 -11.95 -3.70 15.30
CA ALA C 184 -12.65 -2.69 16.10
C ALA C 184 -13.66 -1.96 15.22
N SER C 185 -14.84 -1.71 15.77
CA SER C 185 -15.99 -1.25 15.00
C SER C 185 -16.89 -0.41 15.91
N THR C 186 -17.79 0.37 15.32
CA THR C 186 -18.69 1.23 16.09
C THR C 186 -20.18 0.88 15.95
N GLN C 187 -20.98 1.22 16.97
CA GLN C 187 -22.44 1.20 16.90
C GLN C 187 -22.97 2.23 17.90
N PHE C 188 -23.30 3.43 17.42
CA PHE C 188 -23.63 4.52 18.34
C PHE C 188 -25.13 4.75 18.54
N GLU C 189 -25.98 4.21 17.67
CA GLU C 189 -27.42 4.41 17.83
C GLU C 189 -27.93 3.62 19.02
N PRO C 190 -28.63 4.28 19.97
CA PRO C 190 -29.00 5.70 20.00
C PRO C 190 -28.02 6.63 20.72
N THR C 191 -27.35 6.13 21.76
CA THR C 191 -26.60 7.02 22.66
C THR C 191 -25.23 6.49 23.04
N ALA C 192 -24.56 5.83 22.08
CA ALA C 192 -23.29 5.16 22.34
C ALA C 192 -22.10 5.83 21.66
N ALA C 193 -22.29 6.98 21.05
CA ALA C 193 -21.15 7.77 20.55
C ALA C 193 -20.37 8.30 21.75
N ARG C 194 -21.09 8.58 22.82
CA ARG C 194 -20.48 9.01 24.07
C ARG C 194 -19.54 7.96 24.69
N MET C 195 -19.62 6.72 24.23
CA MET C 195 -18.67 5.68 24.66
C MET C 195 -17.37 5.69 23.86
N ALA C 196 -17.33 6.46 22.78
CA ALA C 196 -16.16 6.53 21.88
C ALA C 196 -15.42 7.87 22.01
N PHE C 197 -16.18 8.94 22.18
CA PHE C 197 -15.64 10.27 22.32
C PHE C 197 -16.70 11.16 22.93
N PRO C 198 -16.31 12.03 23.87
CA PRO C 198 -17.31 12.84 24.56
C PRO C 198 -17.97 13.75 23.55
N CYS C 199 -19.25 14.05 23.75
CA CYS C 199 -19.95 14.87 22.75
C CYS C 199 -21.32 15.24 23.24
N PHE C 200 -21.95 16.13 22.47
CA PHE C 200 -23.35 16.51 22.67
C PHE C 200 -24.18 15.44 21.93
N ASP C 201 -24.29 14.29 22.58
CA ASP C 201 -24.84 13.07 21.97
C ASP C 201 -26.37 13.09 22.02
N GLU C 202 -26.96 14.05 21.33
CA GLU C 202 -28.38 14.05 21.02
C GLU C 202 -28.49 14.39 19.54
N PRO C 203 -29.46 13.76 18.84
CA PRO C 203 -29.43 13.77 17.38
C PRO C 203 -29.68 15.14 16.74
N ALA C 204 -30.27 16.07 17.49
CA ALA C 204 -30.53 17.41 16.97
C ALA C 204 -29.34 18.38 17.16
N PHE C 205 -28.32 18.00 17.93
CA PHE C 205 -27.08 18.77 18.02
C PHE C 205 -26.17 18.36 16.86
N LYS C 206 -26.59 18.63 15.64
CA LYS C 206 -25.82 18.18 14.50
C LYS C 206 -24.53 18.98 14.44
N ALA C 207 -23.52 18.39 13.83
CA ALA C 207 -22.21 19.05 13.65
C ALA C 207 -21.44 18.35 12.54
N SER C 208 -20.27 18.89 12.21
CA SER C 208 -19.40 18.30 11.19
C SER C 208 -18.29 17.57 11.92
N PHE C 209 -17.86 16.43 11.36
CA PHE C 209 -16.86 15.61 12.02
C PHE C 209 -15.65 15.40 11.11
N SER C 210 -14.50 15.88 11.59
CA SER C 210 -13.19 15.51 11.05
C SER C 210 -12.62 14.41 11.92
N ILE C 211 -12.52 13.21 11.36
CA ILE C 211 -12.09 12.04 12.11
C ILE C 211 -10.69 11.61 11.66
N LYS C 212 -9.82 11.38 12.64
CA LYS C 212 -8.49 10.84 12.38
C LYS C 212 -8.29 9.56 13.20
N ILE C 213 -8.04 8.45 12.51
CA ILE C 213 -7.86 7.14 13.15
C ILE C 213 -6.42 6.67 13.02
N ARG C 214 -5.85 6.21 14.14
CA ARG C 214 -4.46 5.70 14.17
C ARG C 214 -4.44 4.18 14.30
N ARG C 215 -3.77 3.53 13.36
CA ARG C 215 -3.73 2.08 13.31
C ARG C 215 -2.41 1.53 12.80
N GLU C 216 -2.19 0.24 13.06
CA GLU C 216 -1.01 -0.47 12.58
C GLU C 216 -1.11 -0.64 11.06
N PRO C 217 0.03 -0.74 10.35
CA PRO C 217 -0.05 -0.88 8.87
C PRO C 217 -0.77 -2.17 8.47
N ARG C 218 -0.68 -3.16 9.34
CA ARG C 218 -1.49 -4.38 9.33
C ARG C 218 -2.97 -4.13 8.99
N HIS C 219 -3.52 -3.03 9.51
CA HIS C 219 -4.97 -2.78 9.46
C HIS C 219 -5.40 -1.72 8.46
N LEU C 220 -6.72 -1.64 8.30
CA LEU C 220 -7.39 -0.72 7.41
C LEU C 220 -8.46 0.01 8.22
N ALA C 221 -8.55 1.33 8.06
CA ALA C 221 -9.59 2.10 8.72
C ALA C 221 -10.53 2.69 7.69
N ILE C 222 -11.83 2.51 7.91
CA ILE C 222 -12.83 3.20 7.11
C ILE C 222 -13.75 3.95 8.05
N SER C 223 -14.40 4.98 7.53
CA SER C 223 -15.29 5.82 8.32
C SER C 223 -16.36 6.43 7.42
N ASN C 224 -17.12 7.38 7.95
CA ASN C 224 -18.22 7.99 7.20
C ASN C 224 -17.76 8.54 5.85
N MET C 225 -16.75 9.41 5.85
CA MET C 225 -16.26 10.04 4.62
C MET C 225 -15.08 9.27 4.04
N PRO C 226 -14.67 9.58 2.79
CA PRO C 226 -13.49 8.92 2.21
C PRO C 226 -12.20 9.25 2.94
N LEU C 227 -11.18 8.42 2.73
CA LEU C 227 -9.86 8.64 3.29
C LEU C 227 -9.16 9.71 2.47
N VAL C 228 -8.70 10.78 3.13
CA VAL C 228 -8.05 11.88 2.44
C VAL C 228 -6.53 11.67 2.33
N LYS C 229 -5.92 11.25 3.45
CA LYS C 229 -4.49 10.94 3.47
C LYS C 229 -4.14 9.98 4.59
N SER C 230 -3.10 9.17 4.37
CA SER C 230 -2.54 8.32 5.42
C SER C 230 -1.11 8.81 5.70
N VAL C 231 -0.80 9.04 6.97
CA VAL C 231 0.49 9.63 7.33
C VAL C 231 1.14 8.76 8.41
N THR C 232 2.41 8.43 8.21
CA THR C 232 3.17 7.61 9.15
C THR C 232 3.61 8.46 10.33
N VAL C 233 3.06 8.16 11.51
CA VAL C 233 3.35 8.91 12.73
C VAL C 233 4.46 8.26 13.56
N ALA C 234 4.82 7.02 13.24
CA ALA C 234 5.86 6.29 13.98
C ALA C 234 6.26 5.00 13.25
N GLU C 235 7.20 4.26 13.83
CA GLU C 235 7.58 2.97 13.27
C GLU C 235 6.37 2.04 13.41
N GLY C 236 5.79 1.67 12.26
CA GLY C 236 4.65 0.78 12.25
C GLY C 236 3.42 1.36 12.94
N LEU C 237 3.21 2.66 12.74
CA LEU C 237 2.02 3.35 13.24
C LEU C 237 1.54 4.42 12.26
N ILE C 238 0.32 4.27 11.75
CA ILE C 238 -0.23 5.14 10.71
C ILE C 238 -1.44 5.95 11.20
N GLU C 239 -1.58 7.17 10.70
CA GLU C 239 -2.70 8.03 11.04
C GLU C 239 -3.53 8.25 9.78
N ASP C 240 -4.75 7.73 9.80
CA ASP C 240 -5.69 7.91 8.71
C ASP C 240 -6.48 9.20 8.91
N HIS C 241 -6.45 10.06 7.89
CA HIS C 241 -7.15 11.33 7.92
C HIS C 241 -8.38 11.25 7.00
N PHE C 242 -9.55 11.23 7.62
CA PHE C 242 -10.79 11.14 6.85
C PHE C 242 -11.33 12.52 6.60
N ASP C 243 -11.92 12.69 5.43
CA ASP C 243 -12.44 13.99 5.00
C ASP C 243 -13.49 14.40 5.99
N VAL C 244 -13.65 15.70 6.19
CA VAL C 244 -14.66 16.20 7.13
C VAL C 244 -16.07 15.85 6.62
N THR C 245 -16.94 15.40 7.52
CA THR C 245 -18.32 15.04 7.12
C THR C 245 -19.11 16.30 6.84
N VAL C 246 -20.23 16.14 6.14
CA VAL C 246 -21.26 17.16 6.16
C VAL C 246 -21.86 17.19 7.57
N LYS C 247 -22.58 18.26 7.88
CA LYS C 247 -23.26 18.42 9.18
C LYS C 247 -24.14 17.20 9.41
N MET C 248 -24.00 16.57 10.58
CA MET C 248 -24.69 15.30 10.85
C MET C 248 -24.84 15.03 12.34
N SER C 249 -25.62 14.01 12.67
CA SER C 249 -25.85 13.62 14.05
C SER C 249 -24.77 12.66 14.57
N THR C 250 -24.45 12.77 15.87
CA THR C 250 -23.40 11.96 16.49
C THR C 250 -23.64 10.45 16.38
N TYR C 251 -24.90 10.02 16.48
CA TYR C 251 -25.19 8.58 16.50
C TYR C 251 -24.97 7.89 15.15
N LEU C 252 -24.87 8.67 14.08
CA LEU C 252 -24.58 8.13 12.75
C LEU C 252 -23.08 8.04 12.43
N VAL C 253 -22.25 8.65 13.26
CA VAL C 253 -20.81 8.61 13.06
C VAL C 253 -20.29 7.18 13.24
N ALA C 254 -19.50 6.72 12.29
CA ALA C 254 -18.99 5.35 12.32
C ALA C 254 -17.52 5.27 11.93
N PHE C 255 -16.81 4.34 12.55
CA PHE C 255 -15.49 3.93 12.05
C PHE C 255 -15.17 2.48 12.39
N ILE C 256 -14.48 1.83 11.45
CA ILE C 256 -14.10 0.43 11.57
C ILE C 256 -12.59 0.29 11.42
N ILE C 257 -11.95 -0.32 12.40
CA ILE C 257 -10.54 -0.69 12.32
C ILE C 257 -10.49 -2.19 12.10
N SER C 258 -10.05 -2.61 10.92
CA SER C 258 -10.18 -4.00 10.52
C SER C 258 -9.09 -4.42 9.56
N ASP C 259 -9.24 -5.63 9.05
CA ASP C 259 -8.36 -6.20 8.03
C ASP C 259 -9.21 -6.70 6.87
N PHE C 260 -10.40 -6.14 6.71
CA PHE C 260 -11.34 -6.58 5.68
C PHE C 260 -10.78 -6.31 4.30
N GLU C 261 -11.06 -7.22 3.37
CA GLU C 261 -10.89 -6.95 1.95
C GLU C 261 -12.22 -6.35 1.50
N SER C 262 -12.34 -5.97 0.24
CA SER C 262 -13.56 -5.32 -0.22
C SER C 262 -13.73 -5.36 -1.73
N VAL C 263 -14.94 -5.08 -2.17
CA VAL C 263 -15.26 -4.97 -3.59
C VAL C 263 -16.09 -3.72 -3.77
N SER C 264 -16.02 -3.15 -4.97
CA SER C 264 -16.58 -1.84 -5.24
C SER C 264 -17.25 -1.75 -6.60
N LYS C 265 -18.14 -0.78 -6.72
CA LYS C 265 -18.89 -0.54 -7.96
C LYS C 265 -19.31 0.93 -7.94
N ILE C 266 -19.26 1.59 -9.10
CA ILE C 266 -19.65 2.98 -9.23
C ILE C 266 -21.09 3.07 -9.72
N THR C 267 -21.88 3.98 -9.14
CA THR C 267 -23.24 4.23 -9.61
C THR C 267 -23.18 5.14 -10.82
N LYS C 268 -24.25 5.18 -11.60
CA LYS C 268 -24.34 6.11 -12.73
C LYS C 268 -24.00 7.52 -12.26
N SER C 269 -24.50 7.87 -11.07
CA SER C 269 -24.26 9.18 -10.46
C SER C 269 -22.80 9.46 -10.16
N GLY C 270 -21.97 8.42 -10.10
CA GLY C 270 -20.55 8.57 -9.80
C GLY C 270 -20.17 8.24 -8.37
N VAL C 271 -21.13 7.72 -7.59
CA VAL C 271 -20.87 7.37 -6.21
C VAL C 271 -20.15 6.03 -6.15
N LYS C 272 -19.09 5.95 -5.34
CA LYS C 272 -18.36 4.70 -5.16
C LYS C 272 -19.00 3.87 -4.05
N VAL C 273 -19.71 2.82 -4.46
CA VAL C 273 -20.32 1.91 -3.51
C VAL C 273 -19.39 0.72 -3.29
N SER C 274 -19.19 0.35 -2.03
CA SER C 274 -18.30 -0.75 -1.67
C SER C 274 -18.90 -1.64 -0.58
N VAL C 275 -18.71 -2.94 -0.71
CA VAL C 275 -19.04 -3.86 0.37
C VAL C 275 -17.76 -4.42 0.95
N TYR C 276 -17.67 -4.41 2.28
CA TYR C 276 -16.49 -4.87 2.99
C TYR C 276 -16.87 -6.15 3.73
N ALA C 277 -15.96 -7.11 3.72
CA ALA C 277 -16.18 -8.37 4.40
C ALA C 277 -14.84 -8.91 4.87
N VAL C 278 -14.89 -9.88 5.78
CA VAL C 278 -13.69 -10.65 6.12
C VAL C 278 -13.20 -11.36 4.85
N PRO C 279 -11.88 -11.52 4.70
CA PRO C 279 -11.30 -12.02 3.45
C PRO C 279 -11.87 -13.34 2.95
N ASP C 280 -12.22 -14.23 3.89
CA ASP C 280 -12.80 -15.52 3.53
C ASP C 280 -14.13 -15.38 2.79
N LYS C 281 -15.01 -14.52 3.29
CA LYS C 281 -16.38 -14.39 2.79
C LYS C 281 -16.58 -13.24 1.80
N ILE C 282 -15.52 -12.52 1.42
CA ILE C 282 -15.65 -11.38 0.50
C ILE C 282 -16.20 -11.78 -0.86
N ASN C 283 -16.07 -13.05 -1.24
CA ASN C 283 -16.72 -13.57 -2.46
C ASN C 283 -18.24 -13.64 -2.35
N GLN C 284 -18.76 -13.66 -1.12
CA GLN C 284 -20.20 -13.65 -0.85
C GLN C 284 -20.85 -12.25 -0.89
N ALA C 285 -20.07 -11.21 -1.19
CA ALA C 285 -20.55 -9.82 -1.16
C ALA C 285 -21.09 -9.32 -2.49
N ASP C 286 -20.89 -10.07 -3.58
CA ASP C 286 -21.27 -9.61 -4.92
C ASP C 286 -22.77 -9.29 -5.09
N TYR C 287 -23.65 -10.01 -4.39
CA TYR C 287 -25.08 -9.77 -4.51
C TYR C 287 -25.44 -8.44 -3.87
N ALA C 288 -25.03 -8.28 -2.62
CA ALA C 288 -25.33 -7.05 -1.88
C ALA C 288 -24.84 -5.82 -2.63
N LEU C 289 -23.63 -5.91 -3.20
CA LEU C 289 -23.05 -4.78 -3.92
C LEU C 289 -23.94 -4.36 -5.08
N ASP C 290 -24.31 -5.32 -5.92
CA ASP C 290 -25.19 -5.04 -7.06
C ASP C 290 -26.53 -4.45 -6.61
N ALA C 291 -27.05 -4.94 -5.49
CA ALA C 291 -28.29 -4.46 -4.91
C ALA C 291 -28.16 -3.03 -4.44
N ALA C 292 -27.08 -2.76 -3.68
CA ALA C 292 -26.81 -1.43 -3.13
C ALA C 292 -26.82 -0.37 -4.22
N VAL C 293 -26.10 -0.63 -5.31
CA VAL C 293 -26.00 0.32 -6.40
C VAL C 293 -27.36 0.57 -7.06
N THR C 294 -28.14 -0.48 -7.30
CA THR C 294 -29.45 -0.30 -7.91
C THR C 294 -30.35 0.56 -7.02
N LEU C 295 -30.44 0.19 -5.75
CA LEU C 295 -31.24 0.90 -4.76
C LEU C 295 -30.75 2.34 -4.57
N LEU C 296 -29.44 2.53 -4.48
CA LEU C 296 -28.91 3.86 -4.33
C LEU C 296 -29.40 4.72 -5.50
N GLU C 297 -29.20 4.22 -6.71
CA GLU C 297 -29.71 4.88 -7.94
C GLU C 297 -31.22 5.12 -7.88
N PHE C 298 -31.97 4.15 -7.38
CA PHE C 298 -33.42 4.28 -7.25
C PHE C 298 -33.78 5.44 -6.34
N TYR C 299 -33.14 5.49 -5.17
CA TYR C 299 -33.46 6.49 -4.16
C TYR C 299 -33.09 7.89 -4.64
N GLU C 300 -31.94 8.02 -5.29
CA GLU C 300 -31.57 9.29 -5.91
C GLU C 300 -32.71 9.81 -6.79
N ASP C 301 -33.29 8.94 -7.58
CA ASP C 301 -34.37 9.32 -8.48
C ASP C 301 -35.63 9.65 -7.69
N TYR C 302 -35.99 8.79 -6.75
CA TYR C 302 -37.24 8.93 -5.97
C TYR C 302 -37.23 10.21 -5.15
N PHE C 303 -36.19 10.39 -4.34
CA PHE C 303 -36.09 11.55 -3.48
C PHE C 303 -35.73 12.84 -4.22
N SER C 304 -35.34 12.72 -5.49
CA SER C 304 -34.91 13.88 -6.30
C SER C 304 -33.78 14.66 -5.64
N ILE C 305 -32.93 13.97 -4.90
CA ILE C 305 -31.83 14.56 -4.17
C ILE C 305 -30.65 13.59 -4.32
N PRO C 306 -29.52 14.07 -4.90
CA PRO C 306 -28.39 13.17 -5.06
C PRO C 306 -27.89 12.64 -3.72
N TYR C 307 -27.31 11.44 -3.74
CA TYR C 307 -26.76 10.83 -2.54
C TYR C 307 -25.81 11.85 -1.89
N PRO C 308 -26.13 12.29 -0.67
CA PRO C 308 -25.44 13.43 -0.06
C PRO C 308 -23.94 13.29 0.16
N LEU C 309 -23.46 12.10 0.46
CA LEU C 309 -22.03 11.88 0.71
C LEU C 309 -21.35 11.39 -0.58
N PRO C 310 -20.02 11.28 -0.58
CA PRO C 310 -19.32 10.90 -1.82
C PRO C 310 -19.16 9.41 -2.04
N LYS C 311 -19.36 8.59 -1.01
CA LYS C 311 -19.22 7.13 -1.13
C LYS C 311 -20.08 6.37 -0.10
N GLN C 312 -20.66 5.26 -0.54
CA GLN C 312 -21.43 4.41 0.34
C GLN C 312 -20.65 3.10 0.54
N ASP C 313 -20.22 2.85 1.78
CA ASP C 313 -19.61 1.57 2.13
C ASP C 313 -20.62 0.74 2.94
N LEU C 314 -20.72 -0.54 2.61
CA LEU C 314 -21.50 -1.51 3.38
C LEU C 314 -20.53 -2.50 4.02
N ALA C 315 -20.70 -2.77 5.30
CA ALA C 315 -19.75 -3.63 6.04
C ALA C 315 -20.48 -4.80 6.69
N ALA C 316 -19.91 -6.00 6.54
CA ALA C 316 -20.44 -7.21 7.14
C ALA C 316 -19.64 -7.50 8.42
N ILE C 317 -20.08 -6.93 9.52
CA ILE C 317 -19.43 -7.09 10.83
C ILE C 317 -19.78 -8.46 11.44
N PRO C 318 -18.76 -9.23 11.90
CA PRO C 318 -18.98 -10.61 12.34
C PRO C 318 -20.03 -10.85 13.43
N ASP C 319 -19.79 -10.41 14.65
CA ASP C 319 -20.70 -10.75 15.76
C ASP C 319 -21.72 -9.63 16.01
N PHE C 320 -22.26 -9.09 14.93
CA PHE C 320 -23.09 -7.89 15.00
C PHE C 320 -24.41 -8.21 15.72
N GLN C 321 -24.71 -7.44 16.77
CA GLN C 321 -25.85 -7.76 17.62
C GLN C 321 -27.12 -6.96 17.32
N SER C 322 -26.97 -5.78 16.73
CA SER C 322 -28.10 -5.17 16.04
C SER C 322 -28.31 -5.99 14.75
N GLY C 323 -29.22 -5.54 13.89
CA GLY C 323 -29.43 -6.22 12.61
C GLY C 323 -28.55 -5.59 11.55
N ALA C 324 -28.73 -4.29 11.40
CA ALA C 324 -27.93 -3.45 10.52
C ALA C 324 -28.13 -2.02 10.99
N MET C 325 -27.18 -1.15 10.69
CA MET C 325 -27.25 0.25 11.10
C MET C 325 -26.98 1.15 9.91
N GLU C 326 -27.58 2.33 9.91
CA GLU C 326 -27.53 3.22 8.76
C GLU C 326 -26.46 4.31 8.89
N ASN C 327 -25.34 4.01 9.54
CA ASN C 327 -24.28 5.00 9.69
C ASN C 327 -24.06 5.67 8.35
N TRP C 328 -24.01 6.99 8.35
CA TRP C 328 -24.03 7.76 7.09
C TRP C 328 -22.74 7.55 6.28
N GLY C 329 -22.88 6.96 5.10
CA GLY C 329 -21.71 6.68 4.27
C GLY C 329 -21.02 5.36 4.57
N LEU C 330 -21.33 4.76 5.72
CA LEU C 330 -20.71 3.51 6.14
C LEU C 330 -21.72 2.62 6.87
N THR C 331 -22.65 2.04 6.11
CA THR C 331 -23.65 1.16 6.69
C THR C 331 -22.99 -0.15 7.17
N THR C 332 -23.45 -0.66 8.31
CA THR C 332 -22.90 -1.87 8.90
C THR C 332 -24.02 -2.90 9.06
N TYR C 333 -23.70 -4.16 8.74
CA TYR C 333 -24.69 -5.27 8.74
C TYR C 333 -24.16 -6.52 9.43
N ARG C 334 -25.06 -7.36 9.93
CA ARG C 334 -24.69 -8.72 10.32
C ARG C 334 -24.43 -9.51 9.04
N GLU C 335 -23.49 -10.45 9.08
CA GLU C 335 -23.07 -11.18 7.88
C GLU C 335 -24.25 -11.84 7.18
N SER C 336 -25.11 -12.48 7.96
CA SER C 336 -26.38 -13.03 7.46
C SER C 336 -27.10 -12.04 6.56
N ALA C 337 -27.17 -10.78 6.99
CA ALA C 337 -28.02 -9.78 6.34
C ALA C 337 -27.43 -9.12 5.09
N LEU C 338 -26.21 -9.49 4.70
CA LEU C 338 -25.52 -8.79 3.61
C LEU C 338 -24.78 -9.73 2.65
N LEU C 339 -24.14 -10.77 3.21
CA LEU C 339 -23.43 -11.78 2.44
C LEU C 339 -24.35 -12.95 2.15
N PHE C 340 -24.07 -13.67 1.07
CA PHE C 340 -24.96 -14.74 0.62
C PHE C 340 -24.15 -15.87 -0.01
N ASP C 341 -24.20 -17.06 0.61
CA ASP C 341 -23.40 -18.23 0.18
C ASP C 341 -24.30 -19.26 -0.51
N ALA C 342 -24.27 -19.26 -1.85
CA ALA C 342 -25.11 -20.15 -2.66
C ALA C 342 -25.32 -21.53 -2.01
N GLU C 343 -24.23 -22.27 -1.81
CA GLU C 343 -24.28 -23.60 -1.19
C GLU C 343 -24.49 -23.53 0.32
N LYS C 344 -25.49 -22.76 0.75
CA LYS C 344 -25.68 -22.46 2.17
C LYS C 344 -27.00 -21.73 2.47
N SER C 345 -27.32 -20.72 1.65
CA SER C 345 -28.44 -19.80 1.94
C SER C 345 -29.83 -20.33 1.57
N SER C 346 -30.71 -20.40 2.58
CA SER C 346 -32.07 -20.92 2.45
C SER C 346 -33.02 -19.83 1.96
N ALA C 347 -33.35 -19.86 0.68
CA ALA C 347 -33.82 -18.66 -0.01
C ALA C 347 -35.15 -18.07 0.46
N SER C 348 -35.07 -17.47 1.64
CA SER C 348 -35.71 -16.21 1.94
C SER C 348 -34.54 -15.34 2.43
N SER C 349 -33.43 -15.42 1.70
CA SER C 349 -32.16 -14.82 2.10
C SER C 349 -31.84 -13.62 1.22
N LYS C 350 -31.97 -13.77 -0.09
CA LYS C 350 -31.82 -12.63 -0.99
C LYS C 350 -32.85 -11.54 -0.68
N LEU C 351 -34.05 -11.96 -0.28
CA LEU C 351 -35.05 -11.01 0.16
C LEU C 351 -34.50 -10.23 1.35
N GLY C 352 -34.07 -10.95 2.39
CA GLY C 352 -33.54 -10.34 3.60
C GLY C 352 -32.34 -9.43 3.39
N ILE C 353 -31.51 -9.74 2.41
CA ILE C 353 -30.38 -8.88 2.10
C ILE C 353 -30.89 -7.59 1.46
N THR C 354 -31.64 -7.73 0.37
CA THR C 354 -32.09 -6.59 -0.40
C THR C 354 -32.89 -5.67 0.48
N MET C 355 -33.78 -6.25 1.28
CA MET C 355 -34.64 -5.45 2.16
C MET C 355 -33.84 -4.74 3.25
N THR C 356 -32.82 -5.39 3.81
CA THR C 356 -32.00 -4.72 4.81
C THR C 356 -31.19 -3.58 4.17
N VAL C 357 -30.49 -3.89 3.08
CA VAL C 357 -29.77 -2.87 2.32
C VAL C 357 -30.71 -1.73 1.92
N ALA C 358 -31.90 -2.07 1.43
CA ALA C 358 -32.87 -1.04 1.05
C ALA C 358 -33.23 -0.15 2.25
N HIS C 359 -33.40 -0.78 3.41
CA HIS C 359 -33.71 -0.08 4.64
C HIS C 359 -32.64 0.94 4.96
N GLU C 360 -31.40 0.48 4.95
CA GLU C 360 -30.26 1.29 5.41
C GLU C 360 -29.95 2.39 4.45
N LEU C 361 -30.03 2.10 3.17
CA LEU C 361 -29.81 3.12 2.15
C LEU C 361 -30.90 4.18 2.19
N ALA C 362 -32.15 3.76 2.41
CA ALA C 362 -33.26 4.71 2.56
C ALA C 362 -32.95 5.76 3.63
N HIS C 363 -32.34 5.33 4.74
CA HIS C 363 -32.00 6.26 5.81
C HIS C 363 -30.96 7.30 5.43
N GLN C 364 -30.16 7.02 4.41
CA GLN C 364 -29.06 7.91 4.02
C GLN C 364 -29.65 9.25 3.59
N TRP C 365 -30.89 9.22 3.10
CA TRP C 365 -31.68 10.43 2.93
C TRP C 365 -32.62 10.63 4.14
N PHE C 366 -33.58 9.71 4.29
CA PHE C 366 -34.62 9.86 5.31
C PHE C 366 -34.16 9.34 6.69
N GLY C 367 -33.57 10.25 7.47
CA GLY C 367 -33.02 9.89 8.77
C GLY C 367 -31.68 10.55 9.02
N ASN C 368 -30.84 10.57 7.98
CA ASN C 368 -29.49 11.12 8.08
C ASN C 368 -29.39 12.52 7.45
N LEU C 369 -29.96 12.69 6.26
CA LEU C 369 -30.06 14.00 5.66
C LEU C 369 -31.07 14.82 6.45
N VAL C 370 -32.22 14.23 6.72
CA VAL C 370 -33.20 14.85 7.61
C VAL C 370 -33.40 13.94 8.83
N THR C 371 -33.00 14.44 10.00
CA THR C 371 -33.02 13.65 11.22
C THR C 371 -34.14 14.07 12.17
N MET C 372 -34.61 13.13 12.96
CA MET C 372 -35.62 13.40 14.00
C MET C 372 -35.05 14.31 15.09
N GLU C 373 -35.84 15.28 15.57
CA GLU C 373 -35.37 16.15 16.65
C GLU C 373 -35.10 15.34 17.89
N TRP C 374 -35.87 14.26 18.07
CA TRP C 374 -35.73 13.44 19.26
C TRP C 374 -36.28 12.03 19.04
N TRP C 375 -35.89 11.11 19.92
CA TRP C 375 -36.22 9.69 19.77
C TRP C 375 -37.73 9.34 19.79
N ASN C 376 -38.56 10.29 20.24
CA ASN C 376 -40.02 10.11 20.21
C ASN C 376 -40.58 10.01 18.80
N ASP C 377 -39.78 10.36 17.81
CA ASP C 377 -40.16 10.24 16.40
C ASP C 377 -39.31 9.18 15.67
N LEU C 378 -38.69 8.29 16.45
CA LEU C 378 -37.93 7.19 15.87
C LEU C 378 -38.86 6.31 15.06
N TRP C 379 -40.09 6.16 15.54
CA TRP C 379 -41.09 5.35 14.87
C TRP C 379 -41.26 5.77 13.42
N LEU C 380 -41.26 7.09 13.17
CA LEU C 380 -41.48 7.60 11.82
C LEU C 380 -40.27 7.24 10.97
N ASN C 381 -39.09 7.56 11.49
CA ASN C 381 -37.84 7.23 10.82
C ASN C 381 -37.87 5.79 10.32
N GLU C 382 -38.13 4.86 11.24
CA GLU C 382 -38.06 3.44 10.93
C GLU C 382 -39.25 2.98 10.12
N GLY C 383 -40.43 3.47 10.47
CA GLY C 383 -41.61 3.20 9.68
C GLY C 383 -41.34 3.48 8.21
N PHE C 384 -40.74 4.64 7.92
CA PHE C 384 -40.52 5.06 6.55
C PHE C 384 -39.43 4.27 5.87
N ALA C 385 -38.39 3.91 6.61
CA ALA C 385 -37.34 3.02 6.09
C ALA C 385 -37.99 1.71 5.67
N LYS C 386 -38.72 1.12 6.60
CA LYS C 386 -39.44 -0.13 6.33
C LYS C 386 -40.37 0.03 5.14
N PHE C 387 -41.06 1.16 5.07
CA PHE C 387 -41.98 1.39 3.98
C PHE C 387 -41.23 1.47 2.65
N MET C 388 -40.10 2.18 2.66
CA MET C 388 -39.27 2.29 1.46
C MET C 388 -38.69 0.93 1.03
N GLU C 389 -38.48 0.02 1.98
CA GLU C 389 -38.05 -1.33 1.65
C GLU C 389 -39.02 -1.83 0.60
N PHE C 390 -40.29 -1.76 0.95
CA PHE C 390 -41.38 -2.27 0.13
C PHE C 390 -41.45 -1.51 -1.19
N VAL C 391 -41.36 -0.19 -1.10
CA VAL C 391 -41.48 0.65 -2.28
C VAL C 391 -40.31 0.51 -3.25
N SER C 392 -39.10 0.46 -2.70
CA SER C 392 -37.91 0.37 -3.51
C SER C 392 -37.76 -1.02 -4.13
N VAL C 393 -37.75 -2.03 -3.30
CA VAL C 393 -37.46 -3.39 -3.77
C VAL C 393 -38.49 -3.85 -4.80
N SER C 394 -39.76 -3.52 -4.58
CA SER C 394 -40.81 -3.88 -5.53
C SER C 394 -40.51 -3.37 -6.95
N VAL C 395 -39.70 -2.31 -7.03
CA VAL C 395 -39.29 -1.70 -8.31
C VAL C 395 -37.92 -2.18 -8.80
N THR C 396 -36.96 -2.37 -7.89
CA THR C 396 -35.60 -2.75 -8.27
C THR C 396 -35.49 -4.26 -8.45
N HIS C 397 -36.01 -5.03 -7.50
CA HIS C 397 -35.97 -6.50 -7.52
C HIS C 397 -37.38 -7.07 -7.55
N PRO C 398 -38.12 -6.85 -8.66
CA PRO C 398 -39.52 -7.28 -8.66
C PRO C 398 -39.67 -8.79 -8.45
N GLU C 399 -38.69 -9.55 -8.92
CA GLU C 399 -38.73 -11.01 -8.83
C GLU C 399 -38.75 -11.51 -7.38
N LEU C 400 -38.28 -10.69 -6.44
CA LEU C 400 -38.29 -11.09 -5.01
C LEU C 400 -39.68 -11.03 -4.38
N LYS C 401 -40.57 -10.29 -5.02
CA LYS C 401 -41.97 -10.19 -4.58
C LYS C 401 -42.05 -9.76 -3.11
N VAL C 402 -41.46 -8.61 -2.81
CA VAL C 402 -41.44 -8.06 -1.46
C VAL C 402 -42.83 -7.67 -0.96
N GLY C 403 -43.75 -7.36 -1.88
CA GLY C 403 -45.10 -6.97 -1.50
C GLY C 403 -45.74 -7.96 -0.53
N ASP C 404 -45.65 -9.24 -0.87
CA ASP C 404 -46.23 -10.31 -0.07
C ASP C 404 -45.68 -10.27 1.34
N TYR C 405 -44.36 -10.18 1.47
CA TYR C 405 -43.74 -10.06 2.79
C TYR C 405 -44.35 -8.88 3.55
N PHE C 406 -44.53 -7.77 2.84
CA PHE C 406 -44.94 -6.54 3.47
C PHE C 406 -46.32 -6.67 4.10
N PHE C 407 -47.32 -7.03 3.31
CA PHE C 407 -48.70 -7.09 3.83
C PHE C 407 -48.86 -8.12 4.93
N GLY C 408 -48.15 -9.25 4.77
CA GLY C 408 -48.01 -10.21 5.86
C GLY C 408 -47.69 -9.53 7.19
N LYS C 409 -46.65 -8.69 7.19
CA LYS C 409 -46.24 -8.00 8.42
C LYS C 409 -47.28 -6.97 8.91
N CYS C 410 -48.03 -6.38 7.97
CA CYS C 410 -49.11 -5.46 8.33
C CYS C 410 -50.22 -6.20 9.06
N PHE C 411 -50.58 -7.37 8.53
CA PHE C 411 -51.52 -8.25 9.20
C PHE C 411 -51.06 -8.61 10.60
N ASP C 412 -49.80 -9.02 10.72
CA ASP C 412 -49.22 -9.36 12.02
C ASP C 412 -49.29 -8.16 12.96
N ALA C 413 -48.95 -6.98 12.44
CA ALA C 413 -49.07 -5.76 13.21
C ALA C 413 -50.51 -5.62 13.71
N MET C 414 -51.48 -5.82 12.82
CA MET C 414 -52.87 -5.68 13.19
C MET C 414 -53.29 -6.69 14.26
N GLU C 415 -52.80 -7.92 14.15
CA GLU C 415 -53.15 -8.96 15.13
C GLU C 415 -52.75 -8.51 16.54
N VAL C 416 -51.58 -7.92 16.66
CA VAL C 416 -51.07 -7.47 17.96
C VAL C 416 -51.69 -6.12 18.34
N ASP C 417 -52.04 -5.31 17.35
CA ASP C 417 -52.60 -3.98 17.60
C ASP C 417 -54.06 -4.05 18.08
N ALA C 418 -54.74 -5.16 17.79
CA ALA C 418 -56.11 -5.38 18.23
C ALA C 418 -56.21 -5.67 19.72
N LEU C 419 -55.14 -6.25 20.28
CA LEU C 419 -55.10 -6.57 21.71
C LEU C 419 -55.04 -5.29 22.55
N ASN C 420 -55.66 -5.30 23.73
CA ASN C 420 -55.71 -4.11 24.59
C ASN C 420 -54.32 -3.54 24.92
N SER C 421 -53.32 -4.42 24.98
CA SER C 421 -51.95 -4.04 25.35
C SER C 421 -51.10 -3.46 24.19
N SER C 422 -51.76 -2.93 23.17
CA SER C 422 -51.08 -2.29 22.07
C SER C 422 -50.92 -0.80 22.35
N HIS C 423 -49.73 -0.28 22.09
CA HIS C 423 -49.41 1.13 22.32
C HIS C 423 -49.85 1.98 21.14
N PRO C 424 -50.01 3.29 21.33
CA PRO C 424 -49.97 4.12 20.13
C PRO C 424 -48.55 4.14 19.57
N VAL C 425 -48.43 4.35 18.26
CA VAL C 425 -47.11 4.39 17.63
C VAL C 425 -46.27 5.54 18.18
N SER C 426 -46.88 6.70 18.35
CA SER C 426 -46.18 7.89 18.83
C SER C 426 -46.31 8.08 20.33
N THR C 427 -45.35 7.52 21.07
CA THR C 427 -45.31 7.66 22.52
C THR C 427 -44.34 8.79 22.85
N PRO C 428 -44.52 9.46 24.01
CA PRO C 428 -43.46 10.35 24.53
C PRO C 428 -42.28 9.57 25.13
N VAL C 429 -41.05 9.95 24.74
CA VAL C 429 -39.82 9.27 25.22
C VAL C 429 -38.92 10.23 26.02
N GLU C 430 -38.40 9.72 27.14
CA GLU C 430 -37.49 10.46 28.02
C GLU C 430 -36.12 9.79 28.11
N ASN C 431 -36.10 8.49 28.43
CA ASN C 431 -34.86 7.69 28.48
C ASN C 431 -34.99 6.41 27.63
N PRO C 432 -34.16 6.30 26.56
CA PRO C 432 -34.13 5.05 25.76
C PRO C 432 -33.60 3.84 26.52
N ASP C 441 -39.42 -4.10 15.20
CA ASP C 441 -40.51 -3.91 16.16
C ASP C 441 -41.81 -3.61 15.42
N VAL C 442 -42.92 -4.02 16.04
CA VAL C 442 -44.24 -3.95 15.42
C VAL C 442 -44.76 -2.52 15.22
N SER C 443 -44.33 -1.59 16.07
CA SER C 443 -44.73 -0.18 15.93
C SER C 443 -44.21 0.43 14.63
N TYR C 444 -43.00 0.00 14.24
CA TYR C 444 -42.39 0.47 13.01
C TYR C 444 -43.11 -0.14 11.82
N ASP C 445 -43.44 -1.43 11.93
CA ASP C 445 -44.25 -2.10 10.92
C ASP C 445 -45.57 -1.39 10.72
N LYS C 446 -46.28 -1.10 11.82
CA LYS C 446 -47.54 -0.35 11.74
C LYS C 446 -47.32 0.99 11.05
N GLY C 447 -46.25 1.67 11.43
CA GLY C 447 -45.89 2.97 10.84
C GLY C 447 -45.72 2.87 9.35
N ALA C 448 -45.10 1.78 8.90
CA ALA C 448 -44.93 1.51 7.47
C ALA C 448 -46.30 1.33 6.81
N CYS C 449 -47.18 0.56 7.45
CA CYS C 449 -48.51 0.35 6.90
C CYS C 449 -49.31 1.64 6.80
N ILE C 450 -49.38 2.42 7.87
CA ILE C 450 -50.16 3.65 7.81
C ILE C 450 -49.57 4.63 6.79
N LEU C 451 -48.24 4.62 6.65
CA LEU C 451 -47.59 5.41 5.60
C LEU C 451 -48.06 4.93 4.23
N ASN C 452 -48.06 3.62 4.01
CA ASN C 452 -48.55 3.06 2.77
C ASN C 452 -50.02 3.45 2.56
N MET C 453 -50.82 3.32 3.62
CA MET C 453 -52.23 3.71 3.56
C MET C 453 -52.33 5.15 3.10
N LEU C 454 -51.53 6.04 3.69
CA LEU C 454 -51.53 7.44 3.26
C LEU C 454 -51.13 7.60 1.78
N ARG C 455 -50.09 6.90 1.36
CA ARG C 455 -49.57 7.04 -0.01
C ARG C 455 -50.59 6.67 -1.08
N GLU C 456 -51.38 5.65 -0.81
CA GLU C 456 -52.35 5.21 -1.80
C GLU C 456 -53.58 6.13 -1.79
N TYR C 457 -53.78 6.87 -0.70
CA TYR C 457 -54.94 7.76 -0.63
C TYR C 457 -54.67 9.04 -1.44
N LEU C 458 -53.57 9.72 -1.16
CA LEU C 458 -52.98 10.73 -2.07
C LEU C 458 -52.48 9.89 -3.25
N SER C 459 -52.12 10.49 -4.37
CA SER C 459 -51.51 9.68 -5.43
C SER C 459 -50.16 9.11 -4.92
N ALA C 460 -49.60 8.15 -5.66
CA ALA C 460 -48.19 7.79 -5.43
C ALA C 460 -47.33 9.03 -5.69
N ASP C 461 -47.60 9.70 -6.81
CA ASP C 461 -46.82 10.88 -7.22
C ASP C 461 -46.97 12.06 -6.24
N ALA C 462 -48.18 12.27 -5.73
CA ALA C 462 -48.41 13.29 -4.72
C ALA C 462 -47.56 12.99 -3.50
N PHE C 463 -47.61 11.74 -3.04
CA PHE C 463 -46.83 11.31 -1.88
C PHE C 463 -45.33 11.47 -2.15
N LYS C 464 -44.91 11.12 -3.37
CA LYS C 464 -43.52 11.30 -3.79
C LYS C 464 -43.14 12.78 -3.66
N SER C 465 -44.00 13.68 -4.13
CA SER C 465 -43.70 15.12 -4.08
C SER C 465 -43.53 15.60 -2.65
N GLY C 466 -44.47 15.18 -1.80
CA GLY C 466 -44.42 15.54 -0.39
C GLY C 466 -43.10 15.17 0.23
N ILE C 467 -42.63 13.95 -0.05
CA ILE C 467 -41.36 13.48 0.49
C ILE C 467 -40.23 14.36 -0.02
N VAL C 468 -40.24 14.61 -1.33
CA VAL C 468 -39.18 15.38 -1.97
C VAL C 468 -39.11 16.77 -1.37
N GLN C 469 -40.25 17.44 -1.27
CA GLN C 469 -40.30 18.78 -0.69
C GLN C 469 -39.78 18.72 0.75
N TYR C 470 -40.37 17.84 1.56
CA TYR C 470 -39.93 17.63 2.94
C TYR C 470 -38.42 17.50 3.05
N LEU C 471 -37.82 16.62 2.24
CA LEU C 471 -36.38 16.34 2.33
C LEU C 471 -35.58 17.55 1.91
N GLN C 472 -35.97 18.18 0.80
CA GLN C 472 -35.31 19.40 0.34
C GLN C 472 -35.42 20.51 1.39
N LYS C 473 -36.60 20.72 1.93
CA LYS C 473 -36.82 21.79 2.90
C LYS C 473 -35.98 21.66 4.15
N HIS C 474 -35.90 20.45 4.72
CA HIS C 474 -35.25 20.27 6.02
C HIS C 474 -33.87 19.61 5.95
N SER C 475 -33.22 19.68 4.79
CA SER C 475 -31.94 19.01 4.62
C SER C 475 -30.92 19.50 5.64
N TYR C 476 -30.20 18.57 6.26
CA TYR C 476 -29.18 18.85 7.27
C TYR C 476 -29.72 19.55 8.52
N LYS C 477 -31.03 19.44 8.75
CA LYS C 477 -31.65 20.03 9.91
C LYS C 477 -32.41 18.88 10.58
N ASN C 478 -33.22 19.17 11.60
CA ASN C 478 -34.07 18.14 12.19
C ASN C 478 -35.53 18.51 12.09
N THR C 479 -36.41 17.55 12.39
CA THR C 479 -37.84 17.72 12.21
C THR C 479 -38.64 16.97 13.26
N LYS C 480 -39.89 17.40 13.45
CA LYS C 480 -40.89 16.64 14.15
C LYS C 480 -41.74 15.96 13.08
N ASN C 481 -42.41 14.88 13.46
CA ASN C 481 -43.23 14.14 12.50
C ASN C 481 -44.29 15.03 11.82
N GLU C 482 -44.79 16.04 12.54
CA GLU C 482 -45.78 16.95 11.97
C GLU C 482 -45.24 17.66 10.72
N ASP C 483 -43.93 17.89 10.68
CA ASP C 483 -43.28 18.53 9.53
C ASP C 483 -43.40 17.70 8.26
N LEU C 484 -43.41 16.38 8.39
CA LEU C 484 -43.67 15.51 7.23
C LEU C 484 -45.10 15.71 6.78
N TRP C 485 -46.05 15.61 7.70
CA TRP C 485 -47.46 15.78 7.34
C TRP C 485 -47.70 17.15 6.71
N ASP C 486 -47.04 18.19 7.22
CA ASP C 486 -47.16 19.53 6.66
C ASP C 486 -46.70 19.56 5.21
N SER C 487 -45.54 18.95 4.94
CA SER C 487 -45.01 18.90 3.58
C SER C 487 -45.97 18.11 2.70
N MET C 488 -46.46 17.00 3.22
CA MET C 488 -47.40 16.14 2.50
C MET C 488 -48.68 16.91 2.18
N ALA C 489 -49.15 17.69 3.14
CA ALA C 489 -50.41 18.46 2.98
C ALA C 489 -50.26 19.71 2.12
N SER C 490 -49.03 20.06 1.74
CA SER C 490 -48.79 21.21 0.88
C SER C 490 -48.65 20.79 -0.60
N ILE C 491 -48.23 19.54 -0.83
CA ILE C 491 -48.08 19.01 -2.20
C ILE C 491 -49.41 18.94 -2.93
N VAL C 521 -56.42 17.85 1.64
CA VAL C 521 -56.55 16.90 2.74
C VAL C 521 -55.71 17.33 3.95
N ASP C 522 -56.32 17.42 5.13
CA ASP C 522 -55.61 17.78 6.36
C ASP C 522 -54.81 16.56 6.84
N VAL C 523 -53.65 16.36 6.22
CA VAL C 523 -52.86 15.16 6.44
C VAL C 523 -52.44 15.10 7.88
N LYS C 524 -52.06 16.26 8.44
CA LYS C 524 -51.60 16.34 9.84
C LYS C 524 -52.66 15.82 10.80
N THR C 525 -53.89 16.34 10.67
CA THR C 525 -54.97 15.89 11.54
C THR C 525 -55.28 14.42 11.30
N MET C 526 -55.20 13.98 10.04
CA MET C 526 -55.48 12.60 9.70
C MET C 526 -54.49 11.69 10.39
N MET C 527 -53.22 11.84 10.05
CA MET C 527 -52.20 10.90 10.50
C MET C 527 -52.14 10.87 12.03
N ASN C 528 -52.49 11.99 12.65
CA ASN C 528 -52.50 12.06 14.11
C ASN C 528 -53.48 11.04 14.68
N THR C 529 -54.59 10.81 13.98
CA THR C 529 -55.56 9.80 14.43
C THR C 529 -54.96 8.41 14.44
N TRP C 530 -54.07 8.14 13.48
CA TRP C 530 -53.44 6.82 13.38
C TRP C 530 -52.22 6.66 14.29
N THR C 531 -51.56 7.77 14.62
CA THR C 531 -50.31 7.72 15.40
C THR C 531 -50.49 7.96 16.89
N LEU C 532 -51.55 8.70 17.27
CA LEU C 532 -51.79 9.02 18.70
C LEU C 532 -52.76 8.06 19.41
N GLN C 533 -53.54 7.28 18.67
CA GLN C 533 -54.44 6.32 19.32
C GLN C 533 -54.17 4.91 18.84
N LYS C 534 -54.24 3.97 19.78
CA LYS C 534 -53.91 2.57 19.53
C LYS C 534 -54.94 1.93 18.62
N GLY C 535 -54.59 0.78 18.08
CA GLY C 535 -55.53 0.00 17.28
C GLY C 535 -55.92 0.65 15.98
N PHE C 536 -57.02 0.15 15.44
CA PHE C 536 -57.50 0.50 14.12
C PHE C 536 -58.98 0.20 14.04
N PRO C 537 -59.65 0.74 13.04
CA PRO C 537 -61.07 0.65 13.03
C PRO C 537 -61.63 -0.52 12.22
N LEU C 538 -62.78 -1.01 12.67
CA LEU C 538 -63.64 -1.83 11.85
C LEU C 538 -64.49 -0.85 11.05
N ILE C 539 -64.56 -1.06 9.74
CA ILE C 539 -65.43 -0.29 8.87
C ILE C 539 -66.62 -1.17 8.49
N THR C 540 -67.81 -0.77 8.87
CA THR C 540 -69.01 -1.54 8.58
C THR C 540 -69.73 -0.87 7.43
N ILE C 541 -69.98 -1.63 6.36
CA ILE C 541 -70.58 -1.11 5.15
C ILE C 541 -72.01 -1.59 5.00
N THR C 542 -72.95 -0.66 4.81
CA THR C 542 -74.34 -1.02 4.59
C THR C 542 -74.82 -0.35 3.32
N VAL C 543 -75.34 -1.14 2.38
CA VAL C 543 -75.81 -0.60 1.12
C VAL C 543 -77.33 -0.59 1.01
N ARG C 544 -77.90 0.58 0.74
CA ARG C 544 -79.30 0.70 0.37
CA ARG C 544 -79.30 0.73 0.38
C ARG C 544 -79.37 1.39 -1.01
N GLY C 545 -79.48 0.56 -2.04
CA GLY C 545 -79.54 1.05 -3.41
C GLY C 545 -78.21 1.65 -3.81
N ARG C 546 -78.21 2.95 -4.07
CA ARG C 546 -77.00 3.65 -4.47
C ARG C 546 -76.33 4.24 -3.25
N ASN C 547 -77.05 4.25 -2.14
CA ASN C 547 -76.55 4.87 -0.90
C ASN C 547 -75.66 3.90 -0.15
N VAL C 548 -74.36 4.15 -0.18
CA VAL C 548 -73.41 3.29 0.51
C VAL C 548 -73.11 3.95 1.85
N HIS C 549 -73.43 3.23 2.92
CA HIS C 549 -73.31 3.73 4.27
CA HIS C 549 -73.30 3.71 4.29
C HIS C 549 -72.05 3.18 4.96
N MET C 550 -71.31 4.08 5.61
CA MET C 550 -70.05 3.73 6.25
C MET C 550 -70.12 4.04 7.76
N LYS C 551 -69.83 3.04 8.60
CA LYS C 551 -69.73 3.24 10.04
C LYS C 551 -68.30 2.89 10.42
N GLN C 552 -67.74 3.56 11.41
CA GLN C 552 -66.43 3.16 11.95
C GLN C 552 -66.48 3.00 13.45
N GLU C 553 -65.71 2.04 13.94
CA GLU C 553 -65.61 1.74 15.37
C GLU C 553 -64.31 1.00 15.64
N HIS C 554 -63.77 1.20 16.84
CA HIS C 554 -62.53 0.56 17.25
C HIS C 554 -62.69 -0.96 17.28
N TYR C 555 -61.80 -1.67 16.60
CA TYR C 555 -61.81 -3.12 16.56
C TYR C 555 -61.06 -3.63 17.79
N MET C 556 -61.79 -4.24 18.71
CA MET C 556 -61.24 -4.73 19.98
C MET C 556 -61.75 -6.14 20.21
N LYS C 557 -60.86 -7.04 20.61
CA LYS C 557 -61.21 -8.46 20.83
C LYS C 557 -61.35 -8.78 22.32
N THR C 565 -66.24 2.92 23.96
CA THR C 565 -64.86 3.07 23.49
C THR C 565 -64.52 4.53 23.12
N GLY C 566 -65.23 5.06 22.13
CA GLY C 566 -65.09 6.46 21.75
C GLY C 566 -63.86 6.85 20.94
N TYR C 567 -63.14 5.87 20.39
CA TYR C 567 -62.05 6.13 19.44
C TYR C 567 -62.65 6.49 18.08
N LEU C 568 -61.94 7.30 17.32
CA LEU C 568 -62.49 7.88 16.11
C LEU C 568 -61.35 8.23 15.19
N TRP C 569 -61.38 7.73 13.94
CA TRP C 569 -60.29 7.95 12.98
C TRP C 569 -60.72 8.82 11.84
N HIS C 570 -59.73 9.32 11.09
CA HIS C 570 -59.95 9.83 9.75
C HIS C 570 -59.54 8.71 8.80
N VAL C 571 -60.48 7.84 8.47
CA VAL C 571 -60.16 6.66 7.68
C VAL C 571 -60.16 7.03 6.20
N PRO C 572 -59.02 6.87 5.52
CA PRO C 572 -58.92 7.13 4.08
C PRO C 572 -59.37 5.92 3.26
N LEU C 573 -60.68 5.77 3.09
CA LEU C 573 -61.22 4.59 2.44
C LEU C 573 -60.99 4.62 0.93
N THR C 574 -60.73 3.45 0.36
CA THR C 574 -60.79 3.25 -1.08
C THR C 574 -61.73 2.08 -1.34
N PHE C 575 -62.36 2.08 -2.49
CA PHE C 575 -63.25 0.97 -2.83
C PHE C 575 -63.37 0.74 -4.33
N ILE C 576 -63.91 -0.41 -4.67
CA ILE C 576 -64.25 -0.71 -6.04
C ILE C 576 -65.57 -1.41 -6.08
N THR C 577 -66.22 -1.37 -7.24
CA THR C 577 -67.54 -1.94 -7.44
C THR C 577 -67.51 -2.89 -8.64
N SER C 578 -68.63 -3.60 -8.84
CA SER C 578 -68.83 -4.43 -10.04
C SER C 578 -68.76 -3.62 -11.34
N LYS C 579 -69.30 -2.40 -11.33
CA LYS C 579 -69.32 -1.56 -12.54
C LYS C 579 -67.92 -1.15 -13.04
N SER C 580 -67.15 -0.46 -12.21
CA SER C 580 -65.82 0.02 -12.62
C SER C 580 -64.70 -0.64 -11.84
N ASP C 581 -63.62 -0.97 -12.54
CA ASP C 581 -62.35 -1.37 -11.90
C ASP C 581 -61.56 -0.16 -11.35
N MET C 582 -62.04 1.05 -11.64
CA MET C 582 -61.42 2.27 -11.13
C MET C 582 -61.57 2.34 -9.61
N VAL C 583 -60.49 2.77 -8.95
CA VAL C 583 -60.49 2.91 -7.49
C VAL C 583 -61.11 4.24 -7.07
N HIS C 584 -62.10 4.16 -6.20
CA HIS C 584 -62.77 5.34 -5.66
C HIS C 584 -62.30 5.61 -4.24
N ARG C 585 -62.40 6.86 -3.80
CA ARG C 585 -61.92 7.28 -2.47
C ARG C 585 -62.98 7.98 -1.66
N PHE C 586 -62.84 7.88 -0.36
CA PHE C 586 -63.69 8.60 0.54
C PHE C 586 -63.04 8.73 1.90
N LEU C 587 -62.94 9.96 2.38
CA LEU C 587 -62.30 10.25 3.66
C LEU C 587 -63.32 10.31 4.78
N LEU C 588 -63.39 9.25 5.59
CA LEU C 588 -64.37 9.16 6.68
C LEU C 588 -63.86 9.87 7.94
N LYS C 589 -64.28 11.11 8.14
CA LYS C 589 -63.79 11.90 9.27
C LYS C 589 -64.68 11.75 10.52
N THR C 590 -65.83 11.10 10.34
CA THR C 590 -66.86 11.09 11.38
C THR C 590 -67.23 9.64 11.70
N LYS C 591 -68.07 9.44 12.73
CA LYS C 591 -68.42 8.07 13.16
C LYS C 591 -69.27 7.35 12.10
N THR C 592 -70.12 8.11 11.41
CA THR C 592 -70.84 7.60 10.23
C THR C 592 -70.87 8.64 9.11
N ASP C 593 -71.03 8.16 7.89
CA ASP C 593 -71.21 9.02 6.72
C ASP C 593 -71.76 8.16 5.59
N VAL C 594 -72.15 8.81 4.51
CA VAL C 594 -72.76 8.10 3.40
C VAL C 594 -72.13 8.63 2.13
N LEU C 595 -72.12 7.81 1.09
CA LEU C 595 -71.78 8.30 -0.23
C LEU C 595 -72.71 7.67 -1.24
N ILE C 596 -73.02 8.40 -2.30
CA ILE C 596 -73.99 7.92 -3.27
C ILE C 596 -73.24 7.50 -4.51
N LEU C 597 -73.62 6.37 -5.08
CA LEU C 597 -73.04 5.92 -6.34
C LEU C 597 -73.96 6.41 -7.46
N PRO C 598 -73.46 6.46 -8.70
CA PRO C 598 -74.29 6.81 -9.87
C PRO C 598 -75.42 5.83 -10.19
N GLU C 599 -75.17 4.55 -9.92
CA GLU C 599 -76.09 3.47 -10.28
C GLU C 599 -75.93 2.35 -9.25
N GLU C 600 -76.88 1.42 -9.20
CA GLU C 600 -76.78 0.31 -8.25
C GLU C 600 -75.63 -0.58 -8.69
N VAL C 601 -75.07 -1.35 -7.76
CA VAL C 601 -73.92 -2.20 -8.08
C VAL C 601 -74.11 -3.60 -7.55
N GLU C 602 -73.68 -4.60 -8.34
CA GLU C 602 -73.90 -6.01 -8.00
C GLU C 602 -73.13 -6.34 -6.71
N TRP C 603 -71.89 -5.86 -6.62
CA TRP C 603 -71.09 -5.97 -5.39
C TRP C 603 -70.19 -4.76 -5.18
N ILE C 604 -69.64 -4.64 -3.98
CA ILE C 604 -68.74 -3.52 -3.68
C ILE C 604 -67.76 -3.94 -2.58
N LYS C 605 -66.48 -3.58 -2.76
CA LYS C 605 -65.40 -4.00 -1.87
C LYS C 605 -64.58 -2.78 -1.48
N PHE C 606 -64.41 -2.57 -0.18
CA PHE C 606 -63.59 -1.46 0.30
C PHE C 606 -62.20 -1.97 0.64
N ASN C 607 -61.29 -1.04 0.98
CA ASN C 607 -59.92 -1.38 1.32
C ASN C 607 -59.22 -2.09 0.16
N VAL C 608 -59.33 -1.51 -1.04
CA VAL C 608 -58.71 -2.06 -2.26
C VAL C 608 -57.26 -2.41 -2.04
N GLY C 609 -56.85 -3.57 -2.54
CA GLY C 609 -55.48 -4.01 -2.47
C GLY C 609 -54.91 -4.20 -1.07
N MET C 610 -55.78 -4.21 -0.06
CA MET C 610 -55.35 -4.46 1.32
C MET C 610 -54.43 -3.34 1.80
N ASN C 611 -54.55 -2.18 1.15
CA ASN C 611 -53.67 -1.04 1.37
C ASN C 611 -54.06 -0.20 2.59
N GLY C 612 -55.10 -0.59 3.30
CA GLY C 612 -55.60 0.21 4.41
C GLY C 612 -55.49 -0.54 5.71
N TYR C 613 -55.14 0.19 6.78
CA TYR C 613 -54.98 -0.43 8.08
C TYR C 613 -56.33 -0.39 8.81
N TYR C 614 -57.24 -1.27 8.40
CA TYR C 614 -58.58 -1.36 8.97
C TYR C 614 -59.30 -2.55 8.37
N ILE C 615 -60.12 -3.24 9.17
CA ILE C 615 -60.96 -4.34 8.70
C ILE C 615 -62.23 -3.76 8.14
N VAL C 616 -62.87 -4.48 7.22
CA VAL C 616 -64.18 -4.09 6.68
C VAL C 616 -65.21 -5.18 6.87
N HIS C 617 -66.35 -4.82 7.44
CA HIS C 617 -67.48 -5.72 7.60
C HIS C 617 -68.59 -5.27 6.68
N TYR C 618 -69.45 -6.20 6.27
CA TYR C 618 -70.59 -5.89 5.42
C TYR C 618 -71.89 -6.38 6.09
N GLU C 619 -72.81 -5.45 6.33
CA GLU C 619 -74.12 -5.78 6.88
C GLU C 619 -74.98 -6.42 5.80
N ASP C 620 -76.11 -6.97 6.23
CA ASP C 620 -77.09 -7.59 5.32
C ASP C 620 -76.44 -8.70 4.47
N ASP C 621 -76.81 -8.78 3.19
CA ASP C 621 -76.34 -9.85 2.31
C ASP C 621 -74.97 -9.57 1.65
N GLY C 622 -74.23 -8.60 2.18
CA GLY C 622 -72.96 -8.18 1.56
C GLY C 622 -71.88 -9.24 1.49
N TRP C 623 -71.72 -9.99 2.58
CA TRP C 623 -70.78 -11.10 2.61
C TRP C 623 -71.17 -12.19 1.62
N ASP C 624 -72.46 -12.44 1.49
CA ASP C 624 -72.97 -13.43 0.54
C ASP C 624 -72.63 -13.01 -0.89
N SER C 625 -72.82 -11.72 -1.19
CA SER C 625 -72.47 -11.17 -2.51
C SER C 625 -71.00 -11.42 -2.84
N LEU C 626 -70.13 -11.20 -1.86
CA LEU C 626 -68.69 -11.33 -2.06
C LEU C 626 -68.26 -12.78 -2.00
N THR C 627 -68.93 -13.59 -1.17
CA THR C 627 -68.71 -15.03 -1.14
C THR C 627 -69.04 -15.60 -2.51
N GLY C 628 -70.21 -15.22 -3.03
CA GLY C 628 -70.65 -15.64 -4.35
C GLY C 628 -69.72 -15.17 -5.46
N LEU C 629 -69.15 -13.98 -5.29
CA LEU C 629 -68.20 -13.46 -6.26
C LEU C 629 -66.95 -14.34 -6.36
N LEU C 630 -66.40 -14.69 -5.19
CA LEU C 630 -65.17 -15.49 -5.13
C LEU C 630 -65.40 -16.89 -5.65
N LYS C 631 -66.46 -17.55 -5.17
CA LYS C 631 -66.84 -18.87 -5.65
C LYS C 631 -67.02 -18.85 -7.17
N GLY C 632 -67.74 -17.84 -7.67
CA GLY C 632 -68.01 -17.72 -9.11
C GLY C 632 -66.79 -17.35 -9.94
N THR C 633 -66.27 -16.15 -9.72
CA THR C 633 -65.10 -15.66 -10.46
C THR C 633 -64.17 -14.89 -9.54
N HIS C 634 -63.18 -15.59 -8.99
CA HIS C 634 -62.29 -15.03 -7.96
C HIS C 634 -61.26 -14.05 -8.51
N THR C 635 -60.83 -14.24 -9.76
CA THR C 635 -59.89 -13.30 -10.37
C THR C 635 -60.50 -11.90 -10.64
N ALA C 636 -61.82 -11.80 -10.47
CA ALA C 636 -62.51 -10.50 -10.54
C ALA C 636 -61.77 -9.45 -9.68
N VAL C 637 -61.44 -9.84 -8.46
CA VAL C 637 -60.67 -8.99 -7.57
C VAL C 637 -59.24 -9.54 -7.50
N SER C 638 -58.32 -8.76 -6.92
CA SER C 638 -56.91 -9.13 -6.86
C SER C 638 -56.62 -10.17 -5.79
N SER C 639 -55.41 -10.71 -5.83
CA SER C 639 -54.96 -11.68 -4.83
C SER C 639 -55.04 -11.06 -3.44
N ASN C 640 -54.52 -9.85 -3.32
CA ASN C 640 -54.54 -9.14 -2.04
C ASN C 640 -55.95 -8.86 -1.55
N ASP C 641 -56.85 -8.56 -2.48
CA ASP C 641 -58.25 -8.35 -2.13
C ASP C 641 -58.82 -9.65 -1.55
N ARG C 642 -58.53 -10.77 -2.20
CA ARG C 642 -58.98 -12.06 -1.70
C ARG C 642 -58.46 -12.32 -0.29
N ALA C 643 -57.15 -12.14 -0.10
CA ALA C 643 -56.55 -12.27 1.22
C ALA C 643 -57.24 -11.34 2.21
N SER C 644 -57.52 -10.10 1.78
CA SER C 644 -58.21 -9.13 2.63
C SER C 644 -59.55 -9.68 3.09
N LEU C 645 -60.29 -10.26 2.15
CA LEU C 645 -61.62 -10.81 2.44
C LEU C 645 -61.55 -11.97 3.43
N ILE C 646 -60.62 -12.88 3.22
CA ILE C 646 -60.51 -14.04 4.10
C ILE C 646 -60.07 -13.63 5.50
N ASN C 647 -59.02 -12.82 5.59
CA ASN C 647 -58.58 -12.35 6.90
C ASN C 647 -59.74 -11.70 7.64
N ASN C 648 -60.29 -10.65 7.04
CA ASN C 648 -61.43 -9.93 7.60
C ASN C 648 -62.57 -10.89 7.99
N ALA C 649 -62.97 -11.73 7.05
CA ALA C 649 -64.10 -12.65 7.26
C ALA C 649 -63.95 -13.37 8.57
N PHE C 650 -62.81 -14.06 8.74
CA PHE C 650 -62.56 -14.86 9.92
C PHE C 650 -62.27 -14.03 11.14
N GLN C 651 -61.68 -12.84 10.95
CA GLN C 651 -61.43 -11.94 12.07
C GLN C 651 -62.75 -11.45 12.64
N LEU C 652 -63.75 -11.26 11.77
CA LEU C 652 -65.07 -10.83 12.20
C LEU C 652 -65.81 -11.96 12.93
N VAL C 653 -65.56 -13.20 12.49
CA VAL C 653 -66.15 -14.34 13.16
C VAL C 653 -65.71 -14.32 14.63
N SER C 654 -64.49 -13.85 14.87
CA SER C 654 -63.99 -13.76 16.24
C SER C 654 -64.80 -12.80 17.09
N ILE C 655 -65.01 -11.59 16.59
CA ILE C 655 -65.76 -10.58 17.36
C ILE C 655 -67.30 -10.76 17.24
N GLY C 656 -67.73 -11.84 16.61
CA GLY C 656 -69.15 -12.21 16.60
C GLY C 656 -70.06 -11.34 15.76
N LYS C 657 -69.52 -10.71 14.71
CA LYS C 657 -70.35 -10.02 13.72
C LYS C 657 -70.52 -10.88 12.44
N LEU C 658 -70.09 -12.14 12.50
CA LEU C 658 -70.24 -13.05 11.36
C LEU C 658 -70.21 -14.50 11.82
N SER C 659 -71.14 -15.30 11.33
CA SER C 659 -71.26 -16.69 11.75
C SER C 659 -70.17 -17.55 11.10
N ILE C 660 -69.58 -18.43 11.91
CA ILE C 660 -68.49 -19.28 11.47
C ILE C 660 -68.80 -19.99 10.15
N GLU C 661 -70.06 -20.44 9.98
CA GLU C 661 -70.46 -21.09 8.72
C GLU C 661 -70.27 -20.16 7.52
N LYS C 662 -70.64 -18.89 7.69
CA LYS C 662 -70.55 -17.93 6.60
C LYS C 662 -69.10 -17.74 6.17
N ALA C 663 -68.19 -17.72 7.15
CA ALA C 663 -66.75 -17.63 6.90
C ALA C 663 -66.19 -18.91 6.26
N LEU C 664 -66.58 -20.05 6.82
CA LEU C 664 -66.15 -21.36 6.30
C LEU C 664 -66.66 -21.60 4.89
N ASP C 665 -67.89 -21.14 4.61
CA ASP C 665 -68.45 -21.21 3.25
C ASP C 665 -67.58 -20.42 2.26
N LEU C 666 -67.07 -19.27 2.70
CA LEU C 666 -66.18 -18.46 1.89
C LEU C 666 -64.88 -19.22 1.68
N SER C 667 -64.36 -19.77 2.76
CA SER C 667 -63.12 -20.53 2.71
C SER C 667 -63.14 -21.53 1.57
N LEU C 668 -64.31 -22.14 1.31
CA LEU C 668 -64.45 -23.14 0.24
C LEU C 668 -64.03 -22.66 -1.15
N TYR C 669 -63.92 -21.36 -1.36
CA TYR C 669 -63.42 -20.85 -2.64
C TYR C 669 -61.96 -21.26 -2.85
N LEU C 670 -61.22 -21.44 -1.75
CA LEU C 670 -59.77 -21.69 -1.79
C LEU C 670 -59.37 -22.89 -2.65
N LYS C 671 -60.31 -23.81 -2.86
CA LYS C 671 -60.15 -24.86 -3.87
C LYS C 671 -59.49 -24.31 -5.14
N HIS C 672 -59.94 -23.14 -5.59
CA HIS C 672 -59.47 -22.54 -6.84
C HIS C 672 -58.25 -21.64 -6.69
N GLU C 673 -57.90 -21.30 -5.45
CA GLU C 673 -56.91 -20.24 -5.21
C GLU C 673 -55.50 -20.72 -5.54
N THR C 674 -54.73 -19.89 -6.22
CA THR C 674 -53.35 -20.20 -6.60
C THR C 674 -52.30 -19.39 -5.81
N GLU C 675 -52.64 -18.13 -5.50
CA GLU C 675 -51.67 -17.19 -4.96
C GLU C 675 -51.41 -17.33 -3.46
N ILE C 676 -50.25 -16.84 -3.06
CA ILE C 676 -49.68 -17.12 -1.75
C ILE C 676 -50.39 -16.41 -0.60
N MET C 677 -50.81 -15.16 -0.80
CA MET C 677 -51.36 -14.34 0.29
C MET C 677 -52.68 -14.87 0.85
N PRO C 678 -53.64 -15.20 -0.03
CA PRO C 678 -54.90 -15.75 0.45
C PRO C 678 -54.74 -17.12 1.09
N VAL C 679 -53.89 -17.99 0.50
CA VAL C 679 -53.67 -19.31 1.08
C VAL C 679 -53.06 -19.16 2.48
N PHE C 680 -52.01 -18.35 2.59
CA PHE C 680 -51.43 -18.08 3.90
C PHE C 680 -52.47 -17.52 4.85
N GLN C 681 -53.37 -16.68 4.34
CA GLN C 681 -54.45 -16.16 5.17
C GLN C 681 -55.41 -17.27 5.56
N GLY C 682 -55.77 -18.10 4.59
CA GLY C 682 -56.57 -19.29 4.84
C GLY C 682 -55.96 -20.12 5.96
N LEU C 683 -54.67 -20.40 5.84
CA LEU C 683 -53.98 -21.22 6.83
C LEU C 683 -53.89 -20.51 8.20
N ASN C 684 -53.55 -19.23 8.22
CA ASN C 684 -53.38 -18.52 9.49
C ASN C 684 -54.65 -18.44 10.33
N GLU C 685 -55.81 -18.56 9.68
CA GLU C 685 -57.10 -18.47 10.37
C GLU C 685 -57.78 -19.83 10.56
N LEU C 686 -57.55 -20.76 9.64
CA LEU C 686 -58.12 -22.10 9.76
C LEU C 686 -57.30 -22.98 10.70
N ILE C 687 -55.97 -22.90 10.63
CA ILE C 687 -55.12 -23.82 11.38
C ILE C 687 -55.38 -23.70 12.87
N PRO C 688 -55.31 -22.48 13.44
CA PRO C 688 -55.52 -22.35 14.89
C PRO C 688 -56.85 -22.91 15.39
N MET C 689 -57.84 -23.02 14.51
CA MET C 689 -59.12 -23.61 14.86
C MET C 689 -58.98 -25.06 15.28
N TYR C 690 -58.40 -25.89 14.41
CA TYR C 690 -58.18 -27.29 14.79
C TYR C 690 -57.10 -27.42 15.87
N LYS C 691 -56.15 -26.49 15.91
CA LYS C 691 -55.14 -26.50 16.98
C LYS C 691 -55.79 -26.45 18.36
N LEU C 692 -56.91 -25.74 18.49
CA LEU C 692 -57.66 -25.73 19.76
C LEU C 692 -58.37 -27.08 19.97
N MET C 693 -58.88 -27.65 18.88
CA MET C 693 -59.53 -28.96 18.91
C MET C 693 -58.56 -30.09 19.33
N GLU C 694 -57.30 -29.98 18.90
CA GLU C 694 -56.24 -30.96 19.23
C GLU C 694 -56.01 -31.18 20.72
N LYS C 695 -56.45 -30.24 21.55
CA LYS C 695 -56.21 -30.28 22.99
C LYS C 695 -57.51 -30.60 23.77
N ARG C 696 -58.40 -31.35 23.12
CA ARG C 696 -59.73 -31.66 23.63
C ARG C 696 -60.17 -33.03 23.11
N ASP C 697 -60.98 -33.75 23.88
CA ASP C 697 -61.59 -35.00 23.37
C ASP C 697 -62.52 -34.68 22.18
N MET C 698 -61.90 -34.40 21.02
CA MET C 698 -62.63 -33.92 19.85
C MET C 698 -62.05 -34.53 18.55
N ASN C 699 -61.59 -35.77 18.62
CA ASN C 699 -60.90 -36.40 17.49
C ASN C 699 -61.77 -36.51 16.23
N GLU C 700 -63.08 -36.72 16.42
CA GLU C 700 -64.00 -36.90 15.29
C GLU C 700 -64.13 -35.63 14.44
N VAL C 701 -64.28 -34.48 15.11
CA VAL C 701 -64.37 -33.19 14.45
C VAL C 701 -62.98 -32.72 13.96
N GLU C 702 -61.99 -32.73 14.86
CA GLU C 702 -60.58 -32.44 14.51
C GLU C 702 -60.16 -33.11 13.19
N THR C 703 -60.34 -34.43 13.13
CA THR C 703 -59.96 -35.19 11.96
C THR C 703 -60.70 -34.75 10.70
N GLN C 704 -62.01 -34.55 10.79
CA GLN C 704 -62.81 -34.12 9.63
C GLN C 704 -62.43 -32.72 9.17
N PHE C 705 -62.04 -31.88 10.11
CA PHE C 705 -61.58 -30.52 9.81
C PHE C 705 -60.30 -30.55 9.01
N LYS C 706 -59.33 -31.33 9.49
CA LYS C 706 -58.05 -31.49 8.81
C LYS C 706 -58.26 -32.15 7.45
N ALA C 707 -59.13 -33.14 7.39
CA ALA C 707 -59.50 -33.76 6.12
C ALA C 707 -59.97 -32.70 5.14
N PHE C 708 -60.86 -31.83 5.62
CA PHE C 708 -61.40 -30.75 4.82
C PHE C 708 -60.31 -29.77 4.40
N LEU C 709 -59.51 -29.32 5.35
CA LEU C 709 -58.41 -28.40 5.05
C LEU C 709 -57.47 -28.98 3.99
N ILE C 710 -57.11 -30.24 4.13
CA ILE C 710 -56.24 -30.89 3.17
C ILE C 710 -56.96 -31.15 1.82
N ARG C 711 -58.26 -31.44 1.87
CA ARG C 711 -59.05 -31.66 0.65
C ARG C 711 -59.20 -30.34 -0.10
N LEU C 712 -59.29 -29.25 0.66
CA LEU C 712 -59.44 -27.92 0.11
C LEU C 712 -58.20 -27.51 -0.69
N LEU C 713 -57.02 -27.68 -0.09
CA LEU C 713 -55.76 -27.32 -0.73
C LEU C 713 -55.12 -28.46 -1.54
N ARG C 714 -55.79 -29.62 -1.61
CA ARG C 714 -55.21 -30.81 -2.27
C ARG C 714 -54.61 -30.50 -3.65
N ASP C 715 -55.41 -29.88 -4.53
CA ASP C 715 -54.95 -29.55 -5.89
C ASP C 715 -53.68 -28.69 -5.87
N LEU C 716 -53.66 -27.68 -5.01
CA LEU C 716 -52.52 -26.78 -4.94
C LEU C 716 -51.29 -27.54 -4.45
N ILE C 717 -51.50 -28.48 -3.53
CA ILE C 717 -50.42 -29.33 -2.97
C ILE C 717 -49.89 -30.32 -3.99
N ASP C 718 -50.79 -31.13 -4.52
CA ASP C 718 -50.46 -32.05 -5.61
C ASP C 718 -49.64 -31.34 -6.70
N LYS C 719 -50.10 -30.17 -7.11
CA LYS C 719 -49.44 -29.42 -8.19
C LYS C 719 -48.01 -28.92 -7.83
N GLN C 720 -47.65 -28.96 -6.54
CA GLN C 720 -46.30 -28.57 -6.11
C GLN C 720 -45.24 -29.61 -6.47
N THR C 721 -44.14 -29.12 -7.01
CA THR C 721 -42.96 -29.92 -7.35
C THR C 721 -42.08 -29.90 -6.09
N TRP C 722 -40.98 -30.65 -6.06
CA TRP C 722 -40.13 -30.75 -4.87
C TRP C 722 -38.75 -30.18 -5.14
N THR C 723 -38.68 -28.87 -5.27
CA THR C 723 -37.48 -28.18 -5.70
C THR C 723 -37.24 -26.87 -4.95
N ASP C 724 -36.23 -26.12 -5.39
CA ASP C 724 -36.02 -24.75 -4.94
C ASP C 724 -36.31 -23.79 -6.10
N GLU C 725 -36.93 -24.31 -7.16
CA GLU C 725 -37.16 -23.57 -8.40
C GLU C 725 -38.32 -22.61 -8.25
N GLY C 726 -38.02 -21.31 -8.20
CA GLY C 726 -39.08 -20.32 -8.32
C GLY C 726 -38.73 -18.92 -7.90
N SER C 727 -39.76 -18.08 -7.84
CA SER C 727 -39.68 -16.79 -7.18
C SER C 727 -39.78 -17.05 -5.68
N VAL C 728 -39.30 -16.11 -4.88
CA VAL C 728 -39.41 -16.23 -3.43
C VAL C 728 -40.82 -16.69 -2.95
N SER C 729 -41.88 -16.30 -3.67
CA SER C 729 -43.26 -16.69 -3.31
C SER C 729 -43.58 -18.15 -3.62
N GLU C 730 -43.50 -18.53 -4.89
CA GLU C 730 -43.82 -19.91 -5.32
C GLU C 730 -43.08 -20.90 -4.44
N ARG C 731 -42.00 -20.40 -3.85
CA ARG C 731 -41.07 -21.18 -3.09
C ARG C 731 -41.53 -21.39 -1.67
N MET C 732 -41.77 -20.31 -0.93
CA MET C 732 -42.29 -20.39 0.45
C MET C 732 -43.65 -21.07 0.49
N LEU C 733 -44.43 -20.95 -0.59
CA LEU C 733 -45.70 -21.64 -0.70
C LEU C 733 -45.47 -23.15 -0.73
N ARG C 734 -44.60 -23.58 -1.65
CA ARG C 734 -44.18 -24.98 -1.76
C ARG C 734 -43.77 -25.52 -0.39
N SER C 735 -42.80 -24.85 0.23
CA SER C 735 -42.30 -25.24 1.53
C SER C 735 -43.42 -25.47 2.53
N GLN C 736 -44.30 -24.48 2.68
CA GLN C 736 -45.36 -24.58 3.68
C GLN C 736 -46.42 -25.62 3.30
N LEU C 737 -46.83 -25.64 2.03
CA LEU C 737 -47.82 -26.61 1.59
C LEU C 737 -47.34 -28.03 1.81
N LEU C 738 -46.12 -28.33 1.37
CA LEU C 738 -45.58 -29.68 1.50
C LEU C 738 -45.49 -30.07 2.96
N LEU C 739 -44.94 -29.18 3.77
CA LEU C 739 -44.89 -29.42 5.22
C LEU C 739 -46.29 -29.66 5.77
N LEU C 740 -47.25 -28.83 5.38
CA LEU C 740 -48.62 -28.97 5.86
C LEU C 740 -49.18 -30.35 5.54
N ALA C 741 -49.02 -30.77 4.29
CA ALA C 741 -49.55 -32.05 3.81
C ALA C 741 -48.98 -33.22 4.58
N CYS C 742 -47.68 -33.21 4.78
CA CYS C 742 -47.02 -34.29 5.49
C CYS C 742 -47.49 -34.38 6.95
N VAL C 743 -47.34 -33.29 7.70
CA VAL C 743 -47.78 -33.28 9.11
C VAL C 743 -49.14 -33.94 9.28
N HIS C 744 -50.10 -33.59 8.44
CA HIS C 744 -51.44 -34.21 8.51
C HIS C 744 -51.51 -35.61 7.90
N ASN C 745 -50.38 -36.30 7.77
CA ASN C 745 -50.35 -37.66 7.27
C ASN C 745 -51.18 -37.79 5.98
N TYR C 746 -50.78 -37.05 4.95
CA TYR C 746 -51.40 -37.11 3.61
C TYR C 746 -50.57 -38.02 2.70
N GLN C 747 -51.07 -39.21 2.40
CA GLN C 747 -50.24 -40.29 1.84
C GLN C 747 -49.25 -39.83 0.76
N PRO C 748 -49.77 -39.33 -0.38
CA PRO C 748 -48.92 -39.04 -1.54
C PRO C 748 -47.64 -38.26 -1.21
N CYS C 749 -47.76 -37.22 -0.40
CA CYS C 749 -46.60 -36.39 -0.06
C CYS C 749 -45.77 -36.95 1.08
N VAL C 750 -46.33 -37.87 1.86
CA VAL C 750 -45.55 -38.49 2.94
C VAL C 750 -44.55 -39.50 2.37
N GLN C 751 -44.98 -40.24 1.34
CA GLN C 751 -44.14 -41.25 0.69
C GLN C 751 -42.83 -40.66 0.15
N ARG C 752 -42.89 -39.45 -0.41
CA ARG C 752 -41.69 -38.76 -0.87
C ARG C 752 -40.86 -38.26 0.30
N ALA C 753 -41.54 -37.69 1.30
CA ALA C 753 -40.90 -37.27 2.55
C ALA C 753 -39.97 -38.37 3.10
N GLU C 754 -40.55 -39.57 3.29
CA GLU C 754 -39.82 -40.76 3.74
C GLU C 754 -38.69 -41.09 2.78
N GLY C 755 -39.02 -41.07 1.49
CA GLY C 755 -38.05 -41.38 0.43
C GLY C 755 -36.86 -40.45 0.44
N TYR C 756 -37.14 -39.14 0.41
CA TYR C 756 -36.07 -38.14 0.40
C TYR C 756 -35.24 -38.21 1.68
N PHE C 757 -35.87 -38.55 2.79
CA PHE C 757 -35.17 -38.59 4.06
C PHE C 757 -34.19 -39.75 4.10
N ARG C 758 -34.72 -40.94 3.88
CA ARG C 758 -33.93 -42.18 3.84
C ARG C 758 -32.71 -41.97 2.95
N LYS C 759 -32.94 -41.58 1.69
CA LYS C 759 -31.84 -41.26 0.77
C LYS C 759 -30.82 -40.34 1.46
N TRP C 760 -31.22 -39.10 1.75
CA TRP C 760 -30.40 -38.15 2.50
C TRP C 760 -29.66 -38.82 3.69
N LYS C 761 -30.37 -39.61 4.49
CA LYS C 761 -29.78 -40.31 5.67
C LYS C 761 -28.71 -41.34 5.24
N GLU C 762 -29.13 -42.35 4.49
CA GLU C 762 -28.21 -43.37 3.99
C GLU C 762 -27.16 -42.81 3.01
N SER C 763 -27.21 -41.50 2.75
CA SER C 763 -26.11 -40.78 2.09
C SER C 763 -25.22 -40.14 3.15
N ASN C 764 -25.29 -40.68 4.38
CA ASN C 764 -24.55 -40.16 5.53
C ASN C 764 -25.03 -38.78 5.98
N GLY C 765 -26.22 -38.38 5.52
CA GLY C 765 -26.68 -36.99 5.61
C GLY C 765 -25.89 -36.08 4.66
N ASN C 766 -25.33 -36.66 3.59
CA ASN C 766 -24.43 -35.95 2.68
C ASN C 766 -24.97 -35.86 1.25
N LEU C 767 -26.26 -35.56 1.14
CA LEU C 767 -26.95 -35.42 -0.15
C LEU C 767 -27.71 -34.09 -0.20
N SER C 768 -27.77 -33.51 -1.39
CA SER C 768 -28.48 -32.25 -1.57
C SER C 768 -29.98 -32.47 -1.49
N LEU C 769 -30.56 -32.06 -0.37
CA LEU C 769 -32.01 -31.88 -0.27
C LEU C 769 -32.38 -30.48 -0.74
N PRO C 770 -33.40 -30.37 -1.62
CA PRO C 770 -33.94 -29.05 -1.93
C PRO C 770 -34.37 -28.32 -0.65
N VAL C 771 -33.82 -27.13 -0.44
CA VAL C 771 -34.07 -26.36 0.79
C VAL C 771 -35.54 -26.29 1.13
N ASP C 772 -36.37 -26.12 0.10
CA ASP C 772 -37.81 -25.97 0.29
C ASP C 772 -38.46 -27.21 0.84
N VAL C 773 -38.02 -28.39 0.38
CA VAL C 773 -38.57 -29.64 0.88
C VAL C 773 -37.86 -30.10 2.16
N THR C 774 -36.87 -29.37 2.64
CA THR C 774 -36.20 -29.75 3.88
C THR C 774 -37.15 -29.69 5.08
N LEU C 775 -37.83 -28.57 5.26
CA LEU C 775 -38.83 -28.43 6.33
C LEU C 775 -39.75 -29.64 6.47
N ALA C 776 -40.20 -30.18 5.35
CA ALA C 776 -41.09 -31.33 5.34
C ALA C 776 -40.34 -32.63 5.57
N VAL C 777 -39.28 -32.85 4.78
CA VAL C 777 -38.52 -34.09 4.86
C VAL C 777 -38.09 -34.35 6.30
N PHE C 778 -37.32 -33.43 6.88
CA PHE C 778 -36.95 -33.51 8.29
C PHE C 778 -38.20 -33.73 9.13
N ALA C 779 -39.26 -32.98 8.84
CA ALA C 779 -40.56 -33.15 9.50
C ALA C 779 -40.97 -34.63 9.62
N VAL C 780 -41.20 -35.27 8.48
CA VAL C 780 -41.58 -36.70 8.45
C VAL C 780 -40.48 -37.61 9.03
N GLY C 781 -39.22 -37.30 8.70
CA GLY C 781 -38.08 -38.13 9.08
C GLY C 781 -37.94 -38.38 10.58
N ALA C 782 -38.44 -37.43 11.39
CA ALA C 782 -38.31 -37.47 12.83
C ALA C 782 -39.35 -38.38 13.52
N GLN C 783 -40.27 -38.95 12.75
CA GLN C 783 -41.34 -39.79 13.32
C GLN C 783 -40.81 -41.13 13.84
N SER C 784 -39.93 -41.77 13.07
CA SER C 784 -39.25 -42.99 13.49
C SER C 784 -38.13 -42.69 14.51
N THR C 785 -37.80 -43.68 15.36
CA THR C 785 -36.71 -43.51 16.35
C THR C 785 -35.36 -43.22 15.68
N GLU C 786 -35.07 -43.90 14.56
CA GLU C 786 -33.78 -43.80 13.86
C GLU C 786 -33.46 -42.36 13.40
N GLY C 787 -34.31 -41.80 12.55
CA GLY C 787 -34.13 -40.44 11.99
C GLY C 787 -34.13 -39.33 13.03
N TRP C 788 -35.02 -39.45 14.02
CA TRP C 788 -35.03 -38.52 15.14
C TRP C 788 -33.65 -38.44 15.75
N ASP C 789 -33.05 -39.62 15.94
CA ASP C 789 -31.69 -39.71 16.48
C ASP C 789 -30.70 -39.15 15.45
N PHE C 790 -30.90 -39.48 14.18
CA PHE C 790 -30.07 -38.94 13.12
C PHE C 790 -29.99 -37.41 13.23
N LEU C 791 -31.14 -36.75 13.15
CA LEU C 791 -31.19 -35.27 13.12
C LEU C 791 -30.59 -34.69 14.39
N TYR C 792 -30.88 -35.34 15.51
CA TYR C 792 -30.39 -34.88 16.81
C TYR C 792 -28.86 -34.82 16.82
N SER C 793 -28.22 -35.72 16.09
CA SER C 793 -26.77 -35.72 15.91
C SER C 793 -26.30 -34.52 15.07
N LYS C 794 -27.00 -34.27 13.97
CA LYS C 794 -26.73 -33.11 13.12
C LYS C 794 -27.05 -31.82 13.84
N TYR C 795 -28.03 -31.87 14.75
CA TYR C 795 -28.55 -30.69 15.46
C TYR C 795 -27.57 -30.07 16.45
N GLN C 796 -26.84 -30.91 17.19
CA GLN C 796 -25.97 -30.46 18.30
C GLN C 796 -24.78 -29.58 17.89
N PHE C 797 -24.31 -29.75 16.65
CA PHE C 797 -23.10 -29.05 16.20
C PHE C 797 -23.24 -28.34 14.85
N SER C 798 -24.48 -28.10 14.42
CA SER C 798 -24.73 -27.49 13.11
C SER C 798 -24.26 -26.04 13.05
N LEU C 799 -23.68 -25.67 11.90
CA LEU C 799 -23.21 -24.30 11.65
C LEU C 799 -23.86 -23.74 10.38
N SER C 800 -25.20 -23.61 10.41
CA SER C 800 -25.98 -23.09 9.28
C SER C 800 -27.15 -22.17 9.70
N SER C 801 -27.81 -22.48 10.82
CA SER C 801 -28.95 -21.70 11.32
C SER C 801 -30.23 -21.97 10.51
N THR C 802 -30.12 -22.01 9.19
CA THR C 802 -31.22 -22.48 8.34
C THR C 802 -31.48 -23.96 8.59
N GLU C 803 -30.41 -24.75 8.61
CA GLU C 803 -30.51 -26.20 8.85
C GLU C 803 -30.89 -26.54 10.30
N LYS C 804 -30.37 -25.79 11.26
CA LYS C 804 -30.61 -26.09 12.68
C LYS C 804 -32.06 -25.80 13.09
N SER C 805 -32.65 -24.77 12.51
CA SER C 805 -34.06 -24.41 12.75
C SER C 805 -35.03 -25.42 12.15
N GLN C 806 -34.73 -25.87 10.92
CA GLN C 806 -35.53 -26.87 10.24
C GLN C 806 -35.49 -28.21 10.99
N ILE C 807 -34.32 -28.58 11.49
CA ILE C 807 -34.18 -29.78 12.33
C ILE C 807 -34.93 -29.57 13.65
N GLU C 808 -34.83 -28.37 14.21
CA GLU C 808 -35.48 -28.00 15.46
C GLU C 808 -36.95 -28.42 15.40
N PHE C 809 -37.65 -27.88 14.40
CA PHE C 809 -39.08 -28.14 14.23
C PHE C 809 -39.38 -29.62 14.10
N ALA C 810 -38.48 -30.36 13.45
CA ALA C 810 -38.70 -31.77 13.17
C ALA C 810 -38.78 -32.61 14.44
N LEU C 811 -37.86 -32.37 15.37
CA LEU C 811 -37.76 -33.18 16.59
C LEU C 811 -38.92 -32.91 17.57
N CYS C 812 -39.47 -31.71 17.50
CA CYS C 812 -40.63 -31.33 18.30
C CYS C 812 -41.95 -31.86 17.73
N ARG C 813 -42.00 -32.07 16.42
CA ARG C 813 -43.20 -32.58 15.76
C ARG C 813 -43.14 -34.10 15.62
N THR C 814 -42.93 -34.79 16.74
CA THR C 814 -42.99 -36.26 16.77
C THR C 814 -44.12 -36.73 17.67
N GLN C 815 -44.61 -37.94 17.39
CA GLN C 815 -45.72 -38.53 18.12
C GLN C 815 -45.24 -39.58 19.13
N ASN C 816 -43.93 -39.63 19.36
CA ASN C 816 -43.35 -40.41 20.44
C ASN C 816 -43.37 -39.57 21.71
N LYS C 817 -44.35 -39.84 22.59
CA LYS C 817 -44.50 -39.07 23.83
C LYS C 817 -43.27 -39.16 24.74
N GLU C 818 -42.46 -40.21 24.59
CA GLU C 818 -41.26 -40.43 25.40
C GLU C 818 -40.00 -39.78 24.79
N LYS C 819 -39.83 -39.87 23.47
CA LYS C 819 -38.76 -39.13 22.79
C LYS C 819 -38.97 -37.61 22.96
N LEU C 820 -40.24 -37.20 23.03
CA LEU C 820 -40.56 -35.80 23.30
C LEU C 820 -40.08 -35.42 24.70
N GLN C 821 -40.40 -36.27 25.67
CA GLN C 821 -39.89 -36.11 27.05
C GLN C 821 -38.36 -36.19 27.09
N TRP C 822 -37.75 -36.80 26.08
CA TRP C 822 -36.28 -36.83 25.96
C TRP C 822 -35.72 -35.46 25.55
N LEU C 823 -36.27 -34.85 24.51
CA LEU C 823 -35.86 -33.50 24.13
C LEU C 823 -36.13 -32.51 25.27
N LEU C 824 -37.31 -32.64 25.89
CA LEU C 824 -37.75 -31.69 26.91
C LEU C 824 -36.88 -31.77 28.17
N GLN C 840 -38.54 -22.49 23.74
CA GLN C 840 -38.42 -22.56 22.29
C GLN C 840 -38.67 -23.99 21.76
N ILE C 841 -37.96 -24.96 22.32
CA ILE C 841 -38.22 -26.38 22.09
C ILE C 841 -39.50 -26.80 22.82
N LEU C 842 -39.75 -26.17 23.97
CA LEU C 842 -40.98 -26.34 24.74
C LEU C 842 -42.17 -25.90 23.89
N THR C 843 -42.11 -24.65 23.44
CA THR C 843 -43.20 -24.01 22.71
C THR C 843 -43.73 -24.90 21.59
N LEU C 844 -42.82 -25.37 20.73
CA LEU C 844 -43.16 -26.26 19.62
C LEU C 844 -43.78 -27.56 20.12
N ILE C 845 -43.15 -28.15 21.15
CA ILE C 845 -43.67 -29.39 21.75
C ILE C 845 -45.03 -29.17 22.39
N GLY C 846 -45.25 -27.96 22.92
CA GLY C 846 -46.58 -27.52 23.35
C GLY C 846 -47.53 -27.53 22.16
N ARG C 847 -47.11 -26.97 21.05
CA ARG C 847 -47.89 -26.99 19.82
C ARG C 847 -48.13 -28.41 19.26
N ASN C 848 -47.29 -29.37 19.65
CA ASN C 848 -47.50 -30.77 19.27
C ASN C 848 -48.81 -31.35 19.87
N PRO C 849 -49.58 -32.11 19.06
CA PRO C 849 -50.84 -32.73 19.49
C PRO C 849 -50.75 -33.70 20.67
N VAL C 850 -49.84 -34.67 20.61
CA VAL C 850 -49.70 -35.66 21.68
C VAL C 850 -48.80 -35.15 22.81
N GLY C 851 -47.98 -34.15 22.50
CA GLY C 851 -46.97 -33.63 23.42
C GLY C 851 -47.30 -32.31 24.08
N TYR C 852 -48.55 -31.86 23.99
CA TYR C 852 -48.97 -30.63 24.67
C TYR C 852 -49.05 -30.80 26.20
N PRO C 853 -49.53 -31.98 26.70
CA PRO C 853 -49.57 -32.13 28.16
C PRO C 853 -48.19 -32.34 28.79
N LEU C 854 -47.25 -32.90 28.03
CA LEU C 854 -45.86 -33.00 28.48
C LEU C 854 -45.16 -31.64 28.47
N ALA C 855 -45.66 -30.69 27.68
CA ALA C 855 -45.09 -29.35 27.61
C ALA C 855 -45.59 -28.50 28.77
N TRP C 856 -46.87 -28.66 29.13
CA TRP C 856 -47.44 -27.94 30.27
C TRP C 856 -46.88 -28.50 31.57
N GLN C 857 -46.97 -29.83 31.73
CA GLN C 857 -46.44 -30.52 32.91
C GLN C 857 -44.96 -30.22 33.18
N PHE C 858 -44.20 -29.91 32.12
CA PHE C 858 -42.79 -29.55 32.24
C PHE C 858 -42.63 -28.14 32.79
N LEU C 859 -43.25 -27.15 32.13
CA LEU C 859 -43.14 -25.75 32.56
C LEU C 859 -43.60 -25.55 34.01
N ARG C 860 -44.46 -26.45 34.50
CA ARG C 860 -44.90 -26.45 35.90
C ARG C 860 -43.89 -27.18 36.82
N LYS C 861 -43.74 -28.50 36.61
CA LYS C 861 -42.81 -29.31 37.41
C LYS C 861 -41.36 -29.11 36.95
N SER C 876 -39.14 -12.01 28.83
CA SER C 876 -38.97 -11.77 27.41
C SER C 876 -38.83 -13.09 26.66
N ILE C 877 -38.19 -14.06 27.32
CA ILE C 877 -38.15 -15.44 26.82
C ILE C 877 -39.16 -16.34 27.56
N ALA C 878 -40.07 -15.74 28.33
CA ALA C 878 -41.21 -16.46 28.91
C ALA C 878 -42.42 -16.40 27.96
N HIS C 879 -42.15 -16.64 26.67
CA HIS C 879 -43.19 -16.79 25.65
C HIS C 879 -43.76 -18.21 25.70
N MET C 880 -43.17 -19.07 26.53
CA MET C 880 -43.73 -20.38 26.81
C MET C 880 -45.10 -20.24 27.46
N VAL C 881 -45.23 -19.24 28.33
CA VAL C 881 -46.52 -18.90 28.97
C VAL C 881 -47.63 -18.97 27.95
N MET C 882 -47.42 -18.28 26.83
CA MET C 882 -48.31 -18.35 25.69
C MET C 882 -48.29 -19.77 25.14
N GLY C 883 -47.11 -20.21 24.69
CA GLY C 883 -46.96 -21.45 23.90
C GLY C 883 -47.43 -22.76 24.51
N THR C 884 -47.64 -22.78 25.83
CA THR C 884 -48.04 -24.01 26.55
C THR C 884 -49.47 -23.98 27.13
N THR C 885 -50.18 -22.86 26.97
CA THR C 885 -51.57 -22.74 27.44
C THR C 885 -52.55 -22.03 26.49
N ASN C 886 -52.07 -21.05 25.72
CA ASN C 886 -52.97 -20.19 24.95
C ASN C 886 -53.55 -20.83 23.67
N GLN C 887 -53.71 -22.14 23.67
CA GLN C 887 -54.56 -22.81 22.69
C GLN C 887 -55.57 -23.71 23.42
N PHE C 888 -55.75 -23.44 24.71
CA PHE C 888 -56.73 -24.15 25.54
C PHE C 888 -58.10 -23.51 25.43
N SER C 889 -59.13 -24.31 25.69
CA SER C 889 -60.50 -23.90 25.41
C SER C 889 -61.54 -24.60 26.29
N THR C 890 -61.30 -24.63 27.60
CA THR C 890 -62.30 -25.13 28.56
C THR C 890 -62.26 -24.30 29.84
N ARG C 891 -63.35 -24.35 30.61
CA ARG C 891 -63.37 -23.81 31.98
C ARG C 891 -62.40 -24.62 32.86
N THR C 892 -62.24 -25.90 32.53
CA THR C 892 -61.31 -26.80 33.21
C THR C 892 -59.84 -26.39 33.07
N ARG C 893 -59.48 -25.84 31.91
CA ARG C 893 -58.09 -25.45 31.64
C ARG C 893 -57.73 -24.07 32.20
N LEU C 894 -58.72 -23.21 32.41
CA LEU C 894 -58.49 -21.95 33.12
C LEU C 894 -58.12 -22.21 34.58
N GLU C 895 -58.79 -23.21 35.17
CA GLU C 895 -58.61 -23.56 36.58
C GLU C 895 -57.23 -24.13 36.91
N GLU C 896 -56.42 -24.37 35.88
CA GLU C 896 -55.02 -24.79 36.03
C GLU C 896 -54.06 -23.63 35.69
N VAL C 897 -54.29 -23.00 34.53
CA VAL C 897 -53.47 -21.88 34.08
C VAL C 897 -53.53 -20.72 35.09
N LYS C 898 -54.74 -20.34 35.48
CA LYS C 898 -54.94 -19.31 36.50
C LYS C 898 -54.74 -19.91 37.90
N GLY C 899 -53.58 -20.53 38.12
CA GLY C 899 -53.26 -21.22 39.38
C GLY C 899 -52.04 -22.11 39.26
N GLN C 915 -51.87 -12.11 32.27
CA GLN C 915 -53.30 -11.91 32.06
C GLN C 915 -53.67 -12.05 30.58
N GLN C 916 -52.75 -11.67 29.71
CA GLN C 916 -52.95 -11.80 28.26
C GLN C 916 -53.31 -13.23 27.90
N THR C 917 -52.60 -14.17 28.50
CA THR C 917 -52.82 -15.60 28.28
C THR C 917 -54.20 -16.09 28.73
N ILE C 918 -54.69 -15.54 29.85
CA ILE C 918 -55.99 -15.95 30.43
C ILE C 918 -57.13 -15.40 29.57
N GLU C 919 -57.09 -14.09 29.31
CA GLU C 919 -58.11 -13.44 28.47
C GLU C 919 -58.04 -13.87 27.01
N THR C 920 -57.04 -14.70 26.67
CA THR C 920 -57.01 -15.39 25.37
C THR C 920 -57.77 -16.72 25.43
N ILE C 921 -57.60 -17.48 26.51
CA ILE C 921 -58.32 -18.76 26.67
C ILE C 921 -59.84 -18.54 26.82
N GLU C 922 -60.22 -17.49 27.57
CA GLU C 922 -61.63 -17.11 27.68
C GLU C 922 -62.16 -16.66 26.32
N GLU C 923 -61.35 -15.89 25.59
CA GLU C 923 -61.61 -15.61 24.17
C GLU C 923 -61.81 -16.91 23.39
N ASN C 924 -60.91 -17.87 23.58
CA ASN C 924 -61.01 -19.18 22.93
C ASN C 924 -62.17 -20.07 23.43
N ILE C 925 -62.46 -20.03 24.73
CA ILE C 925 -63.52 -20.90 25.30
C ILE C 925 -64.87 -20.59 24.65
N GLY C 926 -65.33 -19.36 24.83
CA GLY C 926 -66.58 -18.88 24.24
C GLY C 926 -66.60 -18.98 22.73
N TRP C 927 -65.42 -18.77 22.13
CA TRP C 927 -65.21 -19.06 20.71
C TRP C 927 -65.57 -20.52 20.50
N MET C 928 -64.92 -21.40 21.27
CA MET C 928 -65.10 -22.84 21.10
C MET C 928 -66.52 -23.30 21.42
N ASP C 929 -67.15 -22.67 22.40
CA ASP C 929 -68.53 -22.99 22.76
C ASP C 929 -69.44 -22.58 21.61
N LYS C 930 -69.38 -21.30 21.26
CA LYS C 930 -70.22 -20.77 20.18
C LYS C 930 -70.07 -21.57 18.88
N ASN C 931 -68.82 -21.91 18.56
CA ASN C 931 -68.48 -22.37 17.22
C ASN C 931 -68.26 -23.87 17.05
N PHE C 932 -67.55 -24.51 17.98
CA PHE C 932 -67.21 -25.92 17.76
C PHE C 932 -68.39 -26.71 17.20
N ASP C 933 -69.48 -26.68 17.96
CA ASP C 933 -70.66 -27.47 17.64
C ASP C 933 -71.21 -27.13 16.24
N LYS C 934 -71.14 -25.84 15.87
CA LYS C 934 -71.57 -25.38 14.55
C LYS C 934 -70.59 -25.83 13.46
N ILE C 935 -69.30 -25.81 13.80
CA ILE C 935 -68.24 -26.27 12.91
C ILE C 935 -68.46 -27.74 12.56
N ARG C 936 -68.82 -28.53 13.57
CA ARG C 936 -69.12 -29.94 13.38
C ARG C 936 -70.19 -30.14 12.32
N VAL C 937 -71.33 -29.47 12.50
CA VAL C 937 -72.47 -29.60 11.57
C VAL C 937 -72.11 -29.14 10.14
N TRP C 938 -71.27 -28.12 10.04
CA TRP C 938 -70.85 -27.59 8.74
C TRP C 938 -69.92 -28.58 8.02
N LEU C 939 -68.87 -29.00 8.73
CA LEU C 939 -68.03 -30.10 8.28
C LEU C 939 -68.92 -31.23 7.79
N GLN C 940 -69.87 -31.61 8.63
CA GLN C 940 -70.81 -32.68 8.31
C GLN C 940 -71.58 -32.47 7.00
N SER C 941 -71.82 -31.22 6.61
CA SER C 941 -72.59 -30.94 5.38
C SER C 941 -71.73 -31.07 4.14
N GLU C 942 -70.62 -30.32 4.10
CA GLU C 942 -69.72 -30.28 2.93
C GLU C 942 -69.13 -31.64 2.53
N LYS C 943 -69.07 -32.58 3.48
CA LYS C 943 -68.62 -33.94 3.20
C LYS C 943 -69.74 -34.74 2.53
#